data_6S21
#
_entry.id   6S21
#
_cell.length_a   51.905
_cell.length_b   93.911
_cell.length_c   304.086
_cell.angle_alpha   90.00
_cell.angle_beta   90.00
_cell.angle_gamma   90.00
#
_symmetry.space_group_name_H-M   'P 2 21 21'
#
loop_
_entity.id
_entity.type
_entity.pdbx_description
1 polymer Endo-4-O-sulfatase
2 branched '4-deoxy-alpha-L-threo-hex-4-enopyranuronic acid-(1-3)-2-acetamido-2-deoxy-4-O-sulfo-beta-D-galactopyranose-(1-4)-beta-D-glucopyranuronic acid'
3 non-polymer 'CALCIUM ION'
4 water water
#
_entity_poly.entity_id   1
_entity_poly.type   'polypeptide(L)'
_entity_poly.pdbx_seq_one_letter_code
;MGSSHHHHHHSSGLVPRGSHMQVAEQAEHPNIIYVFPDQYRNQAMGFWNQEGFRDKVNFRGDPVHTPNIDTFARESMVLT
SAQSNCPLSSPHRGMLLTGMYPNRSGVPLNCNSTRPISSLRDDAECIGDVFSKAGYDCAYFGKLHADFPTPNDPENPGQY
VETQRPVWDAYTPKEQRHGFNYWYSYGTFDEHKNPHYWDTDGKRHDPKEWSPLHESGKVVSYLKNEGNVRDTKKPFFIMV
GMNPPHSPYRSLNDCEEQDFNLYKDQPLDSLLIRPNVDLNMKKAESVRYYFASVTGVDRAFGQILEALKQLGLDKNTVVI
FASDHGETMCSQRTDDPKNSPYSESMNIPFLVRFPGKIQPRVDDLLLSAPDIMPTVLGLCGLGDSIPSEVQGRNFAPLFF
DEKAEIVRPAGALYIQNLDGEKDKDGLVQSYFPSSRGIKTARYTLALYIDRKTKQLKKSLLFDDVNDPYQLNNLPLDENK
EVVEQLYREMGTMLKEIDDPWYTEKILSDRIPY
;
_entity_poly.pdbx_strand_id   A,B,C
#
# COMPACT_ATOMS: atom_id res chain seq x y z
N GLU A 28 60.82 6.76 -12.16
CA GLU A 28 60.02 6.51 -10.93
C GLU A 28 58.63 5.93 -11.31
N HIS A 29 57.78 5.94 -10.29
CA HIS A 29 56.42 5.36 -10.27
C HIS A 29 55.47 6.54 -10.14
N PRO A 30 54.25 6.52 -10.74
CA PRO A 30 53.38 7.69 -10.72
C PRO A 30 52.55 7.85 -9.45
N ASN A 31 51.92 9.02 -9.28
CA ASN A 31 50.91 9.21 -8.20
C ASN A 31 49.63 8.44 -8.59
N ILE A 32 48.76 8.15 -7.61
CA ILE A 32 47.47 7.43 -7.77
C ILE A 32 46.43 8.04 -6.80
N ILE A 33 45.26 8.45 -7.32
CA ILE A 33 44.06 8.77 -6.52
C ILE A 33 42.98 7.74 -6.85
N TYR A 34 42.40 7.09 -5.83
CA TYR A 34 41.23 6.18 -5.92
C TYR A 34 40.07 6.87 -5.19
N VAL A 35 39.12 7.38 -5.95
CA VAL A 35 37.92 8.11 -5.47
C VAL A 35 36.78 7.10 -5.58
N PHE A 36 36.15 6.71 -4.48
CA PHE A 36 35.07 5.69 -4.49
C PHE A 36 33.93 6.10 -3.55
N PRO A 37 32.94 6.80 -4.14
CA PRO A 37 31.72 7.11 -3.42
C PRO A 37 31.04 5.78 -3.16
N ASP A 38 30.32 5.73 -2.05
CA ASP A 38 29.57 4.55 -1.59
C ASP A 38 28.23 4.50 -2.34
N GLN A 39 27.82 3.31 -2.78
CA GLN A 39 26.40 3.03 -3.12
C GLN A 39 26.10 3.75 -4.43
N TYR A 40 27.04 3.70 -5.38
CA TYR A 40 27.02 4.43 -6.68
C TYR A 40 27.00 3.38 -7.80
N ARG A 41 25.80 3.12 -8.36
CA ARG A 41 25.48 2.33 -9.60
C ARG A 41 26.46 2.71 -10.71
N ASN A 42 27.03 1.77 -11.44
CA ASN A 42 27.68 2.07 -12.74
C ASN A 42 26.68 2.80 -13.63
N GLN A 43 25.38 2.46 -13.57
CA GLN A 43 24.37 3.00 -14.52
C GLN A 43 24.12 4.50 -14.24
N ALA A 44 24.55 5.06 -13.09
CA ALA A 44 24.25 6.45 -12.65
C ALA A 44 25.33 7.40 -13.19
N MET A 45 25.58 7.36 -14.49
CA MET A 45 26.62 8.23 -15.12
C MET A 45 26.11 8.68 -16.48
N GLY A 46 26.06 10.00 -16.65
CA GLY A 46 25.55 10.65 -17.86
C GLY A 46 26.08 10.01 -19.10
N PHE A 47 27.36 9.73 -19.14
CA PHE A 47 28.06 9.40 -20.40
C PHE A 47 27.51 8.09 -20.98
N TRP A 48 26.77 7.25 -20.23
CA TRP A 48 26.19 5.99 -20.81
C TRP A 48 25.04 6.29 -21.82
N ASN A 49 24.51 7.50 -21.88
CA ASN A 49 23.51 7.92 -22.90
C ASN A 49 24.19 8.76 -23.98
N GLN A 50 25.51 8.94 -23.93
CA GLN A 50 26.21 9.85 -24.87
C GLN A 50 26.76 9.05 -26.04
N GLU A 51 27.13 9.72 -27.13
CA GLU A 51 27.50 9.06 -28.41
C GLU A 51 28.74 8.21 -28.16
N GLY A 52 28.79 7.00 -28.71
CA GLY A 52 29.99 6.14 -28.61
C GLY A 52 29.78 5.17 -27.49
N PHE A 53 29.76 5.72 -26.26
CA PHE A 53 29.41 5.04 -25.00
C PHE A 53 28.09 4.27 -25.07
N ARG A 54 27.01 4.90 -25.53
CA ARG A 54 25.63 4.36 -25.39
C ARG A 54 25.44 3.10 -26.24
N ASP A 55 26.37 2.82 -27.14
CA ASP A 55 26.33 1.66 -28.07
C ASP A 55 27.15 0.51 -27.47
N LYS A 56 27.67 0.67 -26.25
CA LYS A 56 28.63 -0.30 -25.68
C LYS A 56 28.04 -0.98 -24.45
N VAL A 57 26.78 -0.74 -24.12
CA VAL A 57 26.02 -1.24 -22.94
C VAL A 57 24.58 -1.57 -23.38
N ASN A 58 23.95 -2.54 -22.74
CA ASN A 58 22.56 -2.98 -23.00
C ASN A 58 21.51 -2.10 -22.33
N PHE A 59 21.87 -1.20 -21.41
CA PHE A 59 20.91 -0.46 -20.53
C PHE A 59 20.81 1.01 -20.96
N ARG A 60 19.71 1.66 -20.57
CA ARG A 60 19.56 3.13 -20.59
C ARG A 60 20.17 3.62 -19.30
N GLY A 61 21.19 4.47 -19.42
CA GLY A 61 21.79 5.12 -18.25
C GLY A 61 20.74 5.95 -17.54
N ASP A 62 20.84 6.07 -16.23
CA ASP A 62 20.04 7.06 -15.47
C ASP A 62 20.19 8.49 -16.02
N PRO A 63 19.10 9.29 -16.00
CA PRO A 63 19.14 10.69 -16.45
C PRO A 63 19.81 11.59 -15.40
N VAL A 64 21.10 11.40 -15.21
CA VAL A 64 21.88 12.14 -14.19
C VAL A 64 22.86 13.10 -14.90
N HIS A 65 23.09 14.27 -14.30
CA HIS A 65 23.93 15.37 -14.87
C HIS A 65 25.24 15.21 -14.07
N THR A 66 26.23 14.53 -14.67
CA THR A 66 27.60 14.27 -14.15
C THR A 66 28.67 14.74 -15.15
N PRO A 67 28.79 16.06 -15.41
CA PRO A 67 29.72 16.58 -16.41
C PRO A 67 31.20 16.28 -16.19
N ASN A 68 31.65 16.34 -14.95
CA ASN A 68 33.09 16.12 -14.65
C ASN A 68 33.49 14.68 -14.99
N ILE A 69 32.68 13.72 -14.54
CA ILE A 69 32.89 12.26 -14.79
C ILE A 69 32.80 11.99 -16.30
N ASP A 70 31.81 12.61 -16.98
CA ASP A 70 31.56 12.46 -18.44
C ASP A 70 32.83 12.82 -19.21
N THR A 71 33.42 13.96 -18.91
CA THR A 71 34.68 14.41 -19.54
C THR A 71 35.78 13.44 -19.16
N PHE A 72 35.86 13.06 -17.89
CA PHE A 72 36.93 12.16 -17.39
C PHE A 72 36.87 10.86 -18.21
N ALA A 73 35.65 10.33 -18.47
CA ALA A 73 35.43 9.02 -19.11
C ALA A 73 36.06 9.00 -20.52
N ARG A 74 36.09 10.17 -21.18
CA ARG A 74 36.67 10.37 -22.55
C ARG A 74 38.20 10.44 -22.46
N GLU A 75 38.77 10.49 -21.24
CA GLU A 75 40.23 10.50 -21.03
C GLU A 75 40.71 9.17 -20.50
N SER A 76 39.80 8.22 -20.27
CA SER A 76 40.14 6.98 -19.50
C SER A 76 39.62 5.69 -20.13
N MET A 77 40.22 4.58 -19.70
CA MET A 77 39.67 3.24 -19.95
C MET A 77 38.47 3.07 -19.01
N VAL A 78 37.30 2.80 -19.58
CA VAL A 78 36.00 2.78 -18.88
C VAL A 78 35.40 1.38 -18.93
N LEU A 79 35.10 0.77 -17.79
CA LEU A 79 34.55 -0.60 -17.79
C LEU A 79 33.04 -0.47 -17.77
N THR A 80 32.42 -1.36 -18.50
CA THR A 80 30.96 -1.57 -18.61
C THR A 80 30.53 -2.55 -17.51
N SER A 81 31.48 -3.28 -16.94
CA SER A 81 31.18 -4.59 -16.32
C SER A 81 32.07 -4.89 -15.13
N ALA A 82 32.61 -3.87 -14.47
CA ALA A 82 33.25 -4.08 -13.15
C ALA A 82 32.20 -4.69 -12.18
N GLN A 83 32.56 -5.68 -11.36
CA GLN A 83 31.61 -6.32 -10.40
C GLN A 83 32.09 -6.20 -8.93
N SER A 84 31.17 -5.79 -8.07
CA SER A 84 31.26 -5.98 -6.61
C SER A 84 30.73 -7.38 -6.27
N ASN A 85 31.63 -8.33 -6.14
CA ASN A 85 31.32 -9.76 -5.90
C ASN A 85 30.43 -9.88 -4.67
N CYS A 86 30.66 -9.09 -3.65
CA CYS A 86 29.83 -9.01 -2.41
C CYS A 86 29.43 -7.55 -2.25
N PRO A 87 28.31 -7.14 -2.87
CA PRO A 87 27.91 -5.75 -2.96
C PRO A 87 27.38 -5.24 -1.59
N LEU A 88 28.34 -4.91 -0.75
CA LEU A 88 28.07 -4.56 0.65
C LEU A 88 29.36 -3.91 1.16
N SER A 89 29.25 -2.85 1.94
CA SER A 89 30.37 -1.92 2.25
C SER A 89 31.58 -2.72 2.73
N SER A 90 31.55 -3.23 3.94
CA SER A 90 32.81 -3.74 4.57
C SER A 90 33.37 -4.89 3.73
N PRO A 91 32.56 -5.90 3.32
CA PRO A 91 33.05 -7.00 2.50
C PRO A 91 33.92 -6.56 1.30
N HIS A 92 33.41 -5.53 0.62
CA HIS A 92 34.06 -4.93 -0.57
C HIS A 92 35.37 -4.28 -0.18
N ARG A 93 35.30 -3.34 0.76
CA ARG A 93 36.47 -2.62 1.34
C ARG A 93 37.56 -3.64 1.76
N GLY A 94 37.13 -4.79 2.26
CA GLY A 94 38.05 -5.86 2.69
C GLY A 94 38.76 -6.39 1.46
N MET A 95 38.03 -6.67 0.39
CA MET A 95 38.65 -7.16 -0.87
C MET A 95 39.48 -6.03 -1.52
N LEU A 96 38.98 -4.81 -1.44
CA LEU A 96 39.64 -3.63 -2.05
C LEU A 96 41.04 -3.48 -1.48
N LEU A 97 41.17 -3.57 -0.15
CA LEU A 97 42.42 -3.21 0.56
C LEU A 97 43.38 -4.39 0.59
N THR A 98 42.89 -5.63 0.50
CA THR A 98 43.72 -6.85 0.74
C THR A 98 43.99 -7.60 -0.57
N GLY A 99 43.17 -7.38 -1.57
CA GLY A 99 43.20 -8.17 -2.81
C GLY A 99 42.80 -9.61 -2.56
N MET A 100 42.05 -9.91 -1.49
CA MET A 100 41.54 -11.30 -1.16
C MET A 100 40.01 -11.30 -1.04
N TYR A 101 39.35 -12.40 -1.37
CA TYR A 101 37.88 -12.59 -1.27
C TYR A 101 37.48 -12.59 0.22
N PRO A 102 36.19 -12.43 0.57
CA PRO A 102 35.81 -12.20 1.96
C PRO A 102 36.11 -13.31 2.98
N ASN A 103 36.39 -14.51 2.50
CA ASN A 103 36.82 -15.64 3.35
C ASN A 103 38.25 -15.46 3.85
N ARG A 104 38.99 -14.51 3.31
CA ARG A 104 40.43 -14.30 3.68
C ARG A 104 40.74 -12.83 3.99
N SER A 105 39.92 -11.87 3.60
CA SER A 105 40.18 -10.45 3.88
C SER A 105 40.15 -10.21 5.39
N GLY A 106 39.38 -11.01 6.14
CA GLY A 106 39.04 -10.70 7.54
C GLY A 106 37.63 -10.17 7.63
N VAL A 107 36.97 -9.93 6.47
CA VAL A 107 35.79 -9.01 6.40
C VAL A 107 34.65 -9.68 5.62
N PRO A 108 34.01 -10.68 6.24
CA PRO A 108 32.88 -11.38 5.62
C PRO A 108 31.54 -10.68 5.77
N LEU A 109 31.42 -9.82 6.78
CA LEU A 109 30.15 -9.09 6.99
C LEU A 109 30.42 -7.59 7.02
N ASN A 110 29.36 -6.78 6.87
CA ASN A 110 29.38 -5.35 7.28
C ASN A 110 29.91 -5.24 8.72
N CYS A 111 30.85 -4.35 8.97
CA CYS A 111 31.45 -4.10 10.30
C CYS A 111 30.41 -3.41 11.18
N ASN A 112 30.23 -3.92 12.42
CA ASN A 112 29.46 -3.28 13.51
C ASN A 112 29.72 -4.12 14.77
N SER A 113 29.24 -3.63 15.93
CA SER A 113 29.60 -4.10 17.28
C SER A 113 29.03 -5.49 17.50
N THR A 114 28.11 -5.91 16.64
CA THR A 114 27.46 -7.26 16.54
C THR A 114 28.44 -8.33 16.03
N ARG A 115 29.47 -7.92 15.26
CA ARG A 115 30.23 -8.84 14.38
C ARG A 115 31.70 -8.68 14.64
N PRO A 116 32.18 -9.22 15.78
CA PRO A 116 33.60 -9.27 16.09
C PRO A 116 34.32 -10.12 15.05
N ILE A 117 33.63 -11.02 14.36
CA ILE A 117 34.28 -11.96 13.40
C ILE A 117 34.72 -11.20 12.12
N SER A 118 34.31 -9.94 11.95
CA SER A 118 34.52 -9.17 10.71
C SER A 118 35.21 -7.86 11.02
N SER A 119 36.46 -7.75 10.59
CA SER A 119 37.35 -6.60 10.82
C SER A 119 38.59 -6.84 9.96
N LEU A 120 39.22 -5.79 9.43
CA LEU A 120 40.31 -5.97 8.43
C LEU A 120 41.51 -6.61 9.13
N ARG A 121 42.01 -7.71 8.62
CA ARG A 121 43.18 -8.44 9.17
C ARG A 121 44.39 -7.52 9.42
N ASP A 122 44.85 -7.43 10.66
CA ASP A 122 46.09 -6.73 11.06
C ASP A 122 47.28 -7.29 10.28
N ASP A 123 47.31 -8.59 10.10
CA ASP A 123 48.48 -9.25 9.47
C ASP A 123 48.39 -9.28 7.93
N ALA A 124 47.38 -8.69 7.29
CA ALA A 124 47.31 -8.63 5.81
C ALA A 124 48.26 -7.56 5.30
N GLU A 125 48.90 -7.84 4.17
CA GLU A 125 49.77 -6.84 3.47
C GLU A 125 48.87 -6.11 2.48
N CYS A 126 48.32 -4.98 2.92
CA CYS A 126 47.27 -4.21 2.21
C CYS A 126 47.88 -3.25 1.17
N ILE A 127 47.00 -2.67 0.34
CA ILE A 127 47.38 -1.78 -0.78
C ILE A 127 48.23 -0.68 -0.17
N GLY A 128 47.82 -0.11 0.98
CA GLY A 128 48.57 0.97 1.65
C GLY A 128 49.97 0.52 2.11
N ASP A 129 50.11 -0.70 2.60
CA ASP A 129 51.39 -1.28 3.06
C ASP A 129 52.38 -1.36 1.89
N VAL A 130 51.98 -1.86 0.71
CA VAL A 130 52.91 -2.04 -0.47
C VAL A 130 53.41 -0.68 -0.99
N PHE A 131 52.47 0.23 -1.22
CA PHE A 131 52.76 1.61 -1.65
C PHE A 131 53.76 2.22 -0.66
N SER A 132 53.32 2.40 0.58
CA SER A 132 54.19 2.85 1.68
C SER A 132 55.57 2.20 1.60
N LYS A 133 55.64 0.86 1.68
CA LYS A 133 56.93 0.09 1.62
C LYS A 133 57.72 0.56 0.35
N ALA A 134 57.09 0.98 -0.74
CA ALA A 134 57.77 1.36 -2.01
C ALA A 134 58.15 2.87 -2.10
N GLY A 135 57.90 3.68 -1.06
CA GLY A 135 58.36 5.09 -0.94
C GLY A 135 57.27 6.10 -1.12
N TYR A 136 56.01 5.66 -1.19
CA TYR A 136 54.82 6.53 -1.35
C TYR A 136 54.46 7.13 0.00
N ASP A 137 54.07 8.41 0.01
CA ASP A 137 53.10 8.96 0.98
C ASP A 137 51.72 8.41 0.62
N CYS A 138 51.00 7.92 1.60
CA CYS A 138 49.65 7.35 1.45
C CYS A 138 48.73 8.14 2.40
N ALA A 139 47.55 8.49 1.91
CA ALA A 139 46.57 9.34 2.62
C ALA A 139 45.12 8.81 2.39
N TYR A 140 44.36 8.64 3.47
CA TYR A 140 42.99 8.08 3.42
C TYR A 140 42.02 9.13 3.93
N PHE A 141 41.06 9.49 3.10
CA PHE A 141 40.01 10.49 3.44
C PHE A 141 38.64 9.82 3.43
N GLY A 142 37.81 10.10 4.42
CA GLY A 142 36.39 9.69 4.44
C GLY A 142 36.17 8.31 5.02
N LYS A 143 35.18 7.59 4.47
CA LYS A 143 34.58 6.35 5.02
C LYS A 143 35.56 5.20 4.82
N LEU A 144 35.87 4.46 5.90
CA LEU A 144 36.77 3.28 5.87
C LEU A 144 35.93 2.02 6.00
N HIS A 145 35.00 2.06 6.95
CA HIS A 145 34.07 0.97 7.33
C HIS A 145 34.71 -0.41 7.20
N ALA A 146 35.83 -0.67 7.89
CA ALA A 146 36.59 -1.92 7.69
C ALA A 146 37.08 -2.48 9.02
N ASP A 147 36.83 -1.77 10.11
CA ASP A 147 37.29 -2.17 11.46
C ASP A 147 36.05 -2.40 12.33
N PHE A 148 36.10 -3.46 13.15
CA PHE A 148 35.11 -3.79 14.20
C PHE A 148 35.19 -2.75 15.30
N PRO A 149 34.10 -2.00 15.55
CA PRO A 149 34.06 -1.03 16.64
C PRO A 149 34.48 -1.59 18.00
N THR A 150 35.29 -0.80 18.74
CA THR A 150 35.78 -1.08 20.11
C THR A 150 35.61 0.20 20.94
N PRO A 151 35.57 0.10 22.30
CA PRO A 151 35.63 1.28 23.16
C PRO A 151 36.99 2.00 23.08
N ASN A 152 37.22 2.66 21.96
CA ASN A 152 38.54 2.90 21.30
C ASN A 152 38.93 4.37 21.39
N ASP A 153 37.97 5.21 21.82
CA ASP A 153 37.81 6.62 21.37
C ASP A 153 39.02 7.40 21.88
N PRO A 154 39.83 8.01 20.98
CA PRO A 154 41.00 8.76 21.40
C PRO A 154 40.74 9.81 22.48
N GLU A 155 39.59 10.51 22.47
CA GLU A 155 39.37 11.73 23.30
C GLU A 155 38.31 11.50 24.40
N ASN A 156 37.64 10.34 24.49
CA ASN A 156 36.80 9.90 25.64
C ASN A 156 37.23 8.44 25.82
N PRO A 157 38.38 8.18 26.46
CA PRO A 157 39.07 6.89 26.33
C PRO A 157 38.24 5.84 27.09
N GLY A 158 38.33 4.59 26.65
CA GLY A 158 37.58 3.45 27.19
C GLY A 158 36.10 3.47 26.80
N GLN A 159 35.74 4.34 25.85
CA GLN A 159 34.35 4.61 25.38
C GLN A 159 34.21 4.36 23.87
N TYR A 160 33.04 3.85 23.43
CA TYR A 160 32.65 3.76 22.00
C TYR A 160 32.53 5.17 21.46
N VAL A 161 32.68 5.36 20.14
CA VAL A 161 32.77 6.71 19.53
C VAL A 161 31.37 7.32 19.33
N GLU A 162 30.33 6.57 19.61
CA GLU A 162 28.92 6.98 19.40
C GLU A 162 28.10 6.14 20.39
N THR A 163 26.80 6.41 20.46
CA THR A 163 25.93 5.78 21.48
C THR A 163 24.96 4.82 20.81
N GLN A 164 24.53 5.09 19.56
CA GLN A 164 23.86 4.15 18.62
C GLN A 164 24.17 2.69 19.05
N ARG A 165 23.17 1.84 19.24
CA ARG A 165 23.40 0.36 19.34
C ARG A 165 22.52 -0.31 18.29
N PRO A 166 23.07 -1.16 17.39
CA PRO A 166 24.46 -1.57 17.45
C PRO A 166 25.37 -0.38 17.13
N VAL A 167 26.63 -0.43 17.57
CA VAL A 167 27.69 0.57 17.20
C VAL A 167 28.20 0.26 15.80
N TRP A 168 28.25 1.29 14.93
CA TRP A 168 28.67 1.14 13.52
C TRP A 168 30.02 1.82 13.30
N ASP A 169 30.25 2.98 13.89
CA ASP A 169 31.48 3.80 13.66
C ASP A 169 32.66 3.16 14.41
N ALA A 170 33.89 3.46 14.00
CA ALA A 170 35.13 2.97 14.65
C ALA A 170 36.27 3.94 14.40
N TYR A 171 37.15 4.10 15.40
CA TYR A 171 38.41 4.89 15.28
C TYR A 171 39.53 3.93 14.89
N THR A 172 40.40 4.35 13.98
CA THR A 172 41.50 3.48 13.50
C THR A 172 42.83 4.06 13.96
N PRO A 173 43.50 3.50 15.00
CA PRO A 173 44.77 4.05 15.49
C PRO A 173 45.94 3.88 14.51
N LYS A 174 47.04 4.68 14.62
CA LYS A 174 48.25 4.63 13.71
C LYS A 174 48.70 3.16 13.58
N GLU A 175 48.77 2.41 14.69
CA GLU A 175 49.15 0.96 14.73
C GLU A 175 48.39 0.20 13.61
N GLN A 176 47.18 0.59 13.24
CA GLN A 176 46.31 -0.29 12.42
C GLN A 176 45.89 0.35 11.08
N ARG A 177 46.67 1.28 10.54
CA ARG A 177 46.28 2.07 9.32
C ARG A 177 46.99 1.56 8.03
N HIS A 178 47.67 0.43 8.08
CA HIS A 178 48.23 -0.25 6.89
C HIS A 178 48.78 0.76 5.88
N GLY A 179 49.79 1.54 6.30
CA GLY A 179 50.69 2.33 5.44
C GLY A 179 50.27 3.79 5.25
N PHE A 180 49.07 4.17 5.66
CA PHE A 180 48.57 5.56 5.52
C PHE A 180 49.17 6.42 6.62
N ASN A 181 50.19 7.19 6.26
CA ASN A 181 50.83 8.19 7.15
C ASN A 181 49.95 9.42 7.25
N TYR A 182 48.92 9.60 6.43
CA TYR A 182 48.02 10.78 6.56
C TYR A 182 46.59 10.26 6.65
N TRP A 183 45.97 10.52 7.82
CA TRP A 183 44.61 10.02 8.17
C TRP A 183 43.69 11.24 8.25
N TYR A 184 42.53 11.16 7.54
CA TYR A 184 41.36 12.01 7.81
C TYR A 184 40.08 11.20 7.50
N SER A 185 39.57 10.44 8.48
CA SER A 185 38.71 9.26 8.24
C SER A 185 37.84 8.88 9.44
N TYR A 186 36.64 8.38 9.15
CA TYR A 186 35.68 7.74 10.10
C TYR A 186 35.48 6.29 9.67
N GLY A 187 34.81 5.48 10.50
CA GLY A 187 34.36 4.13 10.15
C GLY A 187 33.13 4.20 9.25
N THR A 188 31.97 4.53 9.80
CA THR A 188 30.74 4.89 9.04
C THR A 188 29.86 5.80 9.91
N PHE A 189 29.12 6.69 9.26
CA PHE A 189 28.31 7.75 9.89
C PHE A 189 27.67 8.55 8.76
N ASP A 190 26.37 8.41 8.72
CA ASP A 190 25.50 8.74 7.56
C ASP A 190 24.71 10.03 7.87
N GLU A 191 25.26 11.00 8.63
CA GLU A 191 24.76 12.40 8.60
C GLU A 191 25.65 13.14 7.60
N HIS A 192 25.16 13.45 6.41
CA HIS A 192 26.01 13.92 5.27
C HIS A 192 26.43 15.37 5.51
N LYS A 193 25.64 16.17 6.20
CA LYS A 193 26.03 17.57 6.48
C LYS A 193 26.58 17.71 7.90
N ASN A 194 26.62 16.62 8.69
CA ASN A 194 27.34 16.62 9.98
C ASN A 194 28.36 15.47 10.07
N PRO A 195 29.24 15.30 9.05
CA PRO A 195 30.21 14.21 9.08
C PRO A 195 31.28 14.60 10.09
N HIS A 196 32.10 13.62 10.43
CA HIS A 196 33.21 13.79 11.39
C HIS A 196 34.34 12.87 10.98
N TYR A 197 35.55 13.25 11.36
CA TYR A 197 36.84 12.76 10.81
C TYR A 197 37.84 12.70 11.96
N TRP A 198 38.67 11.67 12.07
CA TRP A 198 39.86 11.67 12.96
C TRP A 198 41.09 12.00 12.11
N ASP A 199 41.90 12.99 12.52
CA ASP A 199 43.11 13.36 11.75
C ASP A 199 44.23 12.39 12.11
N THR A 200 45.39 12.58 11.49
CA THR A 200 46.60 11.74 11.71
C THR A 200 46.81 11.55 13.23
N ASP A 201 46.47 12.52 14.08
CA ASP A 201 46.85 12.51 15.52
C ASP A 201 45.71 12.04 16.40
N GLY A 202 44.57 11.64 15.82
CA GLY A 202 43.41 11.19 16.61
C GLY A 202 42.60 12.37 17.09
N LYS A 203 42.79 13.57 16.51
CA LYS A 203 41.92 14.73 16.85
C LYS A 203 40.66 14.59 16.01
N ARG A 204 39.49 14.63 16.64
CA ARG A 204 38.20 14.57 15.92
C ARG A 204 37.84 15.97 15.36
N HIS A 205 37.27 16.03 14.16
CA HIS A 205 36.84 17.26 13.47
C HIS A 205 35.37 17.09 13.06
N ASP A 206 34.55 18.12 13.29
CA ASP A 206 33.11 18.21 12.91
C ASP A 206 32.86 19.53 12.17
N PRO A 207 33.24 19.64 10.88
CA PRO A 207 32.82 20.78 10.06
C PRO A 207 31.33 20.51 9.91
N LYS A 208 30.60 21.45 9.38
CA LYS A 208 29.16 21.17 9.28
C LYS A 208 28.89 21.43 7.82
N GLU A 209 29.51 20.59 7.01
CA GLU A 209 29.75 20.76 5.56
C GLU A 209 29.32 19.45 4.84
N TRP A 210 28.64 19.52 3.70
CA TRP A 210 28.26 18.30 2.95
C TRP A 210 29.53 17.46 2.70
N SER A 211 29.56 16.20 3.15
CA SER A 211 30.77 15.30 3.25
C SER A 211 31.62 15.43 1.99
N PRO A 212 31.07 15.20 0.78
CA PRO A 212 31.91 15.09 -0.41
C PRO A 212 32.77 16.34 -0.71
N LEU A 213 32.15 17.51 -0.56
CA LEU A 213 32.79 18.80 -0.90
C LEU A 213 33.81 19.15 0.19
N HIS A 214 33.57 18.75 1.43
CA HIS A 214 34.58 18.88 2.51
C HIS A 214 35.77 17.96 2.22
N GLU A 215 35.48 16.68 1.99
CA GLU A 215 36.47 15.63 1.65
C GLU A 215 37.27 16.17 0.47
N SER A 216 36.62 16.78 -0.53
CA SER A 216 37.35 17.21 -1.75
C SER A 216 38.26 18.41 -1.45
N GLY A 217 37.79 19.43 -0.74
CA GLY A 217 38.65 20.55 -0.31
C GLY A 217 39.85 20.04 0.50
N LYS A 218 39.63 19.01 1.30
CA LYS A 218 40.67 18.47 2.21
C LYS A 218 41.77 17.77 1.38
N VAL A 219 41.37 17.19 0.25
CA VAL A 219 42.27 16.50 -0.72
C VAL A 219 43.09 17.54 -1.48
N VAL A 220 42.43 18.58 -1.97
CA VAL A 220 43.08 19.74 -2.65
C VAL A 220 44.20 20.29 -1.76
N SER A 221 43.96 20.40 -0.45
CA SER A 221 44.94 20.91 0.54
C SER A 221 46.16 19.98 0.58
N TYR A 222 45.87 18.68 0.67
CA TYR A 222 46.95 17.67 0.69
C TYR A 222 47.75 17.75 -0.61
N LEU A 223 47.06 18.06 -1.70
CA LEU A 223 47.68 18.13 -3.06
C LEU A 223 48.55 19.38 -3.11
N LYS A 224 48.03 20.51 -2.64
CA LYS A 224 48.81 21.77 -2.55
C LYS A 224 49.95 21.62 -1.51
N ASN A 225 49.98 20.56 -0.71
CA ASN A 225 50.89 20.38 0.46
C ASN A 225 50.79 21.54 1.46
N GLU A 226 49.64 22.22 1.54
CA GLU A 226 49.32 23.15 2.67
C GLU A 226 49.56 22.47 4.03
N GLY A 227 50.14 23.19 4.98
CA GLY A 227 50.53 22.71 6.33
C GLY A 227 51.73 21.76 6.31
N ASN A 228 52.39 21.57 5.16
CA ASN A 228 53.56 20.64 5.06
C ASN A 228 53.20 19.29 5.69
N VAL A 229 52.26 18.59 5.06
CA VAL A 229 51.57 17.35 5.55
C VAL A 229 52.10 16.16 4.77
N ARG A 230 53.05 16.40 3.89
CA ARG A 230 53.44 15.45 2.83
C ARG A 230 54.77 15.91 2.22
N ASP A 231 55.61 14.95 1.80
CA ASP A 231 56.91 15.20 1.13
C ASP A 231 56.70 15.22 -0.38
N THR A 232 56.80 16.40 -0.98
CA THR A 232 56.61 16.67 -2.44
C THR A 232 57.60 15.85 -3.28
N LYS A 233 58.70 15.32 -2.71
CA LYS A 233 59.71 14.50 -3.45
C LYS A 233 59.17 13.07 -3.57
N LYS A 234 58.48 12.55 -2.53
CA LYS A 234 57.78 11.22 -2.52
C LYS A 234 56.55 11.31 -3.45
N PRO A 235 56.18 10.28 -4.26
CA PRO A 235 54.87 10.28 -4.94
C PRO A 235 53.76 9.94 -3.94
N PHE A 236 52.51 10.16 -4.27
CA PHE A 236 51.40 9.95 -3.31
C PHE A 236 50.40 8.91 -3.82
N PHE A 237 49.76 8.26 -2.84
CA PHE A 237 48.61 7.33 -3.00
C PHE A 237 47.50 7.88 -2.12
N ILE A 238 46.37 8.19 -2.72
CA ILE A 238 45.20 8.78 -2.02
C ILE A 238 43.97 7.90 -2.27
N MET A 239 43.20 7.64 -1.22
CA MET A 239 41.85 7.03 -1.26
C MET A 239 40.87 8.02 -0.64
N VAL A 240 39.77 8.26 -1.38
CA VAL A 240 38.66 9.16 -1.00
C VAL A 240 37.38 8.29 -0.97
N GLY A 241 36.91 8.01 0.24
CA GLY A 241 35.73 7.18 0.51
C GLY A 241 34.57 8.08 0.80
N MET A 242 33.96 8.58 -0.25
CA MET A 242 32.83 9.51 -0.06
C MET A 242 31.66 8.63 0.40
N ASN A 243 30.78 9.20 1.24
CA ASN A 243 29.59 8.49 1.77
C ASN A 243 28.48 8.63 0.73
N PRO A 244 27.93 9.84 0.48
CA PRO A 244 26.94 9.97 -0.59
C PRO A 244 27.48 9.40 -1.89
N PRO A 245 26.64 8.84 -2.79
CA PRO A 245 25.17 8.91 -2.69
C PRO A 245 24.43 7.80 -1.93
N HIS A 246 25.11 7.15 -1.00
CA HIS A 246 24.53 6.24 0.02
C HIS A 246 23.47 6.97 0.82
N SER A 247 22.50 6.21 1.36
CA SER A 247 21.43 6.68 2.29
C SER A 247 22.10 7.50 3.42
N PRO A 248 21.45 8.52 4.00
CA PRO A 248 20.15 9.01 3.58
C PRO A 248 20.06 9.85 2.30
N TYR A 249 18.85 9.92 1.76
CA TYR A 249 18.44 10.64 0.55
C TYR A 249 16.93 10.90 0.64
N ARG A 250 16.51 11.60 1.69
CA ARG A 250 15.08 11.77 2.02
C ARG A 250 14.80 13.28 1.92
N SER A 251 15.79 14.17 2.13
CA SER A 251 15.58 15.64 2.37
C SER A 251 16.78 16.51 1.98
N LEU A 252 16.68 17.83 2.17
CA LEU A 252 17.79 18.79 1.91
C LEU A 252 18.89 18.71 3.00
N ASN A 253 18.71 17.84 4.01
CA ASN A 253 19.78 17.53 4.99
C ASN A 253 20.90 16.71 4.33
N ASP A 254 20.58 16.10 3.18
CA ASP A 254 21.31 14.95 2.58
C ASP A 254 22.00 15.33 1.24
N CYS A 255 22.02 16.60 0.84
CA CYS A 255 22.60 17.06 -0.45
C CYS A 255 22.42 18.57 -0.60
N GLU A 256 23.06 19.17 -1.61
CA GLU A 256 23.10 20.63 -1.84
C GLU A 256 21.90 20.97 -2.72
N GLU A 257 21.20 22.05 -2.40
CA GLU A 257 19.97 22.53 -3.09
C GLU A 257 20.28 22.75 -4.58
N GLN A 258 21.39 23.41 -4.88
CA GLN A 258 22.08 23.48 -6.21
C GLN A 258 21.83 22.25 -7.09
N ASP A 259 22.20 21.08 -6.59
CA ASP A 259 22.16 19.78 -7.30
C ASP A 259 20.72 19.30 -7.32
N PHE A 260 20.07 19.29 -6.14
CA PHE A 260 18.67 18.87 -5.97
C PHE A 260 17.75 19.56 -6.98
N ASN A 261 18.00 20.84 -7.25
CA ASN A 261 17.17 21.69 -8.15
C ASN A 261 17.00 21.04 -9.53
N LEU A 262 17.87 20.11 -9.90
CA LEU A 262 17.89 19.54 -11.28
C LEU A 262 16.86 18.39 -11.41
N TYR A 263 16.42 17.83 -10.27
CA TYR A 263 15.59 16.59 -10.13
C TYR A 263 14.33 16.84 -9.27
N LYS A 264 14.31 17.98 -8.55
CA LYS A 264 13.26 18.50 -7.61
C LYS A 264 11.87 18.24 -8.18
N ASP A 265 11.59 18.70 -9.40
CA ASP A 265 10.21 18.81 -9.94
C ASP A 265 10.01 17.73 -11.02
N GLN A 266 11.06 16.95 -11.33
CA GLN A 266 11.02 15.98 -12.46
C GLN A 266 10.01 14.90 -12.08
N PRO A 267 9.15 14.43 -12.99
CA PRO A 267 8.20 13.36 -12.65
C PRO A 267 8.93 12.02 -12.48
N LEU A 268 8.45 11.15 -11.60
CA LEU A 268 9.15 9.89 -11.23
C LEU A 268 9.39 9.02 -12.47
N ASP A 269 8.45 8.97 -13.42
CA ASP A 269 8.57 8.03 -14.58
C ASP A 269 9.64 8.52 -15.56
N SER A 270 10.27 9.67 -15.32
CA SER A 270 11.35 10.17 -16.20
C SER A 270 12.68 10.25 -15.45
N LEU A 271 12.71 9.89 -14.17
CA LEU A 271 13.94 9.69 -13.36
C LEU A 271 14.30 8.19 -13.24
N LEU A 272 13.27 7.36 -13.00
CA LEU A 272 13.39 5.87 -12.82
C LEU A 272 12.95 5.23 -14.14
N ILE A 273 13.89 5.10 -15.08
CA ILE A 273 13.57 4.72 -16.48
C ILE A 273 13.83 3.22 -16.66
N ARG A 274 14.33 2.55 -15.63
CA ARG A 274 14.66 1.12 -15.75
C ARG A 274 13.35 0.37 -15.69
N PRO A 275 12.92 -0.34 -16.75
CA PRO A 275 11.65 -1.05 -16.72
C PRO A 275 11.52 -2.10 -15.60
N ASN A 276 12.51 -2.34 -14.74
CA ASN A 276 12.30 -3.29 -13.61
C ASN A 276 11.83 -2.59 -12.33
N VAL A 277 11.44 -1.31 -12.38
CA VAL A 277 11.18 -0.43 -11.20
C VAL A 277 9.72 -0.52 -10.81
N ASP A 278 9.39 -0.52 -9.52
CA ASP A 278 8.02 -0.24 -8.99
C ASP A 278 8.00 1.22 -8.55
N LEU A 279 7.48 2.10 -9.40
CA LEU A 279 7.31 3.56 -9.14
C LEU A 279 6.41 3.84 -7.93
N ASN A 280 5.73 2.84 -7.38
CA ASN A 280 4.73 3.10 -6.32
C ASN A 280 5.32 2.70 -4.97
N MET A 281 6.62 2.47 -4.88
CA MET A 281 7.25 2.11 -3.57
C MET A 281 7.45 3.41 -2.79
N LYS A 282 7.20 3.41 -1.46
CA LYS A 282 7.45 4.63 -0.66
C LYS A 282 8.85 5.14 -1.08
N LYS A 283 9.78 4.24 -1.45
CA LYS A 283 11.22 4.58 -1.63
C LYS A 283 11.43 5.47 -2.86
N ALA A 284 10.62 5.27 -3.92
CA ALA A 284 10.84 5.86 -5.26
C ALA A 284 11.14 7.35 -5.17
N GLU A 285 10.51 8.08 -4.24
CA GLU A 285 10.68 9.54 -4.03
C GLU A 285 12.17 9.86 -3.82
N SER A 286 12.93 8.89 -3.30
CA SER A 286 14.34 9.06 -2.91
C SER A 286 15.24 9.32 -4.13
N VAL A 287 14.76 9.02 -5.33
CA VAL A 287 15.61 9.08 -6.55
C VAL A 287 16.13 10.53 -6.72
N ARG A 288 15.28 11.50 -6.39
CA ARG A 288 15.61 12.94 -6.54
C ARG A 288 16.88 13.22 -5.77
N TYR A 289 16.96 12.68 -4.57
CA TYR A 289 18.03 13.00 -3.61
C TYR A 289 19.26 12.14 -3.93
N TYR A 290 19.06 10.89 -4.35
CA TYR A 290 20.12 9.98 -4.84
C TYR A 290 20.87 10.71 -5.96
N PHE A 291 20.14 11.14 -6.99
CA PHE A 291 20.69 11.83 -8.18
C PHE A 291 21.34 13.15 -7.77
N ALA A 292 20.79 13.85 -6.78
CA ALA A 292 21.38 15.12 -6.29
C ALA A 292 22.77 14.82 -5.70
N SER A 293 22.84 13.77 -4.89
CA SER A 293 24.10 13.32 -4.25
C SER A 293 25.08 12.92 -5.33
N VAL A 294 24.58 12.31 -6.39
CA VAL A 294 25.42 11.86 -7.54
C VAL A 294 25.97 13.11 -8.21
N THR A 295 25.13 14.11 -8.51
CA THR A 295 25.59 15.33 -9.24
C THR A 295 26.61 16.09 -8.36
N GLY A 296 26.41 16.10 -7.03
CA GLY A 296 27.30 16.76 -6.08
C GLY A 296 28.63 16.06 -5.95
N VAL A 297 28.59 14.73 -5.92
CA VAL A 297 29.81 13.88 -5.90
C VAL A 297 30.64 14.20 -7.15
N ASP A 298 29.98 14.36 -8.29
CA ASP A 298 30.65 14.71 -9.58
C ASP A 298 31.34 16.08 -9.45
N ARG A 299 30.65 17.04 -8.84
CA ARG A 299 31.19 18.40 -8.61
C ARG A 299 32.43 18.25 -7.72
N ALA A 300 32.41 17.34 -6.74
CA ALA A 300 33.50 17.18 -5.76
C ALA A 300 34.71 16.56 -6.45
N PHE A 301 34.46 15.53 -7.26
CA PHE A 301 35.49 14.85 -8.08
C PHE A 301 36.12 15.89 -9.01
N GLY A 302 35.29 16.75 -9.62
CA GLY A 302 35.67 17.96 -10.40
C GLY A 302 36.72 18.81 -9.70
N GLN A 303 36.52 19.14 -8.42
CA GLN A 303 37.47 19.99 -7.65
C GLN A 303 38.82 19.27 -7.56
N ILE A 304 38.80 17.95 -7.38
CA ILE A 304 40.07 17.18 -7.28
C ILE A 304 40.76 17.25 -8.65
N LEU A 305 40.07 16.90 -9.72
CA LEU A 305 40.65 16.92 -11.08
C LEU A 305 41.23 18.29 -11.41
N GLU A 306 40.53 19.39 -11.12
CA GLU A 306 41.01 20.75 -11.52
C GLU A 306 42.27 21.02 -10.73
N ALA A 307 42.33 20.62 -9.47
CA ALA A 307 43.50 20.84 -8.58
C ALA A 307 44.69 20.10 -9.17
N LEU A 308 44.47 18.93 -9.79
CA LEU A 308 45.57 18.15 -10.44
C LEU A 308 46.13 18.95 -11.63
N LYS A 309 45.25 19.49 -12.44
CA LYS A 309 45.55 20.30 -13.64
C LYS A 309 46.22 21.59 -13.17
N GLN A 310 45.57 22.36 -12.28
CA GLN A 310 46.11 23.70 -11.88
C GLN A 310 47.51 23.45 -11.30
N LEU A 311 47.85 22.30 -10.69
CA LEU A 311 49.21 22.04 -10.13
C LEU A 311 50.14 21.24 -11.07
N GLY A 312 49.69 20.84 -12.25
CA GLY A 312 50.49 20.00 -13.19
C GLY A 312 50.64 18.52 -12.77
N LEU A 313 50.03 18.08 -11.66
CA LEU A 313 50.00 16.66 -11.25
C LEU A 313 49.13 15.80 -12.17
N ASP A 314 48.38 16.37 -13.11
CA ASP A 314 47.47 15.61 -14.00
C ASP A 314 48.24 14.69 -14.94
N LYS A 315 49.50 15.04 -15.24
CA LYS A 315 50.31 14.35 -16.25
C LYS A 315 51.11 13.25 -15.55
N ASN A 316 51.08 13.24 -14.22
CA ASN A 316 51.99 12.47 -13.33
C ASN A 316 51.16 11.42 -12.57
N THR A 317 49.84 11.39 -12.76
CA THR A 317 48.93 10.75 -11.78
C THR A 317 47.84 9.88 -12.45
N VAL A 318 47.84 8.61 -12.01
CA VAL A 318 46.77 7.59 -12.21
C VAL A 318 45.55 7.98 -11.37
N VAL A 319 44.42 8.22 -12.03
CA VAL A 319 43.14 8.58 -11.34
C VAL A 319 42.12 7.50 -11.65
N ILE A 320 41.40 7.06 -10.62
CA ILE A 320 40.37 6.01 -10.73
C ILE A 320 39.12 6.45 -9.99
N PHE A 321 37.98 6.32 -10.67
CA PHE A 321 36.63 6.54 -10.12
C PHE A 321 35.96 5.16 -10.06
N ALA A 322 35.40 4.84 -8.89
CA ALA A 322 34.83 3.52 -8.57
C ALA A 322 33.77 3.66 -7.47
N SER A 323 33.15 2.54 -7.11
CA SER A 323 32.22 2.45 -5.96
C SER A 323 32.38 1.09 -5.30
N ASP A 324 31.80 0.93 -4.13
CA ASP A 324 31.95 -0.34 -3.37
C ASP A 324 30.84 -1.28 -3.81
N HIS A 325 29.70 -0.71 -4.15
CA HIS A 325 28.56 -1.47 -4.70
C HIS A 325 27.53 -0.48 -5.25
N GLY A 326 26.50 -0.99 -5.87
CA GLY A 326 25.49 -0.17 -6.55
C GLY A 326 24.31 0.08 -5.64
N GLU A 327 23.15 0.33 -6.27
CA GLU A 327 21.91 0.79 -5.64
C GLU A 327 20.75 0.30 -6.51
N THR A 328 19.82 -0.46 -5.90
CA THR A 328 18.60 -0.95 -6.60
C THR A 328 17.74 0.27 -6.97
N MET A 329 17.40 1.11 -5.99
CA MET A 329 16.49 2.29 -6.18
C MET A 329 15.20 1.83 -6.84
N CYS A 330 14.55 0.91 -6.14
CA CYS A 330 13.17 0.44 -6.42
C CYS A 330 13.20 -0.56 -7.56
N SER A 331 14.36 -0.79 -8.20
CA SER A 331 14.54 -1.82 -9.26
C SER A 331 14.35 -3.17 -8.58
N GLN A 332 13.59 -4.08 -9.22
CA GLN A 332 13.24 -5.42 -8.66
C GLN A 332 12.41 -5.28 -7.35
N ARG A 333 11.77 -4.15 -7.09
CA ARG A 333 10.96 -3.97 -5.84
C ARG A 333 11.79 -4.36 -4.59
N THR A 334 13.12 -4.31 -4.63
CA THR A 334 14.04 -4.91 -3.63
C THR A 334 14.04 -4.09 -2.37
N ASP A 335 13.88 -2.76 -2.44
CA ASP A 335 13.93 -1.84 -1.24
C ASP A 335 15.32 -1.75 -0.54
N ASP A 336 16.08 -2.84 -0.49
CA ASP A 336 17.51 -2.92 -0.11
C ASP A 336 18.40 -2.50 -1.30
N PRO A 337 19.19 -1.42 -1.14
CA PRO A 337 20.02 -0.91 -2.22
C PRO A 337 20.95 -1.95 -2.84
N LYS A 338 21.37 -2.91 -2.03
CA LYS A 338 22.47 -3.80 -2.41
C LYS A 338 22.30 -5.15 -1.74
N ASN A 339 23.41 -5.89 -1.65
CA ASN A 339 23.49 -7.23 -1.03
C ASN A 339 22.64 -8.20 -1.84
N SER A 340 22.49 -7.91 -3.13
CA SER A 340 21.75 -8.69 -4.15
C SER A 340 22.61 -8.79 -5.42
N PRO A 341 22.40 -9.82 -6.26
CA PRO A 341 23.12 -10.00 -7.52
C PRO A 341 22.59 -9.30 -8.77
N TYR A 342 21.59 -8.44 -8.61
CA TYR A 342 21.04 -7.61 -9.72
C TYR A 342 22.13 -6.68 -10.27
N SER A 343 22.17 -6.44 -11.59
CA SER A 343 23.16 -5.54 -12.27
C SER A 343 23.24 -4.17 -11.54
N GLU A 344 22.13 -3.70 -10.97
CA GLU A 344 22.00 -2.41 -10.27
C GLU A 344 22.79 -2.46 -8.97
N SER A 345 23.01 -3.65 -8.40
CA SER A 345 23.72 -3.86 -7.11
C SER A 345 25.18 -4.25 -7.39
N MET A 346 25.41 -5.17 -8.32
CA MET A 346 26.77 -5.65 -8.58
C MET A 346 27.55 -4.66 -9.44
N ASN A 347 26.97 -4.06 -10.48
CA ASN A 347 27.81 -3.32 -11.47
C ASN A 347 28.29 -2.01 -10.86
N ILE A 348 29.60 -1.79 -10.76
CA ILE A 348 30.19 -0.56 -10.21
C ILE A 348 30.93 0.16 -11.34
N PRO A 349 31.00 1.49 -11.24
CA PRO A 349 31.77 2.30 -12.18
C PRO A 349 33.20 1.88 -11.95
N PHE A 350 33.99 1.92 -13.03
CA PHE A 350 35.46 1.79 -12.96
C PHE A 350 36.09 2.52 -14.15
N LEU A 351 36.62 3.69 -13.89
CA LEU A 351 37.23 4.60 -14.88
C LEU A 351 38.69 4.81 -14.49
N VAL A 352 39.60 4.47 -15.38
CA VAL A 352 41.06 4.57 -15.10
C VAL A 352 41.72 5.51 -16.11
N ARG A 353 42.13 6.70 -15.66
CA ARG A 353 42.95 7.67 -16.43
C ARG A 353 44.42 7.58 -15.99
N PHE A 354 45.30 7.38 -16.96
CA PHE A 354 46.77 7.43 -16.79
C PHE A 354 47.37 8.03 -18.06
N PRO A 355 47.51 9.39 -18.14
CA PRO A 355 47.81 10.02 -19.43
C PRO A 355 49.10 9.47 -20.03
N GLY A 356 48.99 9.10 -21.32
CA GLY A 356 50.08 8.62 -22.19
C GLY A 356 50.57 7.26 -21.75
N LYS A 357 49.74 6.51 -21.04
CA LYS A 357 49.92 5.07 -20.82
C LYS A 357 48.62 4.32 -21.11
N ILE A 358 47.45 4.98 -21.12
CA ILE A 358 46.16 4.28 -21.37
C ILE A 358 45.38 5.03 -22.44
N GLN A 359 45.10 4.40 -23.57
CA GLN A 359 44.20 4.95 -24.64
C GLN A 359 42.79 4.96 -24.06
N PRO A 360 42.10 6.12 -24.06
CA PRO A 360 40.67 6.18 -23.75
C PRO A 360 39.93 5.14 -24.58
N ARG A 361 39.18 4.26 -23.95
CA ARG A 361 38.37 3.21 -24.63
C ARG A 361 37.40 2.61 -23.63
N VAL A 362 36.54 1.74 -24.12
CA VAL A 362 35.54 1.02 -23.30
C VAL A 362 35.92 -0.46 -23.35
N ASP A 363 35.73 -1.16 -22.23
CA ASP A 363 36.16 -2.55 -22.08
C ASP A 363 35.23 -3.26 -21.10
N ASP A 364 34.82 -4.44 -21.53
CA ASP A 364 33.78 -5.22 -20.87
C ASP A 364 34.49 -6.28 -20.02
N LEU A 365 35.77 -6.10 -19.74
CA LEU A 365 36.48 -6.87 -18.68
C LEU A 365 35.59 -6.99 -17.44
N LEU A 366 35.37 -8.21 -16.98
CA LEU A 366 34.68 -8.61 -15.70
C LEU A 366 35.66 -8.56 -14.52
N LEU A 367 36.01 -7.34 -14.13
CA LEU A 367 36.94 -7.08 -13.01
C LEU A 367 36.22 -7.41 -11.70
N SER A 368 36.86 -8.15 -10.82
CA SER A 368 36.29 -8.48 -9.51
C SER A 368 37.02 -7.61 -8.49
N ALA A 369 36.39 -7.36 -7.35
CA ALA A 369 36.94 -6.44 -6.35
C ALA A 369 38.39 -6.81 -5.97
N PRO A 370 38.69 -8.11 -5.69
CA PRO A 370 40.03 -8.49 -5.26
C PRO A 370 41.09 -8.29 -6.34
N ASP A 371 40.66 -8.00 -7.55
CA ASP A 371 41.55 -7.66 -8.69
C ASP A 371 41.99 -6.21 -8.59
N ILE A 372 41.20 -5.34 -7.93
CA ILE A 372 41.51 -3.89 -7.89
C ILE A 372 42.92 -3.70 -7.31
N MET A 373 43.18 -4.13 -6.07
CA MET A 373 44.51 -3.88 -5.44
C MET A 373 45.64 -4.31 -6.38
N PRO A 374 45.72 -5.59 -6.83
CA PRO A 374 46.88 -6.01 -7.63
C PRO A 374 47.01 -5.27 -8.98
N THR A 375 45.88 -4.91 -9.59
CA THR A 375 45.79 -4.16 -10.87
C THR A 375 46.32 -2.73 -10.67
N VAL A 376 45.96 -2.10 -9.55
CA VAL A 376 46.40 -0.70 -9.27
C VAL A 376 47.90 -0.72 -9.02
N LEU A 377 48.40 -1.72 -8.31
CA LEU A 377 49.86 -1.91 -8.10
C LEU A 377 50.53 -2.17 -9.47
N GLY A 378 49.94 -3.01 -10.30
CA GLY A 378 50.41 -3.22 -11.67
C GLY A 378 50.57 -1.89 -12.38
N LEU A 379 49.54 -1.05 -12.30
CA LEU A 379 49.50 0.25 -13.04
C LEU A 379 50.59 1.19 -12.54
N CYS A 380 50.94 1.16 -11.27
CA CYS A 380 51.97 2.05 -10.72
C CYS A 380 53.37 1.39 -10.85
N GLY A 381 53.48 0.35 -11.68
CA GLY A 381 54.70 -0.46 -11.88
C GLY A 381 55.23 -1.07 -10.57
N LEU A 382 54.34 -1.52 -9.70
CA LEU A 382 54.65 -2.28 -8.48
C LEU A 382 54.07 -3.68 -8.64
N GLY A 383 53.87 -4.12 -9.88
CA GLY A 383 53.38 -5.47 -10.18
C GLY A 383 54.19 -6.56 -9.51
N ASP A 384 55.48 -6.35 -9.31
CA ASP A 384 56.40 -7.39 -8.78
C ASP A 384 56.34 -7.40 -7.24
N SER A 385 55.55 -6.52 -6.62
CA SER A 385 55.51 -6.32 -5.16
C SER A 385 54.16 -6.77 -4.64
N ILE A 386 53.34 -7.31 -5.54
CA ILE A 386 52.02 -7.85 -5.17
C ILE A 386 52.28 -8.98 -4.19
N PRO A 387 51.79 -8.88 -2.92
CA PRO A 387 51.91 -10.00 -1.99
C PRO A 387 51.37 -11.33 -2.54
N SER A 388 51.93 -12.47 -2.12
CA SER A 388 51.59 -13.82 -2.65
C SER A 388 50.19 -14.23 -2.19
N GLU A 389 49.77 -13.75 -1.02
CA GLU A 389 48.48 -14.05 -0.35
C GLU A 389 47.32 -13.52 -1.22
N VAL A 390 47.61 -12.61 -2.17
CA VAL A 390 46.59 -11.92 -3.00
C VAL A 390 45.95 -12.96 -3.92
N GLN A 391 44.63 -12.93 -4.01
CA GLN A 391 43.81 -13.93 -4.71
C GLN A 391 43.41 -13.35 -6.06
N GLY A 392 43.28 -12.03 -6.15
CA GLY A 392 42.81 -11.33 -7.36
C GLY A 392 43.92 -11.30 -8.39
N ARG A 393 43.65 -10.88 -9.63
CA ARG A 393 44.74 -10.86 -10.64
C ARG A 393 45.06 -9.42 -11.09
N ASN A 394 46.28 -9.23 -11.57
CA ASN A 394 46.84 -7.95 -12.07
C ASN A 394 46.53 -7.77 -13.57
N PHE A 395 45.51 -6.96 -13.89
CA PHE A 395 45.10 -6.66 -15.28
C PHE A 395 45.77 -5.39 -15.82
N ALA A 396 46.72 -4.81 -15.09
CA ALA A 396 47.50 -3.65 -15.60
C ALA A 396 47.95 -3.88 -17.05
N PRO A 397 48.47 -5.05 -17.42
CA PRO A 397 48.92 -5.27 -18.80
C PRO A 397 47.80 -4.98 -19.79
N LEU A 398 46.58 -5.31 -19.41
CA LEU A 398 45.39 -5.25 -20.28
C LEU A 398 44.94 -3.79 -20.38
N PHE A 399 45.04 -3.02 -19.29
CA PHE A 399 44.83 -1.55 -19.27
C PHE A 399 45.87 -0.84 -20.16
N PHE A 400 47.16 -1.16 -20.00
CA PHE A 400 48.23 -0.55 -20.81
C PHE A 400 48.09 -0.97 -22.29
N ASP A 401 47.69 -2.19 -22.62
CA ASP A 401 47.79 -2.73 -24.01
C ASP A 401 46.49 -3.44 -24.42
N GLU A 402 45.67 -2.79 -25.28
CA GLU A 402 44.43 -3.39 -25.85
C GLU A 402 44.80 -4.81 -26.30
N LYS A 403 45.87 -4.94 -27.07
CA LYS A 403 46.23 -6.16 -27.83
C LYS A 403 47.13 -7.07 -26.94
N ALA A 404 46.90 -7.24 -25.62
CA ALA A 404 47.84 -8.01 -24.72
C ALA A 404 47.46 -9.48 -24.69
N GLU A 405 48.41 -10.43 -24.75
CA GLU A 405 48.16 -11.90 -24.56
C GLU A 405 48.06 -12.10 -23.04
N ILE A 406 46.89 -11.79 -22.48
CA ILE A 406 46.47 -11.94 -21.05
C ILE A 406 45.10 -12.63 -21.06
N VAL A 407 44.77 -13.55 -20.15
CA VAL A 407 43.46 -14.26 -20.22
C VAL A 407 42.39 -13.40 -19.52
N ARG A 408 41.32 -13.07 -20.22
CA ARG A 408 40.15 -12.36 -19.66
C ARG A 408 39.32 -13.35 -18.84
N PRO A 409 38.81 -12.96 -17.68
CA PRO A 409 37.92 -13.80 -16.90
C PRO A 409 36.65 -14.07 -17.71
N ALA A 410 36.25 -15.32 -17.68
CA ALA A 410 34.92 -15.85 -18.03
C ALA A 410 33.80 -15.31 -17.10
N GLY A 411 34.07 -15.24 -15.79
CA GLY A 411 33.06 -14.83 -14.79
C GLY A 411 33.67 -14.08 -13.60
N ALA A 412 32.79 -13.53 -12.79
CA ALA A 412 33.05 -12.98 -11.45
C ALA A 412 31.98 -13.49 -10.46
N LEU A 413 32.41 -13.92 -9.28
CA LEU A 413 31.58 -14.58 -8.25
C LEU A 413 30.56 -13.59 -7.70
N TYR A 414 29.34 -14.04 -7.43
CA TYR A 414 28.36 -13.36 -6.54
C TYR A 414 28.48 -14.04 -5.19
N ILE A 415 28.48 -13.24 -4.14
CA ILE A 415 28.69 -13.68 -2.74
C ILE A 415 27.72 -12.93 -1.84
N GLN A 416 26.92 -13.66 -1.10
CA GLN A 416 26.09 -13.13 0.02
C GLN A 416 26.46 -13.88 1.28
N ASN A 417 26.85 -13.12 2.30
CA ASN A 417 27.27 -13.66 3.63
C ASN A 417 26.36 -13.07 4.68
N LEU A 418 25.66 -13.91 5.45
CA LEU A 418 24.74 -13.46 6.55
C LEU A 418 25.33 -13.80 7.92
N ASP A 419 24.75 -13.24 8.97
CA ASP A 419 25.14 -13.59 10.36
C ASP A 419 25.03 -15.11 10.52
N GLY A 420 26.04 -15.77 11.08
CA GLY A 420 25.93 -17.19 11.42
C GLY A 420 25.37 -17.34 12.83
N GLU A 421 25.99 -18.20 13.64
CA GLU A 421 25.59 -18.49 15.03
C GLU A 421 26.19 -17.40 15.91
N LYS A 422 25.60 -17.21 17.09
CA LYS A 422 26.10 -16.21 18.07
C LYS A 422 26.60 -16.95 19.30
N ASP A 423 27.29 -16.25 20.20
CA ASP A 423 27.99 -16.83 21.38
C ASP A 423 27.16 -16.48 22.62
N LYS A 424 27.66 -16.86 23.81
CA LYS A 424 27.00 -16.57 25.12
C LYS A 424 26.56 -15.08 25.17
N ASP A 425 27.29 -14.15 24.54
CA ASP A 425 27.05 -12.69 24.76
C ASP A 425 26.33 -12.07 23.56
N GLY A 426 25.71 -12.91 22.73
CA GLY A 426 24.88 -12.48 21.60
C GLY A 426 25.66 -11.82 20.47
N LEU A 427 26.92 -12.18 20.26
CA LEU A 427 27.81 -11.65 19.19
C LEU A 427 27.98 -12.70 18.08
N VAL A 428 28.05 -12.25 16.83
CA VAL A 428 28.17 -13.15 15.67
C VAL A 428 29.62 -13.65 15.63
N GLN A 429 29.81 -14.96 15.72
CA GLN A 429 31.18 -15.55 15.73
C GLN A 429 31.35 -16.44 14.54
N SER A 430 30.43 -16.45 13.59
CA SER A 430 30.60 -17.14 12.28
C SER A 430 29.64 -16.53 11.24
N TYR A 431 29.82 -16.87 9.97
CA TYR A 431 28.94 -16.41 8.86
C TYR A 431 28.31 -17.59 8.11
N PHE A 432 27.05 -17.38 7.72
CA PHE A 432 26.27 -18.30 6.88
C PHE A 432 26.39 -17.82 5.44
N PRO A 433 27.06 -18.62 4.58
CA PRO A 433 27.19 -18.27 3.18
C PRO A 433 25.85 -18.55 2.45
N SER A 434 24.90 -17.63 2.54
CA SER A 434 23.50 -17.80 2.08
C SER A 434 23.43 -17.96 0.55
N SER A 435 24.33 -17.30 -0.20
CA SER A 435 24.30 -17.33 -1.69
C SER A 435 25.70 -17.28 -2.29
N ARG A 436 25.91 -18.11 -3.29
CA ARG A 436 27.03 -18.00 -4.22
C ARG A 436 26.38 -18.02 -5.60
N GLY A 437 26.97 -17.30 -6.57
CA GLY A 437 26.49 -17.17 -7.95
C GLY A 437 27.62 -16.74 -8.86
N ILE A 438 27.28 -16.34 -10.09
CA ILE A 438 28.28 -15.94 -11.12
C ILE A 438 27.64 -14.95 -12.11
N LYS A 439 28.42 -13.92 -12.48
CA LYS A 439 28.14 -13.01 -13.60
C LYS A 439 29.15 -13.33 -14.69
N THR A 440 28.67 -13.69 -15.88
CA THR A 440 29.49 -13.78 -17.12
C THR A 440 29.05 -12.63 -18.04
N ALA A 441 29.62 -12.60 -19.27
CA ALA A 441 29.23 -11.64 -20.34
C ALA A 441 27.70 -11.62 -20.47
N ARG A 442 27.13 -12.83 -20.48
CA ARG A 442 25.72 -13.10 -20.85
C ARG A 442 24.81 -13.42 -19.66
N TYR A 443 25.31 -13.98 -18.56
CA TYR A 443 24.42 -14.54 -17.51
C TYR A 443 24.79 -13.96 -16.15
N THR A 444 23.75 -13.76 -15.34
CA THR A 444 23.77 -13.62 -13.87
C THR A 444 23.08 -14.86 -13.28
N LEU A 445 23.80 -15.73 -12.58
CA LEU A 445 23.17 -16.88 -11.84
C LEU A 445 23.47 -16.70 -10.36
N ALA A 446 22.46 -16.86 -9.52
CA ALA A 446 22.58 -16.81 -8.04
C ALA A 446 21.76 -17.94 -7.42
N LEU A 447 22.45 -18.77 -6.65
CA LEU A 447 21.87 -19.91 -5.89
C LEU A 447 21.74 -19.53 -4.42
N TYR A 448 20.54 -19.66 -3.87
CA TYR A 448 20.21 -19.39 -2.45
C TYR A 448 19.96 -20.73 -1.75
N ILE A 449 20.66 -21.00 -0.65
CA ILE A 449 20.55 -22.26 0.13
C ILE A 449 19.92 -21.99 1.50
N ASP A 450 19.47 -23.07 2.14
CA ASP A 450 18.78 -23.09 3.45
C ASP A 450 19.83 -23.32 4.57
N ARG A 451 19.71 -22.59 5.67
CA ARG A 451 20.67 -22.63 6.80
C ARG A 451 20.70 -24.01 7.48
N LYS A 452 19.56 -24.68 7.75
CA LYS A 452 19.52 -26.02 8.41
C LYS A 452 19.94 -27.04 7.34
N THR A 453 19.17 -27.15 6.25
CA THR A 453 19.40 -28.19 5.21
C THR A 453 20.08 -27.56 3.98
N LYS A 454 21.40 -27.72 3.77
CA LYS A 454 22.20 -26.81 2.89
C LYS A 454 21.79 -27.11 1.43
N GLN A 455 20.48 -26.99 1.19
CA GLN A 455 19.73 -27.38 -0.03
C GLN A 455 19.29 -26.11 -0.77
N LEU A 456 19.15 -26.24 -2.09
CA LEU A 456 18.73 -25.12 -2.96
C LEU A 456 17.29 -24.74 -2.58
N LYS A 457 17.05 -23.43 -2.36
CA LYS A 457 15.76 -22.93 -1.81
C LYS A 457 15.13 -21.94 -2.80
N LYS A 458 15.89 -21.00 -3.38
CA LYS A 458 15.47 -20.07 -4.49
C LYS A 458 16.63 -20.13 -5.47
N SER A 459 16.42 -19.70 -6.70
CA SER A 459 17.45 -19.65 -7.78
C SER A 459 17.10 -18.51 -8.75
N LEU A 460 18.02 -17.57 -8.95
CA LEU A 460 17.92 -16.55 -10.02
C LEU A 460 18.84 -16.91 -11.19
N LEU A 461 18.35 -16.82 -12.42
CA LEU A 461 19.14 -16.92 -13.67
C LEU A 461 18.62 -15.89 -14.65
N PHE A 462 19.50 -15.06 -15.21
CA PHE A 462 19.09 -14.04 -16.20
C PHE A 462 19.98 -14.09 -17.45
N ASP A 463 19.35 -13.96 -18.63
CA ASP A 463 20.09 -13.65 -19.86
C ASP A 463 20.18 -12.14 -19.89
N ASP A 464 21.30 -11.59 -19.42
CA ASP A 464 21.58 -10.14 -19.27
C ASP A 464 21.71 -9.51 -20.67
N VAL A 465 21.98 -10.29 -21.71
CA VAL A 465 22.02 -9.74 -23.08
C VAL A 465 20.59 -9.50 -23.58
N ASN A 466 19.74 -10.53 -23.57
CA ASN A 466 18.33 -10.43 -24.03
C ASN A 466 17.42 -9.86 -22.95
N ASP A 467 17.80 -9.92 -21.68
CA ASP A 467 16.91 -9.50 -20.57
C ASP A 467 17.71 -8.61 -19.60
N PRO A 468 18.19 -7.43 -20.08
CA PRO A 468 19.18 -6.65 -19.34
C PRO A 468 18.64 -6.06 -18.02
N TYR A 469 17.32 -5.90 -17.94
CA TYR A 469 16.65 -5.45 -16.69
C TYR A 469 16.25 -6.64 -15.82
N GLN A 470 16.76 -7.83 -16.13
CA GLN A 470 16.56 -9.07 -15.34
C GLN A 470 15.09 -9.21 -14.89
N LEU A 471 14.16 -9.13 -15.86
CA LEU A 471 12.69 -9.28 -15.61
C LEU A 471 12.32 -10.76 -15.71
N ASN A 472 13.15 -11.60 -16.31
CA ASN A 472 12.74 -12.95 -16.72
C ASN A 472 13.65 -13.98 -16.04
N ASN A 473 13.23 -14.46 -14.87
CA ASN A 473 13.98 -15.51 -14.13
C ASN A 473 13.77 -16.87 -14.82
N LEU A 474 14.85 -17.41 -15.35
CA LEU A 474 14.90 -18.65 -16.15
C LEU A 474 15.02 -19.88 -15.26
N PRO A 475 14.10 -20.86 -15.40
CA PRO A 475 14.25 -22.15 -14.74
C PRO A 475 15.48 -22.90 -15.26
N LEU A 476 16.15 -23.57 -14.34
CA LEU A 476 17.44 -24.21 -14.54
C LEU A 476 17.22 -25.46 -15.40
N ASP A 477 16.18 -26.26 -15.09
CA ASP A 477 15.76 -27.48 -15.83
C ASP A 477 15.59 -27.15 -17.33
N GLU A 478 15.03 -25.99 -17.69
CA GLU A 478 14.83 -25.57 -19.10
C GLU A 478 16.11 -24.98 -19.74
N ASN A 479 17.30 -25.11 -19.13
CA ASN A 479 18.53 -24.48 -19.67
C ASN A 479 19.74 -25.36 -19.32
N LYS A 480 19.65 -26.69 -19.48
CA LYS A 480 20.68 -27.61 -18.93
C LYS A 480 22.05 -27.24 -19.53
N GLU A 481 22.20 -26.90 -20.81
CA GLU A 481 23.56 -26.69 -21.41
C GLU A 481 24.23 -25.46 -20.76
N VAL A 482 23.51 -24.34 -20.77
CA VAL A 482 23.98 -23.04 -20.18
C VAL A 482 24.28 -23.22 -18.68
N VAL A 483 23.30 -23.62 -17.87
CA VAL A 483 23.45 -23.77 -16.39
C VAL A 483 24.67 -24.64 -16.08
N GLU A 484 24.82 -25.78 -16.76
CA GLU A 484 25.88 -26.77 -16.47
C GLU A 484 27.22 -26.03 -16.59
N GLN A 485 27.36 -25.13 -17.56
CA GLN A 485 28.60 -24.33 -17.79
C GLN A 485 28.79 -23.38 -16.60
N LEU A 486 27.72 -22.70 -16.18
CA LEU A 486 27.76 -21.73 -15.06
C LEU A 486 28.15 -22.47 -13.78
N TYR A 487 27.58 -23.66 -13.55
CA TYR A 487 27.92 -24.50 -12.37
C TYR A 487 29.44 -24.79 -12.41
N ARG A 488 30.00 -25.18 -13.56
CA ARG A 488 31.45 -25.52 -13.72
C ARG A 488 32.26 -24.25 -13.40
N GLU A 489 31.87 -23.06 -13.86
CA GLU A 489 32.76 -21.89 -13.67
C GLU A 489 32.69 -21.50 -12.20
N MET A 490 31.54 -21.70 -11.53
CA MET A 490 31.40 -21.40 -10.08
C MET A 490 32.32 -22.33 -9.29
N GLY A 491 32.23 -23.64 -9.56
CA GLY A 491 33.12 -24.67 -9.00
C GLY A 491 34.58 -24.26 -9.04
N THR A 492 35.07 -23.91 -10.22
CA THR A 492 36.51 -23.56 -10.40
C THR A 492 36.85 -22.43 -9.46
N MET A 493 36.03 -21.37 -9.51
CA MET A 493 36.29 -20.09 -8.78
C MET A 493 36.22 -20.32 -7.28
N LEU A 494 35.22 -21.07 -6.83
CA LEU A 494 35.00 -21.29 -5.39
C LEU A 494 36.13 -22.14 -4.81
N LYS A 495 36.61 -23.14 -5.57
CA LYS A 495 37.80 -23.97 -5.18
C LYS A 495 39.08 -23.15 -5.14
N GLU A 496 39.26 -22.24 -6.13
CA GLU A 496 40.44 -21.33 -6.31
C GLU A 496 40.57 -20.43 -5.09
N ILE A 497 39.48 -19.80 -4.65
CA ILE A 497 39.53 -18.81 -3.54
C ILE A 497 39.40 -19.55 -2.18
N ASP A 498 39.13 -20.87 -2.20
CA ASP A 498 38.98 -21.73 -1.00
C ASP A 498 37.80 -21.20 -0.17
N ASP A 499 36.68 -21.02 -0.85
CA ASP A 499 35.41 -20.48 -0.32
C ASP A 499 34.75 -21.58 0.52
N PRO A 500 34.06 -21.19 1.61
CA PRO A 500 33.23 -22.11 2.37
C PRO A 500 32.38 -23.08 1.52
N TRP A 501 31.74 -22.65 0.42
CA TRP A 501 30.91 -23.60 -0.38
C TRP A 501 31.80 -24.75 -0.82
N TYR A 502 33.06 -24.46 -1.17
CA TYR A 502 34.03 -25.48 -1.64
C TYR A 502 34.39 -26.34 -0.44
N THR A 503 34.93 -25.75 0.62
CA THR A 503 35.42 -26.51 1.80
C THR A 503 34.23 -27.29 2.41
N GLU A 504 32.98 -26.83 2.33
CA GLU A 504 31.81 -27.57 2.89
C GLU A 504 31.11 -28.40 1.79
N LYS A 505 31.76 -28.63 0.63
CA LYS A 505 31.27 -29.38 -0.56
C LYS A 505 29.74 -29.14 -0.71
N ILE A 506 29.30 -27.88 -0.61
CA ILE A 506 27.87 -27.40 -0.74
C ILE A 506 27.41 -27.45 -2.20
N LEU A 507 26.22 -28.02 -2.40
CA LEU A 507 25.62 -28.33 -3.71
C LEU A 507 26.59 -29.11 -4.59
N SER A 508 27.45 -29.93 -3.95
CA SER A 508 28.36 -30.98 -4.50
C SER A 508 27.63 -31.79 -5.56
N ASP A 509 26.31 -31.83 -5.49
CA ASP A 509 25.45 -32.70 -6.34
C ASP A 509 25.22 -32.01 -7.70
N ARG A 510 25.23 -30.67 -7.81
CA ARG A 510 25.18 -29.94 -9.09
C ARG A 510 26.51 -29.29 -9.48
N ILE A 511 27.40 -28.91 -8.54
CA ILE A 511 28.62 -28.09 -8.80
C ILE A 511 29.83 -29.03 -8.82
N PRO A 512 30.56 -29.15 -9.96
CA PRO A 512 31.71 -30.06 -10.03
C PRO A 512 32.94 -29.39 -9.42
N TYR A 513 33.62 -30.00 -8.47
CA TYR A 513 34.66 -29.26 -7.68
C TYR A 513 36.10 -29.79 -7.99
N HIS B 29 -30.20 -15.48 6.18
CA HIS B 29 -29.28 -16.08 5.14
C HIS B 29 -27.83 -16.08 5.62
N PRO B 30 -27.13 -17.25 5.55
CA PRO B 30 -25.81 -17.40 6.16
C PRO B 30 -24.66 -16.85 5.27
N ASN B 31 -23.47 -16.74 5.86
CA ASN B 31 -22.24 -16.43 5.11
C ASN B 31 -21.84 -17.70 4.32
N ILE B 32 -20.99 -17.52 3.30
CA ILE B 32 -20.50 -18.60 2.39
C ILE B 32 -19.04 -18.28 2.01
N ILE B 33 -18.15 -19.26 2.19
CA ILE B 33 -16.78 -19.25 1.61
C ILE B 33 -16.70 -20.39 0.57
N TYR B 34 -16.29 -20.09 -0.67
CA TYR B 34 -15.99 -21.10 -1.72
C TYR B 34 -14.48 -21.02 -1.96
N VAL B 35 -13.75 -22.04 -1.48
CA VAL B 35 -12.27 -22.10 -1.57
C VAL B 35 -11.99 -23.08 -2.71
N PHE B 36 -11.37 -22.65 -3.82
CA PHE B 36 -11.12 -23.53 -4.99
C PHE B 36 -9.71 -23.33 -5.55
N PRO B 37 -8.77 -24.15 -5.04
CA PRO B 37 -7.44 -24.25 -5.61
C PRO B 37 -7.61 -24.81 -7.03
N ASP B 38 -6.73 -24.35 -7.91
CA ASP B 38 -6.70 -24.73 -9.34
C ASP B 38 -5.99 -26.09 -9.46
N GLN B 39 -6.50 -26.96 -10.31
CA GLN B 39 -5.75 -28.13 -10.84
C GLN B 39 -5.54 -29.12 -9.69
N TYR B 40 -6.57 -29.28 -8.84
CA TYR B 40 -6.58 -30.12 -7.62
C TYR B 40 -7.52 -31.32 -7.82
N ARG B 41 -6.95 -32.52 -8.11
CA ARG B 41 -7.60 -33.85 -8.24
C ARG B 41 -8.52 -34.07 -7.04
N ASN B 42 -9.72 -34.61 -7.23
CA ASN B 42 -10.50 -35.17 -6.09
C ASN B 42 -9.64 -36.23 -5.40
N GLN B 43 -8.83 -36.97 -6.15
CA GLN B 43 -8.05 -38.10 -5.59
C GLN B 43 -6.96 -37.63 -4.59
N ALA B 44 -6.59 -36.34 -4.58
CA ALA B 44 -5.43 -35.82 -3.82
C ALA B 44 -5.88 -35.38 -2.42
N MET B 45 -6.55 -36.26 -1.69
CA MET B 45 -7.04 -35.94 -0.32
C MET B 45 -6.86 -37.17 0.58
N GLY B 46 -6.12 -36.99 1.67
CA GLY B 46 -5.76 -38.04 2.63
C GLY B 46 -6.97 -38.88 2.95
N PHE B 47 -8.10 -38.24 3.21
CA PHE B 47 -9.25 -38.91 3.85
C PHE B 47 -9.78 -40.04 2.96
N TRP B 48 -9.43 -40.10 1.65
CA TRP B 48 -9.94 -41.18 0.74
C TRP B 48 -9.32 -42.53 1.10
N ASN B 49 -8.26 -42.59 1.91
CA ASN B 49 -7.67 -43.86 2.39
C ASN B 49 -8.11 -44.13 3.83
N GLN B 50 -8.91 -43.27 4.44
CA GLN B 50 -9.23 -43.39 5.89
C GLN B 50 -10.52 -44.21 6.03
N GLU B 51 -10.77 -44.73 7.24
CA GLU B 51 -11.89 -45.67 7.53
C GLU B 51 -13.18 -44.93 7.18
N GLY B 52 -14.16 -45.62 6.57
CA GLY B 52 -15.47 -45.01 6.23
C GLY B 52 -15.47 -44.51 4.80
N PHE B 53 -14.72 -43.44 4.57
CA PHE B 53 -14.43 -42.82 3.25
C PHE B 53 -13.89 -43.84 2.23
N ARG B 54 -12.89 -44.64 2.60
CA ARG B 54 -12.11 -45.46 1.64
C ARG B 54 -13.00 -46.54 1.00
N ASP B 55 -14.15 -46.80 1.59
CA ASP B 55 -15.11 -47.87 1.23
C ASP B 55 -16.18 -47.28 0.30
N LYS B 56 -16.02 -46.03 -0.10
CA LYS B 56 -17.07 -45.28 -0.85
C LYS B 56 -16.55 -44.90 -2.23
N VAL B 57 -15.32 -45.30 -2.61
CA VAL B 57 -14.64 -44.90 -3.88
C VAL B 57 -13.95 -46.12 -4.49
N ASN B 58 -13.85 -46.17 -5.82
CA ASN B 58 -13.13 -47.24 -6.56
C ASN B 58 -11.63 -47.01 -6.60
N PHE B 59 -11.11 -45.83 -6.24
CA PHE B 59 -9.65 -45.51 -6.37
C PHE B 59 -8.94 -45.55 -5.02
N ARG B 60 -7.63 -45.77 -5.05
CA ARG B 60 -6.75 -45.52 -3.88
C ARG B 60 -6.40 -44.02 -3.99
N GLY B 61 -6.71 -43.30 -2.92
CA GLY B 61 -6.33 -41.89 -2.79
C GLY B 61 -4.83 -41.74 -2.87
N ASP B 62 -4.36 -40.64 -3.43
CA ASP B 62 -2.92 -40.25 -3.36
C ASP B 62 -2.40 -40.24 -1.91
N PRO B 63 -1.14 -40.64 -1.69
CA PRO B 63 -0.52 -40.60 -0.35
C PRO B 63 -0.13 -39.18 0.05
N VAL B 64 -1.12 -38.32 0.25
CA VAL B 64 -0.91 -36.86 0.53
C VAL B 64 -1.34 -36.55 1.98
N HIS B 65 -0.64 -35.61 2.62
CA HIS B 65 -0.80 -35.25 4.07
C HIS B 65 -1.63 -33.97 4.02
N THR B 66 -2.97 -34.11 4.18
CA THR B 66 -3.98 -33.00 4.16
C THR B 66 -4.84 -33.04 5.42
N PRO B 67 -4.25 -32.81 6.62
CA PRO B 67 -4.99 -32.92 7.88
C PRO B 67 -6.18 -31.97 8.04
N ASN B 68 -6.05 -30.74 7.61
CA ASN B 68 -7.13 -29.74 7.77
C ASN B 68 -8.38 -30.18 6.97
N ILE B 69 -8.18 -30.57 5.71
CA ILE B 69 -9.26 -31.04 4.80
C ILE B 69 -9.85 -32.34 5.37
N ASP B 70 -8.99 -33.25 5.88
CA ASP B 70 -9.39 -34.58 6.43
C ASP B 70 -10.38 -34.35 7.59
N THR B 71 -10.04 -33.45 8.50
CA THR B 71 -10.95 -33.13 9.63
C THR B 71 -12.19 -32.46 9.08
N PHE B 72 -12.03 -31.52 8.14
CA PHE B 72 -13.17 -30.80 7.52
C PHE B 72 -14.15 -31.82 6.92
N ALA B 73 -13.65 -32.85 6.25
CA ALA B 73 -14.46 -33.83 5.47
C ALA B 73 -15.42 -34.56 6.40
N ARG B 74 -15.02 -34.73 7.69
CA ARG B 74 -15.84 -35.38 8.76
C ARG B 74 -16.94 -34.43 9.25
N GLU B 75 -16.85 -33.14 8.93
CA GLU B 75 -17.86 -32.13 9.34
C GLU B 75 -18.78 -31.82 8.15
N SER B 76 -18.56 -32.38 6.96
CA SER B 76 -19.29 -31.97 5.72
C SER B 76 -19.89 -33.12 4.89
N MET B 77 -20.85 -32.77 4.04
CA MET B 77 -21.29 -33.64 2.92
C MET B 77 -20.18 -33.61 1.86
N VAL B 78 -19.66 -34.77 1.50
CA VAL B 78 -18.46 -34.99 0.66
C VAL B 78 -18.87 -35.76 -0.59
N LEU B 79 -18.61 -35.22 -1.77
CA LEU B 79 -18.98 -35.89 -3.02
C LEU B 79 -17.76 -36.68 -3.48
N THR B 80 -18.09 -37.86 -4.02
CA THR B 80 -17.15 -38.79 -4.64
C THR B 80 -16.97 -38.40 -6.10
N SER B 81 -17.90 -37.64 -6.66
CA SER B 81 -18.19 -37.71 -8.12
C SER B 81 -18.61 -36.39 -8.72
N ALA B 82 -18.23 -35.30 -8.11
CA ALA B 82 -18.33 -33.97 -8.73
C ALA B 82 -17.59 -34.01 -10.07
N GLN B 83 -18.15 -33.41 -11.14
CA GLN B 83 -17.51 -33.39 -12.48
C GLN B 83 -17.29 -31.96 -12.95
N SER B 84 -16.07 -31.71 -13.44
CA SER B 84 -15.74 -30.56 -14.29
C SER B 84 -16.04 -30.97 -15.73
N ASN B 85 -17.22 -30.58 -16.22
CA ASN B 85 -17.71 -30.97 -17.55
C ASN B 85 -16.68 -30.54 -18.60
N CYS B 86 -16.03 -29.40 -18.43
CA CYS B 86 -14.93 -28.93 -19.31
C CYS B 86 -13.77 -28.65 -18.38
N PRO B 87 -12.91 -29.68 -18.15
CA PRO B 87 -11.82 -29.60 -17.18
C PRO B 87 -10.69 -28.71 -17.68
N LEU B 88 -10.89 -27.41 -17.53
CA LEU B 88 -9.98 -26.36 -18.05
C LEU B 88 -10.41 -25.06 -17.38
N SER B 89 -9.46 -24.19 -17.00
CA SER B 89 -9.67 -23.06 -16.07
C SER B 89 -10.87 -22.23 -16.50
N SER B 90 -10.72 -21.46 -17.58
CA SER B 90 -11.72 -20.40 -17.88
C SER B 90 -13.08 -21.05 -18.10
N PRO B 91 -13.19 -22.12 -18.93
CA PRO B 91 -14.47 -22.76 -19.18
C PRO B 91 -15.29 -23.06 -17.92
N HIS B 92 -14.58 -23.60 -16.92
CA HIS B 92 -15.14 -24.01 -15.60
C HIS B 92 -15.59 -22.78 -14.84
N ARG B 93 -14.67 -21.84 -14.67
CA ARG B 93 -14.93 -20.52 -14.00
C ARG B 93 -16.15 -19.84 -14.65
N GLY B 94 -16.31 -20.01 -15.95
CA GLY B 94 -17.45 -19.45 -16.70
C GLY B 94 -18.72 -20.13 -16.24
N MET B 95 -18.70 -21.47 -16.13
CA MET B 95 -19.88 -22.22 -15.64
C MET B 95 -20.07 -21.91 -14.14
N LEU B 96 -18.98 -21.77 -13.40
CA LEU B 96 -19.03 -21.56 -11.94
C LEU B 96 -19.79 -20.27 -11.64
N LEU B 97 -19.46 -19.20 -12.38
CA LEU B 97 -19.93 -17.83 -12.06
C LEU B 97 -21.29 -17.56 -12.69
N THR B 98 -21.68 -18.28 -13.74
CA THR B 98 -22.91 -17.98 -14.51
C THR B 98 -23.99 -19.04 -14.30
N GLY B 99 -23.59 -20.23 -13.88
CA GLY B 99 -24.50 -21.39 -13.83
C GLY B 99 -24.95 -21.84 -15.21
N MET B 100 -24.21 -21.52 -16.28
CA MET B 100 -24.51 -21.91 -17.69
C MET B 100 -23.33 -22.71 -18.29
N TYR B 101 -23.62 -23.66 -19.18
CA TYR B 101 -22.61 -24.49 -19.90
C TYR B 101 -21.79 -23.56 -20.81
N PRO B 102 -20.63 -24.01 -21.34
CA PRO B 102 -19.70 -23.09 -22.00
C PRO B 102 -20.22 -22.44 -23.29
N ASN B 103 -21.30 -22.95 -23.88
CA ASN B 103 -21.94 -22.32 -25.05
C ASN B 103 -22.66 -21.03 -24.68
N ARG B 104 -22.87 -20.75 -23.41
CA ARG B 104 -23.71 -19.60 -22.95
C ARG B 104 -23.01 -18.79 -21.85
N SER B 105 -21.93 -19.29 -21.25
CA SER B 105 -21.22 -18.57 -20.17
C SER B 105 -20.56 -17.36 -20.80
N GLY B 106 -20.22 -17.46 -22.08
CA GLY B 106 -19.29 -16.52 -22.74
C GLY B 106 -17.90 -17.12 -22.82
N VAL B 107 -17.67 -18.31 -22.23
CA VAL B 107 -16.29 -18.78 -21.90
C VAL B 107 -16.10 -20.23 -22.37
N PRO B 108 -16.01 -20.40 -23.70
CA PRO B 108 -15.77 -21.72 -24.29
C PRO B 108 -14.32 -22.19 -24.31
N LEU B 109 -13.39 -21.26 -24.25
CA LEU B 109 -11.95 -21.60 -24.20
C LEU B 109 -11.30 -21.00 -22.95
N ASN B 110 -10.11 -21.47 -22.58
CA ASN B 110 -9.14 -20.72 -21.73
C ASN B 110 -9.00 -19.29 -22.26
N CYS B 111 -9.10 -18.29 -21.37
CA CYS B 111 -8.92 -16.86 -21.67
C CYS B 111 -7.44 -16.56 -21.96
N ASN B 112 -7.15 -15.85 -23.03
CA ASN B 112 -5.83 -15.23 -23.38
C ASN B 112 -6.09 -14.34 -24.62
N SER B 113 -5.07 -13.57 -25.02
CA SER B 113 -5.15 -12.43 -25.97
C SER B 113 -5.47 -12.93 -27.38
N THR B 114 -5.33 -14.24 -27.57
CA THR B 114 -5.60 -15.04 -28.78
C THR B 114 -7.11 -15.18 -29.00
N ARG B 115 -7.89 -15.11 -27.93
CA ARG B 115 -9.29 -15.62 -27.90
C ARG B 115 -10.24 -14.55 -27.40
N PRO B 116 -10.52 -13.54 -28.25
CA PRO B 116 -11.51 -12.51 -27.95
C PRO B 116 -12.88 -13.15 -27.78
N ILE B 117 -13.13 -14.32 -28.36
CA ILE B 117 -14.48 -14.96 -28.35
C ILE B 117 -14.79 -15.50 -26.94
N SER B 118 -13.80 -15.54 -26.02
CA SER B 118 -13.93 -16.24 -24.72
C SER B 118 -13.59 -15.28 -23.60
N SER B 119 -14.62 -14.87 -22.87
CA SER B 119 -14.58 -13.81 -21.84
C SER B 119 -15.94 -13.81 -21.15
N LEU B 120 -15.99 -13.53 -19.85
CA LEU B 120 -17.23 -13.73 -19.06
C LEU B 120 -18.22 -12.68 -19.53
N ARG B 121 -19.40 -13.11 -19.93
CA ARG B 121 -20.51 -12.23 -20.37
C ARG B 121 -20.78 -11.08 -19.38
N ASP B 122 -20.63 -9.82 -19.85
CA ASP B 122 -20.97 -8.57 -19.11
C ASP B 122 -22.44 -8.63 -18.71
N ASP B 123 -23.28 -9.13 -19.57
CA ASP B 123 -24.74 -9.10 -19.34
C ASP B 123 -25.22 -10.32 -18.55
N ALA B 124 -24.35 -11.21 -18.08
CA ALA B 124 -24.81 -12.35 -17.27
C ALA B 124 -25.13 -11.88 -15.85
N GLU B 125 -26.17 -12.46 -15.25
CA GLU B 125 -26.46 -12.29 -13.82
C GLU B 125 -25.71 -13.40 -13.11
N CYS B 126 -24.49 -13.07 -12.63
CA CYS B 126 -23.52 -14.02 -12.04
C CYS B 126 -23.82 -14.27 -10.55
N ILE B 127 -23.14 -15.26 -9.98
CA ILE B 127 -23.29 -15.66 -8.55
C ILE B 127 -23.08 -14.41 -7.69
N GLY B 128 -22.10 -13.58 -8.04
CA GLY B 128 -21.78 -12.37 -7.26
C GLY B 128 -22.88 -11.34 -7.35
N ASP B 129 -23.50 -11.20 -8.50
CA ASP B 129 -24.62 -10.25 -8.75
C ASP B 129 -25.82 -10.62 -7.86
N VAL B 130 -26.21 -11.89 -7.77
CA VAL B 130 -27.39 -12.35 -6.95
C VAL B 130 -27.16 -12.09 -5.46
N PHE B 131 -26.02 -12.57 -4.96
CA PHE B 131 -25.61 -12.37 -3.55
C PHE B 131 -25.67 -10.87 -3.24
N SER B 132 -24.85 -10.09 -3.93
CA SER B 132 -24.86 -8.61 -3.86
C SER B 132 -26.29 -8.07 -3.83
N LYS B 133 -27.10 -8.35 -4.86
CA LYS B 133 -28.51 -7.87 -4.97
C LYS B 133 -29.26 -8.28 -3.68
N ALA B 134 -28.89 -9.36 -2.98
CA ALA B 134 -29.64 -9.86 -1.80
C ALA B 134 -29.10 -9.27 -0.47
N GLY B 135 -28.11 -8.37 -0.48
CA GLY B 135 -27.61 -7.66 0.71
C GLY B 135 -26.24 -8.14 1.21
N TYR B 136 -25.59 -9.07 0.48
CA TYR B 136 -24.26 -9.62 0.84
C TYR B 136 -23.16 -8.64 0.46
N ASP B 137 -22.14 -8.48 1.33
CA ASP B 137 -20.76 -8.14 0.88
C ASP B 137 -20.20 -9.37 0.14
N CYS B 138 -19.58 -9.14 -1.00
CA CYS B 138 -18.97 -10.18 -1.85
C CYS B 138 -17.51 -9.77 -2.05
N ALA B 139 -16.61 -10.73 -1.92
CA ALA B 139 -15.15 -10.51 -1.98
C ALA B 139 -14.45 -11.64 -2.76
N TYR B 140 -13.60 -11.27 -3.73
CA TYR B 140 -12.91 -12.25 -4.60
C TYR B 140 -11.39 -12.13 -4.37
N PHE B 141 -10.76 -13.24 -4.02
CA PHE B 141 -9.30 -13.32 -3.77
C PHE B 141 -8.68 -14.29 -4.77
N GLY B 142 -7.53 -13.94 -5.33
CA GLY B 142 -6.75 -14.83 -6.19
C GLY B 142 -7.20 -14.85 -7.65
N LYS B 143 -7.07 -16.03 -8.28
CA LYS B 143 -7.12 -16.25 -9.75
C LYS B 143 -8.58 -16.16 -10.20
N LEU B 144 -8.88 -15.36 -11.23
CA LEU B 144 -10.24 -15.20 -11.80
C LEU B 144 -10.32 -15.88 -13.16
N HIS B 145 -9.29 -15.65 -13.96
CA HIS B 145 -9.05 -16.22 -15.31
C HIS B 145 -10.35 -16.33 -16.08
N ALA B 146 -11.11 -15.25 -16.26
CA ALA B 146 -12.47 -15.34 -16.86
C ALA B 146 -12.70 -14.16 -17.78
N ASP B 147 -11.74 -13.24 -17.90
CA ASP B 147 -11.84 -12.07 -18.80
C ASP B 147 -10.75 -12.20 -19.87
N PHE B 148 -11.08 -11.82 -21.10
CA PHE B 148 -10.16 -11.65 -22.24
C PHE B 148 -9.24 -10.46 -21.97
N PRO B 149 -7.92 -10.69 -21.89
CA PRO B 149 -6.95 -9.61 -21.69
C PRO B 149 -7.08 -8.45 -22.68
N THR B 150 -6.98 -7.22 -22.16
CA THR B 150 -7.02 -5.94 -22.89
C THR B 150 -5.87 -5.05 -22.42
N PRO B 151 -5.44 -4.06 -23.22
CA PRO B 151 -4.50 -3.02 -22.75
C PRO B 151 -5.12 -2.12 -21.67
N ASN B 152 -5.29 -2.69 -20.48
CA ASN B 152 -6.33 -2.45 -19.46
C ASN B 152 -5.75 -1.75 -18.24
N ASP B 153 -4.41 -1.72 -18.15
CA ASP B 153 -3.64 -1.78 -16.88
C ASP B 153 -3.86 -0.47 -16.11
N PRO B 154 -4.40 -0.51 -14.89
CA PRO B 154 -4.66 0.71 -14.13
C PRO B 154 -3.43 1.60 -13.94
N GLU B 155 -2.22 1.07 -13.80
CA GLU B 155 -1.00 1.84 -13.43
C GLU B 155 0.01 2.01 -14.59
N ASN B 156 -0.18 1.43 -15.79
CA ASN B 156 0.51 1.86 -17.05
C ASN B 156 -0.61 1.87 -18.10
N PRO B 157 -1.41 2.95 -18.20
CA PRO B 157 -2.77 2.91 -18.76
C PRO B 157 -3.13 2.30 -20.11
N GLY B 158 -2.49 2.61 -21.23
CA GLY B 158 -2.93 2.05 -22.52
C GLY B 158 -2.27 0.70 -22.81
N GLN B 159 -1.87 -0.06 -21.78
CA GLN B 159 -0.85 -1.15 -21.83
C GLN B 159 -1.43 -2.47 -21.29
N TYR B 160 -1.03 -3.60 -21.87
CA TYR B 160 -1.27 -4.96 -21.31
C TYR B 160 -0.53 -5.06 -19.99
N VAL B 161 -1.01 -5.91 -19.06
CA VAL B 161 -0.51 -5.97 -17.66
C VAL B 161 0.81 -6.77 -17.58
N GLU B 162 1.15 -7.43 -18.66
CA GLU B 162 2.37 -8.25 -18.76
C GLU B 162 2.82 -8.15 -20.21
N THR B 163 3.99 -8.68 -20.47
CA THR B 163 4.73 -8.49 -21.75
C THR B 163 4.69 -9.81 -22.51
N GLN B 164 4.76 -10.96 -21.82
CA GLN B 164 4.40 -12.31 -22.31
C GLN B 164 3.43 -12.17 -23.50
N ARG B 165 3.75 -12.81 -24.62
CA ARG B 165 2.78 -13.06 -25.72
C ARG B 165 2.75 -14.55 -25.98
N PRO B 166 1.58 -15.22 -25.97
CA PRO B 166 0.29 -14.54 -25.85
C PRO B 166 0.16 -13.95 -24.44
N VAL B 167 -0.71 -12.93 -24.31
CA VAL B 167 -1.07 -12.33 -22.98
C VAL B 167 -2.11 -13.23 -22.31
N TRP B 168 -1.88 -13.57 -21.04
CA TRP B 168 -2.75 -14.49 -20.26
C TRP B 168 -3.43 -13.70 -19.14
N ASP B 169 -2.69 -12.80 -18.47
CA ASP B 169 -3.17 -12.04 -17.29
C ASP B 169 -4.17 -10.97 -17.77
N ALA B 170 -5.05 -10.48 -16.88
CA ALA B 170 -6.04 -9.42 -17.17
C ALA B 170 -6.41 -8.71 -15.87
N TYR B 171 -6.63 -7.39 -15.96
CA TYR B 171 -7.15 -6.57 -14.84
C TYR B 171 -8.65 -6.48 -15.01
N THR B 172 -9.40 -6.59 -13.92
CA THR B 172 -10.89 -6.59 -13.97
C THR B 172 -11.39 -5.32 -13.28
N PRO B 173 -11.84 -4.28 -14.03
CA PRO B 173 -12.30 -3.04 -13.42
C PRO B 173 -13.61 -3.16 -12.64
N LYS B 174 -13.91 -2.22 -11.70
CA LYS B 174 -15.12 -2.22 -10.81
C LYS B 174 -16.37 -2.48 -11.68
N GLU B 175 -16.50 -1.79 -12.83
CA GLU B 175 -17.64 -1.94 -13.80
C GLU B 175 -17.92 -3.45 -14.04
N GLN B 176 -16.90 -4.31 -14.02
CA GLN B 176 -16.97 -5.67 -14.63
C GLN B 176 -16.77 -6.78 -13.59
N ARG B 177 -17.04 -6.51 -12.30
CA ARG B 177 -16.72 -7.44 -11.19
C ARG B 177 -17.99 -8.13 -10.66
N HIS B 178 -19.12 -8.01 -11.34
CA HIS B 178 -20.36 -8.79 -11.05
C HIS B 178 -20.55 -8.99 -9.54
N GLY B 179 -20.63 -7.90 -8.78
CA GLY B 179 -21.21 -7.85 -7.42
C GLY B 179 -20.15 -7.80 -6.33
N PHE B 180 -18.89 -8.02 -6.70
CA PHE B 180 -17.76 -8.04 -5.73
C PHE B 180 -17.38 -6.58 -5.43
N ASN B 181 -17.79 -6.11 -4.26
CA ASN B 181 -17.37 -4.81 -3.68
C ASN B 181 -16.00 -4.97 -3.02
N TYR B 182 -15.43 -6.17 -2.87
CA TYR B 182 -14.02 -6.31 -2.38
C TYR B 182 -13.21 -7.14 -3.38
N TRP B 183 -12.19 -6.53 -4.00
CA TRP B 183 -11.31 -7.15 -5.01
C TRP B 183 -9.89 -7.28 -4.44
N TYR B 184 -9.33 -8.50 -4.52
CA TYR B 184 -7.88 -8.75 -4.39
C TYR B 184 -7.51 -9.93 -5.31
N SER B 185 -7.25 -9.67 -6.59
CA SER B 185 -7.41 -10.68 -7.68
C SER B 185 -6.58 -10.33 -8.94
N TYR B 186 -6.10 -11.40 -9.62
CA TYR B 186 -5.38 -11.36 -10.92
C TYR B 186 -6.21 -12.21 -11.89
N GLY B 187 -5.86 -12.16 -13.17
CA GLY B 187 -6.42 -13.04 -14.22
C GLY B 187 -5.79 -14.42 -14.14
N THR B 188 -4.52 -14.57 -14.54
CA THR B 188 -3.67 -15.77 -14.28
C THR B 188 -2.20 -15.37 -14.34
N PHE B 189 -1.38 -16.02 -13.54
CA PHE B 189 0.06 -15.67 -13.33
C PHE B 189 0.63 -16.67 -12.35
N ASP B 190 1.51 -17.46 -12.93
CA ASP B 190 1.96 -18.73 -12.38
C ASP B 190 3.42 -18.58 -11.91
N GLU B 191 3.87 -17.44 -11.36
CA GLU B 191 5.03 -17.40 -10.40
C GLU B 191 4.43 -17.46 -8.98
N HIS B 192 4.45 -18.61 -8.31
CA HIS B 192 3.68 -18.85 -7.07
C HIS B 192 4.27 -18.10 -5.87
N LYS B 193 5.57 -17.82 -5.87
CA LYS B 193 6.16 -17.04 -4.76
C LYS B 193 6.38 -15.58 -5.17
N ASN B 194 6.00 -15.19 -6.39
CA ASN B 194 5.96 -13.76 -6.81
C ASN B 194 4.59 -13.39 -7.37
N PRO B 195 3.47 -13.73 -6.70
CA PRO B 195 2.15 -13.48 -7.25
C PRO B 195 1.89 -11.99 -7.10
N HIS B 196 0.85 -11.55 -7.80
CA HIS B 196 0.41 -10.14 -7.76
C HIS B 196 -1.12 -10.09 -7.83
N TYR B 197 -1.67 -9.02 -7.28
CA TYR B 197 -3.11 -8.83 -6.95
C TYR B 197 -3.47 -7.37 -7.26
N TRP B 198 -4.64 -7.08 -7.86
CA TRP B 198 -5.19 -5.71 -7.92
C TRP B 198 -6.21 -5.54 -6.78
N ASP B 199 -6.11 -4.48 -5.99
CA ASP B 199 -7.04 -4.29 -4.85
C ASP B 199 -8.30 -3.63 -5.39
N THR B 200 -9.27 -3.41 -4.52
CA THR B 200 -10.55 -2.76 -4.86
C THR B 200 -10.28 -1.51 -5.73
N ASP B 201 -9.16 -0.78 -5.54
CA ASP B 201 -8.93 0.55 -6.15
C ASP B 201 -8.04 0.44 -7.41
N GLY B 202 -7.64 -0.76 -7.82
CA GLY B 202 -6.76 -0.93 -8.98
C GLY B 202 -5.29 -0.74 -8.63
N LYS B 203 -4.96 -0.70 -7.34
CA LYS B 203 -3.54 -0.68 -6.90
C LYS B 203 -3.00 -2.11 -7.01
N ARG B 204 -1.88 -2.28 -7.69
CA ARG B 204 -1.21 -3.61 -7.78
C ARG B 204 -0.36 -3.85 -6.54
N HIS B 205 -0.33 -5.09 -6.07
CA HIS B 205 0.43 -5.53 -4.88
C HIS B 205 1.30 -6.72 -5.28
N ASP B 206 2.57 -6.70 -4.88
CA ASP B 206 3.56 -7.78 -5.10
C ASP B 206 4.24 -8.11 -3.77
N PRO B 207 3.56 -8.90 -2.92
CA PRO B 207 4.21 -9.52 -1.77
C PRO B 207 5.14 -10.51 -2.44
N LYS B 208 6.01 -11.12 -1.67
CA LYS B 208 6.90 -12.07 -2.34
C LYS B 208 6.72 -13.30 -1.50
N GLU B 209 5.47 -13.78 -1.49
CA GLU B 209 4.91 -14.75 -0.52
C GLU B 209 4.22 -15.90 -1.30
N TRP B 210 4.37 -17.16 -0.89
CA TRP B 210 3.73 -18.29 -1.61
C TRP B 210 2.20 -18.01 -1.65
N SER B 211 1.60 -17.96 -2.85
CA SER B 211 0.25 -17.41 -3.16
C SER B 211 -0.75 -17.85 -2.08
N PRO B 212 -0.92 -19.17 -1.83
CA PRO B 212 -2.02 -19.63 -0.99
C PRO B 212 -2.04 -19.05 0.45
N LEU B 213 -0.87 -19.00 1.06
CA LEU B 213 -0.70 -18.55 2.47
C LEU B 213 -0.90 -17.02 2.52
N HIS B 214 -0.50 -16.30 1.48
CA HIS B 214 -0.78 -14.84 1.38
C HIS B 214 -2.30 -14.62 1.23
N GLU B 215 -2.91 -15.31 0.25
CA GLU B 215 -4.37 -15.29 -0.03
C GLU B 215 -5.05 -15.62 1.32
N SER B 216 -4.56 -16.59 2.08
CA SER B 216 -5.27 -17.02 3.33
C SER B 216 -5.15 -15.94 4.41
N GLY B 217 -3.98 -15.34 4.62
CA GLY B 217 -3.79 -14.22 5.56
C GLY B 217 -4.73 -13.10 5.21
N LYS B 218 -4.90 -12.87 3.91
CA LYS B 218 -5.68 -11.75 3.35
C LYS B 218 -7.16 -11.98 3.64
N VAL B 219 -7.59 -13.24 3.65
CA VAL B 219 -8.98 -13.67 3.97
C VAL B 219 -9.25 -13.49 5.47
N VAL B 220 -8.34 -13.97 6.31
CA VAL B 220 -8.42 -13.79 7.79
C VAL B 220 -8.59 -12.29 8.13
N SER B 221 -7.88 -11.40 7.44
CA SER B 221 -8.02 -9.93 7.66
C SER B 221 -9.40 -9.46 7.22
N TYR B 222 -9.90 -9.89 6.08
CA TYR B 222 -11.28 -9.52 5.63
C TYR B 222 -12.29 -10.03 6.66
N LEU B 223 -11.99 -11.19 7.26
CA LEU B 223 -12.90 -11.82 8.25
C LEU B 223 -12.81 -11.00 9.53
N LYS B 224 -11.60 -10.61 9.95
CA LYS B 224 -11.37 -9.68 11.11
C LYS B 224 -11.89 -8.28 10.76
N ASN B 225 -12.35 -8.00 9.55
CA ASN B 225 -12.72 -6.64 9.05
C ASN B 225 -11.58 -5.61 9.23
N GLU B 226 -10.32 -6.05 9.24
CA GLU B 226 -9.14 -5.16 9.18
C GLU B 226 -9.25 -4.33 7.89
N GLY B 227 -8.83 -3.07 7.98
CA GLY B 227 -8.94 -2.05 6.92
C GLY B 227 -10.37 -1.60 6.73
N ASN B 228 -11.33 -2.03 7.58
CA ASN B 228 -12.74 -1.61 7.49
C ASN B 228 -13.23 -1.77 6.03
N VAL B 229 -13.25 -3.01 5.52
CA VAL B 229 -13.40 -3.38 4.08
C VAL B 229 -14.79 -3.94 3.85
N ARG B 230 -15.60 -3.98 4.90
CA ARG B 230 -16.79 -4.85 4.94
C ARG B 230 -17.68 -4.42 6.11
N ASP B 231 -18.98 -4.50 5.93
CA ASP B 231 -20.02 -4.18 6.94
C ASP B 231 -20.35 -5.46 7.72
N THR B 232 -19.93 -5.54 9.00
CA THR B 232 -20.11 -6.73 9.87
C THR B 232 -21.60 -7.05 10.06
N LYS B 233 -22.55 -6.13 9.76
CA LYS B 233 -24.02 -6.33 9.90
C LYS B 233 -24.52 -7.10 8.67
N LYS B 234 -23.96 -6.83 7.47
CA LYS B 234 -24.20 -7.59 6.19
C LYS B 234 -23.54 -8.99 6.33
N PRO B 235 -24.11 -10.11 5.83
CA PRO B 235 -23.36 -11.35 5.69
C PRO B 235 -22.38 -11.26 4.50
N PHE B 236 -21.48 -12.23 4.37
CA PHE B 236 -20.44 -12.17 3.32
C PHE B 236 -20.49 -13.43 2.44
N PHE B 237 -20.08 -13.25 1.19
CA PHE B 237 -19.77 -14.28 0.18
C PHE B 237 -18.31 -14.05 -0.28
N ILE B 238 -17.49 -15.08 -0.10
CA ILE B 238 -16.04 -15.03 -0.41
C ILE B 238 -15.75 -16.19 -1.37
N MET B 239 -14.98 -15.88 -2.42
CA MET B 239 -14.35 -16.87 -3.33
C MET B 239 -12.82 -16.70 -3.27
N VAL B 240 -12.13 -17.82 -3.06
CA VAL B 240 -10.65 -17.89 -2.98
C VAL B 240 -10.17 -18.83 -4.08
N GLY B 241 -9.54 -18.23 -5.12
CA GLY B 241 -9.05 -18.92 -6.30
C GLY B 241 -7.57 -19.09 -6.11
N MET B 242 -7.20 -20.10 -5.34
CA MET B 242 -5.77 -20.36 -5.14
C MET B 242 -5.23 -20.93 -6.46
N ASN B 243 -3.96 -20.62 -6.79
CA ASN B 243 -3.31 -21.07 -8.05
C ASN B 243 -2.75 -22.46 -7.79
N PRO B 244 -1.74 -22.64 -6.91
CA PRO B 244 -1.26 -24.00 -6.64
C PRO B 244 -2.44 -24.84 -6.18
N PRO B 245 -2.44 -26.17 -6.44
CA PRO B 245 -1.28 -26.89 -6.95
C PRO B 245 -1.10 -27.03 -8.48
N HIS B 246 -1.68 -26.10 -9.24
CA HIS B 246 -1.40 -25.84 -10.68
C HIS B 246 0.09 -25.63 -10.89
N SER B 247 0.57 -25.95 -12.09
CA SER B 247 1.96 -25.69 -12.59
C SER B 247 2.31 -24.23 -12.33
N PRO B 248 3.58 -23.87 -12.05
CA PRO B 248 4.71 -24.82 -11.96
C PRO B 248 4.85 -25.64 -10.67
N TYR B 249 5.59 -26.74 -10.77
CA TYR B 249 5.89 -27.69 -9.68
C TYR B 249 7.18 -28.45 -10.03
N ARG B 250 8.27 -27.72 -10.27
CA ARG B 250 9.54 -28.30 -10.79
C ARG B 250 10.61 -28.13 -9.71
N SER B 251 10.49 -27.14 -8.82
CA SER B 251 11.57 -26.68 -7.88
C SER B 251 11.03 -26.05 -6.59
N LEU B 252 11.93 -25.63 -5.70
CA LEU B 252 11.56 -24.95 -4.42
C LEU B 252 11.18 -23.48 -4.67
N ASN B 253 11.19 -23.02 -5.93
CA ASN B 253 10.65 -21.70 -6.32
C ASN B 253 9.10 -21.78 -6.27
N ASP B 254 8.52 -22.99 -6.26
CA ASP B 254 7.10 -23.29 -6.56
C ASP B 254 6.37 -23.93 -5.37
N CYS B 255 6.89 -23.86 -4.14
CA CYS B 255 6.23 -24.39 -2.90
C CYS B 255 7.12 -24.17 -1.68
N GLU B 256 6.61 -24.42 -0.45
CA GLU B 256 7.36 -24.20 0.81
C GLU B 256 8.19 -25.44 1.10
N GLU B 257 9.44 -25.25 1.56
CA GLU B 257 10.39 -26.35 1.88
C GLU B 257 9.74 -27.28 2.92
N GLN B 258 9.15 -26.70 3.97
CA GLN B 258 8.32 -27.36 5.02
C GLN B 258 7.49 -28.50 4.42
N ASP B 259 6.69 -28.19 3.40
CA ASP B 259 5.72 -29.10 2.73
C ASP B 259 6.48 -30.08 1.87
N PHE B 260 7.37 -29.57 1.01
CA PHE B 260 8.22 -30.39 0.10
C PHE B 260 8.95 -31.47 0.89
N ASN B 261 9.46 -31.15 2.08
CA ASN B 261 10.36 -32.08 2.80
C ASN B 261 9.56 -33.30 3.25
N LEU B 262 8.23 -33.33 3.08
CA LEU B 262 7.40 -34.52 3.47
C LEU B 262 7.34 -35.53 2.32
N TYR B 263 7.76 -35.15 1.10
CA TYR B 263 7.75 -35.94 -0.16
C TYR B 263 9.16 -36.04 -0.79
N LYS B 264 10.09 -35.17 -0.36
CA LYS B 264 11.50 -34.99 -0.86
C LYS B 264 12.16 -36.35 -1.09
N ASP B 265 12.11 -37.23 -0.07
CA ASP B 265 12.86 -38.50 -0.03
C ASP B 265 11.98 -39.70 -0.38
N GLN B 266 10.66 -39.55 -0.50
CA GLN B 266 9.77 -40.69 -0.86
C GLN B 266 10.14 -41.17 -2.27
N PRO B 267 10.22 -42.50 -2.53
CA PRO B 267 10.51 -42.99 -3.87
C PRO B 267 9.29 -42.80 -4.79
N LEU B 268 9.52 -42.54 -6.09
CA LEU B 268 8.44 -42.25 -7.07
C LEU B 268 7.34 -43.32 -7.05
N ASP B 269 7.70 -44.60 -6.92
CA ASP B 269 6.74 -45.73 -7.09
C ASP B 269 5.77 -45.75 -5.89
N SER B 270 5.99 -44.92 -4.86
CA SER B 270 5.12 -44.91 -3.65
C SER B 270 4.39 -43.56 -3.52
N LEU B 271 4.63 -42.60 -4.43
CA LEU B 271 3.87 -41.33 -4.55
C LEU B 271 2.82 -41.39 -5.69
N LEU B 272 3.21 -41.93 -6.84
CA LEU B 272 2.34 -42.17 -8.04
C LEU B 272 1.87 -43.62 -7.98
N ILE B 273 0.79 -43.88 -7.27
CA ILE B 273 0.32 -45.26 -7.01
C ILE B 273 -0.72 -45.64 -8.05
N ARG B 274 -1.14 -44.70 -8.88
CA ARG B 274 -2.22 -44.96 -9.86
C ARG B 274 -1.66 -45.86 -10.95
N PRO B 275 -2.12 -47.14 -11.13
CA PRO B 275 -1.52 -48.03 -12.10
C PRO B 275 -1.59 -47.57 -13.55
N ASN B 276 -2.22 -46.43 -13.84
CA ASN B 276 -2.29 -45.89 -15.23
C ASN B 276 -1.12 -44.93 -15.50
N VAL B 277 -0.13 -44.80 -14.61
CA VAL B 277 0.95 -43.78 -14.64
C VAL B 277 2.12 -44.35 -15.43
N ASP B 278 2.78 -43.55 -16.27
CA ASP B 278 4.10 -43.84 -16.85
C ASP B 278 5.14 -43.15 -15.98
N LEU B 279 5.75 -43.90 -15.04
CA LEU B 279 6.80 -43.42 -14.10
C LEU B 279 8.03 -42.90 -14.85
N ASN B 280 8.15 -43.11 -16.17
CA ASN B 280 9.40 -42.78 -16.90
C ASN B 280 9.30 -41.43 -17.58
N MET B 281 8.19 -40.71 -17.39
CA MET B 281 7.99 -39.38 -18.03
C MET B 281 8.87 -38.36 -17.32
N LYS B 282 9.54 -37.47 -18.06
CA LYS B 282 10.31 -36.34 -17.46
C LYS B 282 9.40 -35.78 -16.35
N LYS B 283 8.06 -35.79 -16.53
CA LYS B 283 7.06 -35.07 -15.68
C LYS B 283 7.00 -35.70 -14.29
N ALA B 284 7.13 -37.01 -14.19
CA ALA B 284 6.83 -37.80 -12.96
C ALA B 284 7.51 -37.17 -11.74
N GLU B 285 8.72 -36.62 -11.89
CA GLU B 285 9.48 -35.95 -10.81
C GLU B 285 8.61 -34.88 -10.12
N SER B 286 7.66 -34.31 -10.86
CA SER B 286 6.85 -33.16 -10.43
C SER B 286 5.87 -33.56 -9.31
N VAL B 287 5.65 -34.84 -9.06
CA VAL B 287 4.61 -35.29 -8.08
C VAL B 287 4.99 -34.73 -6.71
N ARG B 288 6.29 -34.70 -6.40
CA ARG B 288 6.81 -34.25 -5.09
C ARG B 288 6.33 -32.82 -4.86
N TYR B 289 6.39 -32.00 -5.90
CA TYR B 289 6.10 -30.54 -5.81
C TYR B 289 4.59 -30.32 -5.86
N TYR B 290 3.87 -31.12 -6.66
CA TYR B 290 2.38 -31.15 -6.71
C TYR B 290 1.88 -31.39 -5.31
N PHE B 291 2.31 -32.49 -4.69
CA PHE B 291 1.92 -32.92 -3.33
C PHE B 291 2.32 -31.85 -2.29
N ALA B 292 3.47 -31.20 -2.49
CA ALA B 292 3.92 -30.12 -1.58
C ALA B 292 2.91 -28.99 -1.63
N SER B 293 2.54 -28.59 -2.84
CA SER B 293 1.56 -27.52 -3.10
C SER B 293 0.22 -27.90 -2.47
N VAL B 294 -0.14 -29.18 -2.58
CA VAL B 294 -1.39 -29.74 -2.00
C VAL B 294 -1.33 -29.58 -0.48
N THR B 295 -0.24 -30.01 0.16
CA THR B 295 -0.14 -29.97 1.64
C THR B 295 -0.12 -28.51 2.12
N GLY B 296 0.51 -27.60 1.38
CA GLY B 296 0.56 -26.15 1.67
C GLY B 296 -0.80 -25.49 1.55
N VAL B 297 -1.52 -25.82 0.48
CA VAL B 297 -2.92 -25.36 0.27
C VAL B 297 -3.78 -25.80 1.47
N ASP B 298 -3.60 -27.03 1.96
CA ASP B 298 -4.35 -27.58 3.13
C ASP B 298 -4.03 -26.73 4.35
N ARG B 299 -2.75 -26.40 4.57
CA ARG B 299 -2.32 -25.54 5.70
C ARG B 299 -3.03 -24.17 5.57
N ALA B 300 -3.15 -23.64 4.35
CA ALA B 300 -3.77 -22.32 4.09
C ALA B 300 -5.27 -22.38 4.36
N PHE B 301 -5.94 -23.42 3.88
CA PHE B 301 -7.38 -23.68 4.10
C PHE B 301 -7.61 -23.75 5.61
N GLY B 302 -6.71 -24.45 6.31
CA GLY B 302 -6.61 -24.53 7.79
C GLY B 302 -6.68 -23.15 8.45
N GLN B 303 -5.90 -22.18 7.97
CA GLN B 303 -5.87 -20.81 8.55
C GLN B 303 -7.25 -20.17 8.42
N ILE B 304 -7.92 -20.40 7.32
CA ILE B 304 -9.27 -19.81 7.09
C ILE B 304 -10.23 -20.47 8.11
N LEU B 305 -10.26 -21.79 8.15
CA LEU B 305 -11.11 -22.54 9.11
C LEU B 305 -10.91 -22.03 10.55
N GLU B 306 -9.66 -21.86 10.99
CA GLU B 306 -9.38 -21.50 12.42
C GLU B 306 -9.94 -20.09 12.64
N ALA B 307 -9.79 -19.20 11.66
CA ALA B 307 -10.23 -17.80 11.77
C ALA B 307 -11.75 -17.77 11.90
N LEU B 308 -12.46 -18.72 11.26
CA LEU B 308 -13.95 -18.79 11.38
C LEU B 308 -14.35 -19.16 12.80
N LYS B 309 -13.65 -20.14 13.36
CA LYS B 309 -13.85 -20.65 14.73
C LYS B 309 -13.45 -19.55 15.71
N GLN B 310 -12.24 -19.02 15.62
CA GLN B 310 -11.73 -17.96 16.53
C GLN B 310 -12.79 -16.85 16.59
N LEU B 311 -13.45 -16.51 15.49
CA LEU B 311 -14.38 -15.36 15.45
C LEU B 311 -15.85 -15.78 15.63
N GLY B 312 -16.15 -17.09 15.80
CA GLY B 312 -17.53 -17.62 15.95
C GLY B 312 -18.38 -17.57 14.67
N LEU B 313 -17.80 -17.17 13.53
CA LEU B 313 -18.46 -17.25 12.20
C LEU B 313 -18.65 -18.70 11.73
N ASP B 314 -18.03 -19.70 12.37
CA ASP B 314 -18.10 -21.11 11.88
C ASP B 314 -19.54 -21.66 11.94
N LYS B 315 -20.37 -21.13 12.83
CA LYS B 315 -21.73 -21.69 13.09
C LYS B 315 -22.73 -21.01 12.15
N ASN B 316 -22.28 -19.96 11.47
CA ASN B 316 -23.11 -18.98 10.73
C ASN B 316 -22.80 -19.10 9.22
N THR B 317 -21.91 -20.01 8.84
CA THR B 317 -21.20 -19.97 7.53
C THR B 317 -21.11 -21.34 6.85
N VAL B 318 -21.62 -21.36 5.61
CA VAL B 318 -21.46 -22.44 4.61
C VAL B 318 -20.02 -22.37 4.06
N VAL B 319 -19.26 -23.44 4.24
CA VAL B 319 -17.86 -23.54 3.72
C VAL B 319 -17.81 -24.66 2.67
N ILE B 320 -17.14 -24.41 1.54
CA ILE B 320 -17.02 -25.40 0.44
C ILE B 320 -15.60 -25.40 -0.05
N PHE B 321 -15.05 -26.61 -0.18
CA PHE B 321 -13.73 -26.89 -0.82
C PHE B 321 -13.99 -27.58 -2.15
N ALA B 322 -13.38 -27.04 -3.22
CA ALA B 322 -13.60 -27.47 -4.62
C ALA B 322 -12.34 -27.17 -5.45
N SER B 323 -12.39 -27.53 -6.73
CA SER B 323 -11.36 -27.15 -7.73
C SER B 323 -12.04 -26.88 -9.07
N ASP B 324 -11.29 -26.36 -10.03
CA ASP B 324 -11.86 -26.06 -11.37
C ASP B 324 -11.74 -27.32 -12.23
N HIS B 325 -10.67 -28.08 -12.01
CA HIS B 325 -10.45 -29.37 -12.69
C HIS B 325 -9.32 -30.09 -11.98
N GLY B 326 -9.07 -31.33 -12.37
CA GLY B 326 -8.08 -32.20 -11.72
C GLY B 326 -6.73 -32.08 -12.38
N GLU B 327 -5.94 -33.14 -12.28
CA GLU B 327 -4.51 -33.21 -12.71
C GLU B 327 -4.20 -34.68 -13.05
N THR B 328 -3.76 -34.93 -14.27
CA THR B 328 -3.37 -36.29 -14.72
C THR B 328 -2.16 -36.73 -13.90
N MET B 329 -1.10 -35.92 -13.90
CA MET B 329 0.17 -36.23 -13.17
C MET B 329 0.66 -37.58 -13.68
N CYS B 330 0.86 -37.62 -15.01
CA CYS B 330 1.50 -38.71 -15.76
C CYS B 330 0.53 -39.87 -15.95
N SER B 331 -0.67 -39.83 -15.33
CA SER B 331 -1.73 -40.85 -15.51
C SER B 331 -2.19 -40.81 -16.98
N GLN B 332 -2.35 -41.96 -17.62
CA GLN B 332 -2.64 -42.12 -19.08
C GLN B 332 -1.50 -41.53 -19.95
N ARG B 333 -0.28 -41.39 -19.43
CA ARG B 333 0.85 -40.82 -20.20
C ARG B 333 0.45 -39.50 -20.84
N THR B 334 -0.54 -38.75 -20.33
CA THR B 334 -1.21 -37.61 -21.04
C THR B 334 -0.28 -36.42 -21.06
N ASP B 335 0.56 -36.19 -20.01
CA ASP B 335 1.47 -35.00 -19.90
C ASP B 335 0.71 -33.66 -19.71
N ASP B 336 -0.51 -33.57 -20.24
CA ASP B 336 -1.49 -32.47 -20.05
C ASP B 336 -2.32 -32.77 -18.81
N PRO B 337 -2.23 -31.89 -17.80
CA PRO B 337 -2.92 -32.10 -16.54
C PRO B 337 -4.43 -32.31 -16.68
N LYS B 338 -5.02 -31.72 -17.72
CA LYS B 338 -6.49 -31.66 -17.82
C LYS B 338 -6.91 -31.66 -19.29
N ASN B 339 -8.14 -31.18 -19.54
CA ASN B 339 -8.74 -30.99 -20.88
C ASN B 339 -8.98 -32.36 -21.50
N SER B 340 -9.16 -33.36 -20.66
CA SER B 340 -9.35 -34.79 -20.98
C SER B 340 -10.46 -35.35 -20.07
N PRO B 341 -11.19 -36.40 -20.52
CA PRO B 341 -12.27 -37.02 -19.73
C PRO B 341 -11.90 -38.10 -18.71
N TYR B 342 -10.59 -38.27 -18.49
CA TYR B 342 -10.07 -39.21 -17.47
C TYR B 342 -10.52 -38.77 -16.07
N SER B 343 -10.81 -39.71 -15.17
CA SER B 343 -11.26 -39.45 -13.76
C SER B 343 -10.32 -38.47 -13.06
N GLU B 344 -9.02 -38.50 -13.40
CA GLU B 344 -7.97 -37.65 -12.80
C GLU B 344 -8.18 -36.18 -13.19
N SER B 345 -8.85 -35.95 -14.32
CA SER B 345 -9.05 -34.62 -14.94
C SER B 345 -10.45 -34.13 -14.61
N MET B 346 -11.46 -34.99 -14.79
CA MET B 346 -12.87 -34.59 -14.59
C MET B 346 -13.20 -34.56 -13.09
N ASN B 347 -12.79 -35.54 -12.31
CA ASN B 347 -13.25 -35.61 -10.89
C ASN B 347 -12.64 -34.47 -10.04
N ILE B 348 -13.47 -33.61 -9.43
CA ILE B 348 -13.02 -32.51 -8.54
C ILE B 348 -13.56 -32.78 -7.13
N PRO B 349 -12.80 -32.30 -6.12
CA PRO B 349 -13.23 -32.36 -4.74
C PRO B 349 -14.46 -31.50 -4.68
N PHE B 350 -15.38 -31.86 -3.81
CA PHE B 350 -16.54 -31.01 -3.47
C PHE B 350 -16.98 -31.37 -2.07
N LEU B 351 -16.63 -30.54 -1.09
CA LEU B 351 -16.94 -30.73 0.35
C LEU B 351 -17.81 -29.56 0.80
N VAL B 352 -18.99 -29.82 1.34
CA VAL B 352 -19.87 -28.73 1.81
C VAL B 352 -20.18 -28.89 3.32
N ARG B 353 -19.61 -28.01 4.14
CA ARG B 353 -19.95 -27.85 5.58
C ARG B 353 -20.95 -26.71 5.77
N PHE B 354 -22.03 -26.99 6.48
CA PHE B 354 -23.05 -26.02 6.95
C PHE B 354 -23.56 -26.55 8.29
N PRO B 355 -22.88 -26.26 9.43
CA PRO B 355 -23.18 -26.95 10.70
C PRO B 355 -24.68 -26.87 11.08
N GLY B 356 -25.26 -28.03 11.34
CA GLY B 356 -26.64 -28.21 11.82
C GLY B 356 -27.66 -27.91 10.75
N LYS B 357 -27.24 -27.90 9.48
CA LYS B 357 -28.17 -27.94 8.32
C LYS B 357 -27.74 -29.04 7.33
N ILE B 358 -26.52 -29.53 7.39
CA ILE B 358 -26.08 -30.66 6.52
C ILE B 358 -25.45 -31.75 7.36
N GLN B 359 -26.01 -32.97 7.32
CA GLN B 359 -25.47 -34.13 8.04
C GLN B 359 -24.19 -34.49 7.31
N PRO B 360 -23.05 -34.59 8.03
CA PRO B 360 -21.83 -35.16 7.44
C PRO B 360 -22.16 -36.51 6.85
N ARG B 361 -21.83 -36.71 5.57
CA ARG B 361 -22.04 -37.99 4.85
C ARG B 361 -21.31 -37.94 3.50
N VAL B 362 -21.32 -39.06 2.80
CA VAL B 362 -20.68 -39.20 1.47
C VAL B 362 -21.77 -39.48 0.45
N ASP B 363 -21.61 -39.01 -0.79
CA ASP B 363 -22.69 -39.00 -1.80
C ASP B 363 -22.10 -39.00 -3.20
N ASP B 364 -22.66 -39.85 -4.05
CA ASP B 364 -22.09 -40.07 -5.41
C ASP B 364 -22.86 -39.21 -6.41
N LEU B 365 -23.61 -38.23 -5.93
CA LEU B 365 -24.29 -37.23 -6.77
C LEU B 365 -23.37 -36.82 -7.91
N LEU B 366 -23.85 -36.90 -9.16
CA LEU B 366 -23.10 -36.43 -10.37
C LEU B 366 -23.35 -34.93 -10.63
N LEU B 367 -22.77 -34.11 -9.77
CA LEU B 367 -22.85 -32.63 -9.82
C LEU B 367 -22.09 -32.13 -11.05
N SER B 368 -22.70 -31.27 -11.84
CA SER B 368 -21.99 -30.67 -13.00
C SER B 368 -21.68 -29.23 -12.60
N ALA B 369 -20.66 -28.62 -13.20
CA ALA B 369 -20.16 -27.29 -12.80
C ALA B 369 -21.27 -26.24 -12.77
N PRO B 370 -22.11 -26.16 -13.82
CA PRO B 370 -23.19 -25.17 -13.86
C PRO B 370 -24.24 -25.34 -12.76
N ASP B 371 -24.21 -26.47 -12.05
CA ASP B 371 -25.08 -26.74 -10.88
C ASP B 371 -24.54 -26.06 -9.64
N ILE B 372 -23.24 -25.77 -9.57
CA ILE B 372 -22.62 -25.16 -8.35
C ILE B 372 -23.32 -23.84 -8.04
N MET B 373 -23.31 -22.85 -8.95
CA MET B 373 -23.96 -21.55 -8.65
C MET B 373 -25.37 -21.73 -8.09
N PRO B 374 -26.32 -22.38 -8.81
CA PRO B 374 -27.71 -22.44 -8.31
C PRO B 374 -27.83 -23.21 -6.97
N THR B 375 -26.99 -24.24 -6.75
CA THR B 375 -26.96 -25.09 -5.53
C THR B 375 -26.48 -24.27 -4.33
N VAL B 376 -25.46 -23.43 -4.54
CA VAL B 376 -24.90 -22.57 -3.46
C VAL B 376 -25.95 -21.53 -3.09
N LEU B 377 -26.64 -20.97 -4.07
CA LEU B 377 -27.75 -20.02 -3.81
C LEU B 377 -28.86 -20.76 -3.04
N GLY B 378 -29.19 -21.97 -3.44
CA GLY B 378 -30.17 -22.81 -2.73
C GLY B 378 -29.78 -22.91 -1.27
N LEU B 379 -28.50 -23.21 -0.99
CA LEU B 379 -27.98 -23.45 0.37
C LEU B 379 -28.09 -22.19 1.22
N CYS B 380 -27.93 -21.02 0.63
CA CYS B 380 -28.01 -19.75 1.38
C CYS B 380 -29.48 -19.28 1.45
N GLY B 381 -30.42 -20.15 1.09
CA GLY B 381 -31.86 -19.85 0.97
C GLY B 381 -32.11 -18.69 0.03
N LEU B 382 -31.39 -18.61 -1.08
CA LEU B 382 -31.66 -17.65 -2.18
C LEU B 382 -32.09 -18.45 -3.41
N GLY B 383 -32.60 -19.68 -3.19
CA GLY B 383 -33.19 -20.56 -4.21
C GLY B 383 -34.16 -19.83 -5.15
N ASP B 384 -34.91 -18.87 -4.64
CA ASP B 384 -35.95 -18.15 -5.42
C ASP B 384 -35.33 -17.05 -6.29
N SER B 385 -34.03 -16.75 -6.16
CA SER B 385 -33.36 -15.59 -6.82
C SER B 385 -32.40 -16.08 -7.91
N ILE B 386 -32.38 -17.40 -8.12
CA ILE B 386 -31.59 -18.02 -9.22
C ILE B 386 -32.09 -17.42 -10.52
N PRO B 387 -31.27 -16.72 -11.33
CA PRO B 387 -31.69 -16.22 -12.64
C PRO B 387 -32.30 -17.31 -13.55
N SER B 388 -33.23 -16.95 -14.44
CA SER B 388 -33.94 -17.89 -15.35
C SER B 388 -32.96 -18.41 -16.39
N GLU B 389 -31.96 -17.60 -16.75
CA GLU B 389 -30.84 -17.94 -17.67
C GLU B 389 -30.03 -19.18 -17.22
N VAL B 390 -30.14 -19.59 -15.96
CA VAL B 390 -29.25 -20.62 -15.38
C VAL B 390 -29.66 -21.97 -15.94
N GLN B 391 -28.71 -22.77 -16.37
CA GLN B 391 -28.89 -24.07 -17.06
C GLN B 391 -28.69 -25.21 -16.03
N GLY B 392 -27.91 -24.95 -14.99
CA GLY B 392 -27.60 -25.93 -13.93
C GLY B 392 -28.79 -26.11 -13.03
N ARG B 393 -28.83 -27.12 -12.16
CA ARG B 393 -30.00 -27.28 -11.25
C ARG B 393 -29.55 -27.12 -9.78
N ASN B 394 -30.51 -26.72 -8.94
CA ASN B 394 -30.31 -26.40 -7.50
C ASN B 394 -30.52 -27.68 -6.66
N PHE B 395 -29.42 -28.31 -6.25
CA PHE B 395 -29.41 -29.54 -5.42
C PHE B 395 -29.32 -29.22 -3.92
N ALA B 396 -29.44 -27.96 -3.52
CA ALA B 396 -29.50 -27.61 -2.08
C ALA B 396 -30.47 -28.54 -1.33
N PRO B 397 -31.68 -28.84 -1.86
CA PRO B 397 -32.63 -29.68 -1.11
C PRO B 397 -32.01 -31.03 -0.81
N LEU B 398 -31.15 -31.52 -1.69
CA LEU B 398 -30.53 -32.86 -1.57
C LEU B 398 -29.41 -32.82 -0.54
N PHE B 399 -28.65 -31.72 -0.47
CA PHE B 399 -27.64 -31.46 0.60
C PHE B 399 -28.32 -31.37 1.98
N PHE B 400 -29.38 -30.58 2.09
CA PHE B 400 -30.15 -30.43 3.34
C PHE B 400 -30.83 -31.73 3.73
N ASP B 401 -31.33 -32.55 2.81
CA ASP B 401 -32.21 -33.70 3.16
C ASP B 401 -31.79 -34.96 2.37
N GLU B 402 -31.10 -35.91 3.01
CA GLU B 402 -30.75 -37.26 2.45
C GLU B 402 -31.98 -37.78 1.72
N LYS B 403 -33.12 -37.79 2.41
CA LYS B 403 -34.37 -38.47 1.99
C LYS B 403 -35.25 -37.48 1.21
N ALA B 404 -34.73 -36.63 0.31
CA ALA B 404 -35.53 -35.64 -0.45
C ALA B 404 -35.99 -36.27 -1.77
N GLU B 405 -37.22 -35.98 -2.23
CA GLU B 405 -37.72 -36.53 -3.54
C GLU B 405 -37.19 -35.58 -4.64
N ILE B 406 -35.87 -35.53 -4.91
CA ILE B 406 -35.23 -34.74 -6.02
C ILE B 406 -34.49 -35.73 -6.95
N VAL B 407 -34.59 -35.56 -8.27
CA VAL B 407 -34.11 -36.58 -9.26
C VAL B 407 -32.62 -36.40 -9.45
N ARG B 408 -31.87 -37.46 -9.19
CA ARG B 408 -30.39 -37.49 -9.30
C ARG B 408 -30.03 -37.61 -10.78
N PRO B 409 -29.01 -36.88 -11.26
CA PRO B 409 -28.64 -36.95 -12.66
C PRO B 409 -28.06 -38.34 -12.88
N ALA B 410 -28.43 -38.92 -14.01
CA ALA B 410 -27.92 -40.20 -14.52
C ALA B 410 -26.54 -39.98 -15.13
N GLY B 411 -26.26 -38.80 -15.70
CA GLY B 411 -24.93 -38.47 -16.24
C GLY B 411 -24.63 -37.00 -16.21
N ALA B 412 -23.43 -36.66 -16.67
CA ALA B 412 -22.84 -35.30 -16.74
C ALA B 412 -21.96 -35.24 -17.98
N LEU B 413 -22.09 -34.15 -18.75
CA LEU B 413 -21.48 -34.04 -20.10
C LEU B 413 -19.97 -33.91 -19.92
N TYR B 414 -19.18 -34.52 -20.82
CA TYR B 414 -17.77 -34.16 -21.05
C TYR B 414 -17.75 -33.20 -22.24
N ILE B 415 -16.94 -32.16 -22.13
CA ILE B 415 -16.85 -31.09 -23.14
C ILE B 415 -15.39 -30.75 -23.39
N GLN B 416 -14.96 -30.88 -24.64
CA GLN B 416 -13.68 -30.30 -25.14
C GLN B 416 -13.99 -29.35 -26.29
N ASN B 417 -13.49 -28.13 -26.15
CA ASN B 417 -13.66 -27.00 -27.09
C ASN B 417 -12.23 -26.56 -27.44
N LEU B 418 -11.89 -26.56 -28.73
CA LEU B 418 -10.57 -26.10 -29.25
C LEU B 418 -10.74 -24.79 -30.05
N ASP B 419 -9.63 -24.15 -30.37
CA ASP B 419 -9.63 -22.96 -31.26
C ASP B 419 -10.35 -23.35 -32.56
N GLY B 420 -11.28 -22.53 -33.04
CA GLY B 420 -11.86 -22.70 -34.39
C GLY B 420 -11.01 -21.98 -35.41
N GLU B 421 -11.63 -21.19 -36.30
CA GLU B 421 -10.88 -20.47 -37.36
C GLU B 421 -10.50 -19.09 -36.78
N LYS B 422 -9.58 -18.39 -37.44
CA LYS B 422 -9.08 -17.08 -37.02
C LYS B 422 -9.46 -16.02 -38.06
N ASP B 423 -9.30 -14.73 -37.73
CA ASP B 423 -9.78 -13.58 -38.54
C ASP B 423 -8.59 -12.93 -39.26
N LYS B 424 -8.83 -11.81 -39.96
CA LYS B 424 -7.79 -10.96 -40.60
C LYS B 424 -6.57 -10.83 -39.66
N ASP B 425 -6.75 -10.74 -38.35
CA ASP B 425 -5.66 -10.32 -37.41
C ASP B 425 -5.12 -11.54 -36.63
N GLY B 426 -5.43 -12.74 -37.11
CA GLY B 426 -4.93 -14.01 -36.51
C GLY B 426 -5.44 -14.31 -35.09
N LEU B 427 -6.67 -13.86 -34.77
CA LEU B 427 -7.36 -14.05 -33.48
C LEU B 427 -8.49 -15.08 -33.62
N VAL B 428 -8.73 -15.88 -32.58
CA VAL B 428 -9.74 -16.97 -32.63
C VAL B 428 -11.13 -16.33 -32.51
N GLN B 429 -11.97 -16.53 -33.52
CA GLN B 429 -13.30 -15.89 -33.50
C GLN B 429 -14.37 -16.97 -33.50
N SER B 430 -13.97 -18.25 -33.46
CA SER B 430 -14.95 -19.34 -33.30
C SER B 430 -14.29 -20.53 -32.57
N TYR B 431 -15.10 -21.48 -32.07
CA TYR B 431 -14.59 -22.71 -31.39
C TYR B 431 -15.04 -23.97 -32.13
N PHE B 432 -14.14 -24.94 -32.16
CA PHE B 432 -14.37 -26.29 -32.71
C PHE B 432 -14.69 -27.22 -31.55
N PRO B 433 -15.93 -27.74 -31.48
CA PRO B 433 -16.31 -28.60 -30.37
C PRO B 433 -15.76 -30.01 -30.60
N SER B 434 -14.45 -30.23 -30.35
CA SER B 434 -13.70 -31.45 -30.75
C SER B 434 -14.27 -32.71 -30.11
N SER B 435 -14.75 -32.64 -28.86
CA SER B 435 -15.30 -33.81 -28.11
C SER B 435 -16.54 -33.45 -27.30
N ARG B 436 -17.53 -34.34 -27.37
CA ARG B 436 -18.61 -34.40 -26.38
C ARG B 436 -18.60 -35.84 -25.87
N GLY B 437 -18.97 -36.05 -24.60
CA GLY B 437 -19.04 -37.37 -23.95
C GLY B 437 -19.99 -37.35 -22.78
N ILE B 438 -19.96 -38.41 -21.96
CA ILE B 438 -20.82 -38.54 -20.76
C ILE B 438 -20.13 -39.39 -19.72
N LYS B 439 -20.19 -38.94 -18.46
CA LYS B 439 -19.82 -39.73 -17.26
C LYS B 439 -21.12 -40.12 -16.56
N THR B 440 -21.38 -41.42 -16.39
CA THR B 440 -22.46 -41.95 -15.52
C THR B 440 -21.79 -42.58 -14.29
N ALA B 441 -22.59 -43.18 -13.41
CA ALA B 441 -22.16 -43.99 -12.25
C ALA B 441 -21.07 -44.99 -12.70
N ARG B 442 -21.32 -45.65 -13.83
CA ARG B 442 -20.49 -46.80 -14.32
C ARG B 442 -19.58 -46.43 -15.51
N TYR B 443 -19.92 -45.44 -16.34
CA TYR B 443 -19.21 -45.26 -17.63
C TYR B 443 -18.66 -43.83 -17.76
N THR B 444 -17.50 -43.74 -18.38
CA THR B 444 -16.95 -42.53 -19.04
C THR B 444 -16.94 -42.81 -20.55
N LEU B 445 -17.77 -42.13 -21.34
CA LEU B 445 -17.68 -42.21 -22.83
C LEU B 445 -17.30 -40.82 -23.35
N ALA B 446 -16.34 -40.77 -24.26
CA ALA B 446 -15.92 -39.53 -24.95
C ALA B 446 -15.78 -39.81 -26.44
N LEU B 447 -16.53 -39.08 -27.26
CA LEU B 447 -16.45 -39.11 -28.74
C LEU B 447 -15.63 -37.94 -29.28
N TYR B 448 -14.62 -38.22 -30.09
CA TYR B 448 -13.76 -37.19 -30.77
C TYR B 448 -14.17 -37.13 -32.24
N ILE B 449 -14.48 -35.95 -32.78
CA ILE B 449 -14.82 -35.74 -34.23
C ILE B 449 -13.70 -34.97 -34.96
N ASP B 450 -13.71 -35.03 -36.31
CA ASP B 450 -12.67 -34.46 -37.21
C ASP B 450 -13.14 -33.06 -37.66
N ARG B 451 -12.24 -32.07 -37.73
CA ARG B 451 -12.63 -30.66 -37.99
C ARG B 451 -13.41 -30.47 -39.30
N LYS B 452 -12.97 -31.08 -40.41
CA LYS B 452 -13.50 -30.82 -41.78
C LYS B 452 -14.82 -31.59 -41.88
N THR B 453 -14.80 -32.91 -41.65
CA THR B 453 -15.87 -33.89 -41.91
C THR B 453 -16.95 -33.87 -40.79
N LYS B 454 -16.59 -33.61 -39.55
CA LYS B 454 -17.47 -33.69 -38.34
C LYS B 454 -17.96 -35.14 -38.16
N GLN B 455 -17.11 -36.12 -38.50
CA GLN B 455 -17.30 -37.60 -38.35
C GLN B 455 -16.44 -38.13 -37.19
N LEU B 456 -16.87 -39.24 -36.61
CA LEU B 456 -16.18 -39.86 -35.47
C LEU B 456 -14.76 -40.27 -35.89
N LYS B 457 -13.72 -39.86 -35.16
CA LYS B 457 -12.32 -40.11 -35.53
C LYS B 457 -11.62 -40.98 -34.45
N LYS B 458 -11.78 -40.70 -33.14
CA LYS B 458 -11.32 -41.58 -32.01
C LYS B 458 -12.53 -41.70 -31.08
N SER B 459 -12.48 -42.59 -30.10
CA SER B 459 -13.58 -42.85 -29.13
C SER B 459 -13.01 -43.50 -27.87
N LEU B 460 -13.19 -42.89 -26.69
CA LEU B 460 -12.87 -43.55 -25.38
C LEU B 460 -14.15 -44.05 -24.71
N LEU B 461 -14.12 -45.27 -24.18
CA LEU B 461 -15.22 -45.85 -23.35
C LEU B 461 -14.58 -46.65 -22.23
N PHE B 462 -14.95 -46.39 -20.98
CA PHE B 462 -14.42 -47.11 -19.80
C PHE B 462 -15.57 -47.59 -18.90
N ASP B 463 -15.46 -48.84 -18.44
CA ASP B 463 -16.21 -49.32 -17.28
C ASP B 463 -15.41 -48.90 -16.04
N ASP B 464 -15.79 -47.76 -15.47
CA ASP B 464 -15.13 -47.09 -14.32
C ASP B 464 -15.33 -47.94 -13.04
N VAL B 465 -16.32 -48.83 -13.00
CA VAL B 465 -16.51 -49.69 -11.80
C VAL B 465 -15.49 -50.83 -11.88
N ASN B 466 -15.46 -51.57 -13.00
CA ASN B 466 -14.51 -52.71 -13.14
C ASN B 466 -13.13 -52.24 -13.64
N ASP B 467 -12.99 -51.04 -14.21
CA ASP B 467 -11.68 -50.58 -14.73
C ASP B 467 -11.45 -49.14 -14.26
N PRO B 468 -11.35 -48.90 -12.94
CA PRO B 468 -11.37 -47.54 -12.38
C PRO B 468 -10.15 -46.70 -12.80
N TYR B 469 -9.04 -47.33 -13.20
CA TYR B 469 -7.86 -46.59 -13.72
C TYR B 469 -7.96 -46.42 -15.24
N GLN B 470 -9.14 -46.70 -15.82
CA GLN B 470 -9.46 -46.53 -17.27
C GLN B 470 -8.28 -47.03 -18.14
N LEU B 471 -7.84 -48.27 -17.88
CA LEU B 471 -6.73 -48.95 -18.61
C LEU B 471 -7.28 -49.64 -19.85
N ASN B 472 -8.56 -49.93 -19.89
CA ASN B 472 -9.14 -50.79 -20.95
C ASN B 472 -10.17 -49.97 -21.74
N ASN B 473 -9.74 -49.40 -22.88
CA ASN B 473 -10.61 -48.66 -23.84
C ASN B 473 -11.50 -49.67 -24.55
N LEU B 474 -12.79 -49.62 -24.25
CA LEU B 474 -13.82 -50.57 -24.74
C LEU B 474 -14.32 -50.15 -26.12
N PRO B 475 -14.22 -51.06 -27.10
CA PRO B 475 -14.84 -50.86 -28.41
C PRO B 475 -16.36 -50.76 -28.28
N LEU B 476 -16.91 -49.87 -29.09
CA LEU B 476 -18.34 -49.47 -29.05
C LEU B 476 -19.16 -50.65 -29.59
N ASP B 477 -18.74 -51.26 -30.71
CA ASP B 477 -19.42 -52.42 -31.39
C ASP B 477 -19.63 -53.57 -30.38
N GLU B 478 -18.68 -53.79 -29.45
CA GLU B 478 -18.80 -54.84 -28.40
C GLU B 478 -19.60 -54.36 -27.16
N ASN B 479 -20.33 -53.25 -27.24
CA ASN B 479 -21.11 -52.69 -26.10
C ASN B 479 -22.33 -51.98 -26.71
N LYS B 480 -23.05 -52.63 -27.65
CA LYS B 480 -24.09 -51.93 -28.45
C LYS B 480 -25.17 -51.49 -27.43
N GLU B 481 -25.48 -52.32 -26.43
CA GLU B 481 -26.58 -52.03 -25.46
C GLU B 481 -26.22 -50.82 -24.60
N VAL B 482 -25.04 -50.89 -23.98
CA VAL B 482 -24.50 -49.79 -23.11
C VAL B 482 -24.40 -48.47 -23.91
N VAL B 483 -23.65 -48.45 -25.01
CA VAL B 483 -23.37 -47.21 -25.79
C VAL B 483 -24.70 -46.60 -26.24
N GLU B 484 -25.67 -47.40 -26.71
CA GLU B 484 -26.96 -46.85 -27.23
C GLU B 484 -27.62 -46.01 -26.14
N GLN B 485 -27.57 -46.45 -24.89
CA GLN B 485 -28.12 -45.73 -23.72
C GLN B 485 -27.35 -44.43 -23.52
N LEU B 486 -26.01 -44.50 -23.58
CA LEU B 486 -25.12 -43.32 -23.37
C LEU B 486 -25.38 -42.30 -24.47
N TYR B 487 -25.58 -42.76 -25.69
CA TYR B 487 -25.93 -41.86 -26.82
C TYR B 487 -27.26 -41.13 -26.49
N ARG B 488 -28.28 -41.85 -25.97
CA ARG B 488 -29.61 -41.23 -25.66
C ARG B 488 -29.38 -40.20 -24.55
N GLU B 489 -28.59 -40.48 -23.53
CA GLU B 489 -28.46 -39.50 -22.42
C GLU B 489 -27.66 -38.29 -22.89
N MET B 490 -26.69 -38.48 -23.79
CA MET B 490 -25.89 -37.37 -24.39
C MET B 490 -26.84 -36.44 -25.15
N GLY B 491 -27.63 -37.01 -26.04
CA GLY B 491 -28.61 -36.28 -26.85
C GLY B 491 -29.54 -35.42 -26.01
N THR B 492 -30.12 -35.99 -24.97
CA THR B 492 -31.03 -35.23 -24.07
C THR B 492 -30.28 -34.01 -23.57
N MET B 493 -29.10 -34.24 -22.99
CA MET B 493 -28.34 -33.20 -22.25
C MET B 493 -27.85 -32.13 -23.25
N LEU B 494 -27.32 -32.56 -24.40
CA LEU B 494 -26.82 -31.63 -25.43
C LEU B 494 -27.95 -30.75 -25.97
N LYS B 495 -29.15 -31.32 -26.17
CA LYS B 495 -30.36 -30.59 -26.63
C LYS B 495 -30.79 -29.58 -25.55
N GLU B 496 -30.79 -30.02 -24.29
CA GLU B 496 -31.23 -29.24 -23.08
C GLU B 496 -30.37 -27.98 -22.93
N ILE B 497 -29.04 -28.09 -23.05
CA ILE B 497 -28.13 -26.91 -22.85
C ILE B 497 -28.00 -26.14 -24.18
N ASP B 498 -28.53 -26.69 -25.28
CA ASP B 498 -28.52 -26.08 -26.64
C ASP B 498 -27.08 -25.95 -27.10
N ASP B 499 -26.38 -27.08 -27.00
CA ASP B 499 -24.94 -27.25 -27.33
C ASP B 499 -24.78 -27.26 -28.84
N PRO B 500 -23.64 -26.74 -29.33
CA PRO B 500 -23.31 -26.85 -30.75
C PRO B 500 -23.58 -28.22 -31.38
N TRP B 501 -23.24 -29.33 -30.74
CA TRP B 501 -23.46 -30.68 -31.33
C TRP B 501 -24.94 -30.81 -31.67
N TYR B 502 -25.82 -30.30 -30.80
CA TYR B 502 -27.28 -30.33 -31.01
C TYR B 502 -27.61 -29.41 -32.18
N THR B 503 -27.28 -28.14 -32.04
CA THR B 503 -27.64 -27.11 -33.04
C THR B 503 -26.98 -27.46 -34.39
N GLU B 504 -25.84 -28.15 -34.44
CA GLU B 504 -25.21 -28.54 -35.74
C GLU B 504 -25.60 -30.00 -36.12
N LYS B 505 -26.64 -30.56 -35.49
CA LYS B 505 -27.11 -31.98 -35.66
C LYS B 505 -25.90 -32.91 -35.95
N ILE B 506 -24.78 -32.74 -35.22
CA ILE B 506 -23.50 -33.55 -35.25
C ILE B 506 -23.71 -34.96 -34.66
N LEU B 507 -23.22 -35.94 -35.39
CA LEU B 507 -23.39 -37.41 -35.13
C LEU B 507 -24.88 -37.72 -34.91
N SER B 508 -25.77 -36.95 -35.60
CA SER B 508 -27.26 -37.12 -35.61
C SER B 508 -27.60 -38.57 -35.97
N ASP B 509 -26.66 -39.31 -36.53
CA ASP B 509 -26.87 -40.70 -36.99
C ASP B 509 -26.68 -41.67 -35.81
N ARG B 510 -25.84 -41.37 -34.81
CA ARG B 510 -25.69 -42.19 -33.57
C ARG B 510 -26.47 -41.60 -32.39
N ILE B 511 -26.61 -40.27 -32.29
CA ILE B 511 -27.16 -39.55 -31.11
C ILE B 511 -28.57 -39.08 -31.43
N PRO B 512 -29.63 -39.59 -30.73
CA PRO B 512 -31.00 -39.20 -31.05
C PRO B 512 -31.27 -37.83 -30.42
N TYR B 513 -31.63 -36.82 -31.21
CA TYR B 513 -31.92 -35.49 -30.63
C TYR B 513 -33.42 -35.24 -30.70
N GLU C 28 -32.58 38.68 38.88
CA GLU C 28 -31.37 37.81 38.69
C GLU C 28 -31.55 37.16 37.30
N HIS C 29 -30.94 37.77 36.26
CA HIS C 29 -30.46 37.13 35.01
C HIS C 29 -29.09 36.49 35.25
N PRO C 30 -28.86 35.22 34.82
CA PRO C 30 -27.67 34.44 35.19
C PRO C 30 -26.45 34.79 34.32
N ASN C 31 -25.27 34.31 34.75
CA ASN C 31 -24.06 34.37 33.88
C ASN C 31 -24.21 33.32 32.77
N ILE C 32 -23.44 33.47 31.70
CA ILE C 32 -23.44 32.58 30.51
C ILE C 32 -22.00 32.48 29.98
N ILE C 33 -21.53 31.25 29.77
CA ILE C 33 -20.29 30.94 29.00
C ILE C 33 -20.70 30.18 27.72
N TYR C 34 -20.25 30.63 26.56
CA TYR C 34 -20.43 29.91 25.26
C TYR C 34 -19.03 29.52 24.79
N VAL C 35 -18.70 28.23 24.90
CA VAL C 35 -17.38 27.69 24.52
C VAL C 35 -17.58 27.01 23.17
N PHE C 36 -16.92 27.45 22.09
CA PHE C 36 -17.12 26.85 20.72
C PHE C 36 -15.78 26.70 20.01
N PRO C 37 -15.18 25.50 20.18
CA PRO C 37 -14.02 25.10 19.42
C PRO C 37 -14.45 25.00 17.97
N ASP C 38 -13.51 25.31 17.08
CA ASP C 38 -13.73 25.35 15.62
C ASP C 38 -13.58 23.92 15.09
N GLN C 39 -14.42 23.53 14.15
CA GLN C 39 -14.19 22.36 13.25
C GLN C 39 -14.31 21.09 14.10
N TYR C 40 -15.28 21.07 15.03
CA TYR C 40 -15.53 20.01 16.05
C TYR C 40 -16.86 19.30 15.73
N ARG C 41 -16.78 18.10 15.11
CA ARG C 41 -17.89 17.14 14.81
C ARG C 41 -18.77 16.97 16.05
N ASN C 42 -20.09 16.97 15.94
CA ASN C 42 -20.96 16.43 17.02
C ASN C 42 -20.53 14.98 17.30
N GLN C 43 -20.12 14.21 16.29
CA GLN C 43 -19.80 12.75 16.45
C GLN C 43 -18.55 12.55 17.32
N ALA C 44 -17.72 13.57 17.55
CA ALA C 44 -16.40 13.44 18.20
C ALA C 44 -16.55 13.67 19.71
N MET C 45 -17.47 12.93 20.32
CA MET C 45 -17.70 13.01 21.77
C MET C 45 -17.94 11.59 22.29
N GLY C 46 -17.09 11.22 23.25
CA GLY C 46 -17.12 9.90 23.89
C GLY C 46 -18.54 9.47 24.19
N PHE C 47 -19.35 10.36 24.77
CA PHE C 47 -20.61 9.97 25.42
C PHE C 47 -21.59 9.38 24.39
N TRP C 48 -21.37 9.54 23.07
CA TRP C 48 -22.29 8.99 22.04
C TRP C 48 -22.14 7.45 21.93
N ASN C 49 -21.14 6.83 22.55
CA ASN C 49 -21.01 5.36 22.64
C ASN C 49 -21.40 4.89 24.04
N GLN C 50 -21.83 5.79 24.92
CA GLN C 50 -22.10 5.41 26.34
C GLN C 50 -23.58 5.09 26.50
N GLU C 51 -23.94 4.40 27.58
CA GLU C 51 -25.31 3.84 27.73
C GLU C 51 -26.28 5.04 27.86
N GLY C 52 -27.45 4.93 27.25
CA GLY C 52 -28.48 5.97 27.32
C GLY C 52 -28.43 6.84 26.08
N PHE C 53 -27.34 7.61 25.97
CA PHE C 53 -26.92 8.41 24.80
C PHE C 53 -26.88 7.57 23.51
N ARG C 54 -26.21 6.41 23.52
CA ARG C 54 -25.85 5.69 22.28
C ARG C 54 -27.12 5.11 21.62
N ASP C 55 -28.24 5.11 22.33
CA ASP C 55 -29.55 4.55 21.85
C ASP C 55 -30.35 5.68 21.19
N LYS C 56 -29.81 6.89 21.13
CA LYS C 56 -30.56 8.09 20.71
C LYS C 56 -30.03 8.60 19.38
N VAL C 57 -29.07 7.90 18.75
CA VAL C 57 -28.31 8.38 17.55
C VAL C 57 -28.09 7.18 16.61
N ASN C 58 -28.10 7.45 15.31
CA ASN C 58 -27.92 6.46 14.21
C ASN C 58 -26.45 6.14 13.98
N PHE C 59 -25.52 6.95 14.46
CA PHE C 59 -24.06 6.85 14.13
C PHE C 59 -23.28 6.23 15.29
N ARG C 60 -22.13 5.65 14.97
CA ARG C 60 -21.10 5.26 15.96
C ARG C 60 -20.28 6.51 16.24
N GLY C 61 -20.24 6.92 17.50
CA GLY C 61 -19.39 8.04 17.93
C GLY C 61 -17.95 7.69 17.60
N ASP C 62 -17.14 8.68 17.26
CA ASP C 62 -15.68 8.49 17.14
C ASP C 62 -15.09 7.98 18.46
N PRO C 63 -14.06 7.10 18.42
CA PRO C 63 -13.37 6.61 19.61
C PRO C 63 -12.45 7.68 20.20
N VAL C 64 -13.06 8.72 20.75
CA VAL C 64 -12.34 9.86 21.39
C VAL C 64 -12.58 9.84 22.92
N HIS C 65 -11.56 10.22 23.69
CA HIS C 65 -11.51 10.16 25.17
C HIS C 65 -11.76 11.63 25.53
N THR C 66 -13.03 11.98 25.86
CA THR C 66 -13.50 13.35 26.28
C THR C 66 -14.24 13.29 27.61
N PRO C 67 -13.53 12.97 28.71
CA PRO C 67 -14.18 12.78 30.02
C PRO C 67 -14.94 13.99 30.59
N ASN C 68 -14.40 15.19 30.45
CA ASN C 68 -15.01 16.42 31.00
C ASN C 68 -16.35 16.70 30.32
N ILE C 69 -16.37 16.61 28.99
CA ILE C 69 -17.60 16.80 28.15
C ILE C 69 -18.61 15.68 28.50
N ASP C 70 -18.14 14.45 28.65
CA ASP C 70 -18.99 13.26 28.93
C ASP C 70 -19.75 13.52 30.25
N THR C 71 -19.05 13.94 31.28
CA THR C 71 -19.67 14.29 32.58
C THR C 71 -20.60 15.48 32.39
N PHE C 72 -20.15 16.52 31.65
CA PHE C 72 -20.97 17.73 31.38
C PHE C 72 -22.29 17.31 30.72
N ALA C 73 -22.24 16.40 29.75
CA ALA C 73 -23.40 15.98 28.94
C ALA C 73 -24.51 15.40 29.85
N ARG C 74 -24.11 14.78 30.97
CA ARG C 74 -25.01 14.13 31.97
C ARG C 74 -25.65 15.21 32.84
N GLU C 75 -25.16 16.46 32.80
CA GLU C 75 -25.74 17.56 33.60
C GLU C 75 -26.50 18.51 32.69
N SER C 76 -26.62 18.23 31.39
CA SER C 76 -27.17 19.20 30.41
C SER C 76 -28.17 18.59 29.41
N MET C 77 -28.94 19.46 28.77
CA MET C 77 -29.77 19.09 27.61
C MET C 77 -28.82 19.07 26.42
N VAL C 78 -28.82 17.93 25.73
CA VAL C 78 -27.83 17.57 24.69
C VAL C 78 -28.56 17.36 23.38
N LEU C 79 -28.18 18.05 22.31
CA LEU C 79 -28.86 17.87 21.00
C LEU C 79 -28.06 16.84 20.21
N THR C 80 -28.81 16.01 19.53
CA THR C 80 -28.31 14.96 18.61
C THR C 80 -28.11 15.56 17.21
N SER C 81 -28.72 16.72 16.97
CA SER C 81 -29.09 17.13 15.60
C SER C 81 -29.04 18.65 15.42
N ALA C 82 -28.25 19.36 16.19
CA ALA C 82 -27.93 20.78 15.91
C ALA C 82 -27.31 20.86 14.51
N GLN C 83 -27.68 21.85 13.68
CA GLN C 83 -27.14 22.00 12.31
C GLN C 83 -26.49 23.36 12.10
N SER C 84 -25.29 23.34 11.52
CA SER C 84 -24.61 24.52 10.94
C SER C 84 -25.07 24.66 9.49
N ASN C 85 -26.07 25.48 9.28
CA ASN C 85 -26.76 25.64 7.98
C ASN C 85 -25.71 25.95 6.92
N CYS C 86 -24.69 26.76 7.25
CA CYS C 86 -23.55 27.09 6.37
C CYS C 86 -22.29 26.70 7.12
N PRO C 87 -21.85 25.44 6.98
CA PRO C 87 -20.76 24.87 7.78
C PRO C 87 -19.40 25.43 7.31
N LEU C 88 -19.10 26.63 7.78
CA LEU C 88 -17.93 27.38 7.35
C LEU C 88 -17.77 28.51 8.36
N SER C 89 -16.54 28.86 8.74
CA SER C 89 -16.26 29.69 9.95
C SER C 89 -17.09 30.98 9.92
N SER C 90 -16.73 31.92 9.02
CA SER C 90 -17.29 33.28 9.12
C SER C 90 -18.82 33.20 8.98
N PRO C 91 -19.36 32.50 7.96
CA PRO C 91 -20.82 32.44 7.75
C PRO C 91 -21.61 32.10 9.04
N HIS C 92 -21.07 31.13 9.77
CA HIS C 92 -21.63 30.62 11.03
C HIS C 92 -21.56 31.69 12.10
N ARG C 93 -20.38 32.19 12.36
CA ARG C 93 -20.09 33.25 13.35
C ARG C 93 -20.99 34.46 13.05
N GLY C 94 -21.28 34.71 11.77
CA GLY C 94 -22.19 35.79 11.35
C GLY C 94 -23.57 35.51 11.88
N MET C 95 -24.06 34.29 11.66
CA MET C 95 -25.38 33.86 12.18
C MET C 95 -25.36 33.79 13.71
N LEU C 96 -24.25 33.34 14.28
CA LEU C 96 -24.15 33.13 15.73
C LEU C 96 -24.39 34.47 16.43
N LEU C 97 -23.73 35.53 15.92
CA LEU C 97 -23.59 36.82 16.64
C LEU C 97 -24.79 37.70 16.33
N THR C 98 -25.47 37.50 15.20
CA THR C 98 -26.55 38.41 14.73
C THR C 98 -27.92 37.74 14.85
N GLY C 99 -27.96 36.43 14.91
CA GLY C 99 -29.20 35.65 14.81
C GLY C 99 -29.88 35.81 13.46
N MET C 100 -29.13 36.17 12.39
CA MET C 100 -29.63 36.29 11.00
C MET C 100 -28.89 35.30 10.07
N TYR C 101 -29.59 34.80 9.03
CA TYR C 101 -29.00 33.89 8.01
C TYR C 101 -27.94 34.67 7.21
N PRO C 102 -27.07 34.02 6.43
CA PRO C 102 -25.91 34.70 5.82
C PRO C 102 -26.22 35.79 4.79
N ASN C 103 -27.45 35.81 4.27
CA ASN C 103 -27.93 36.87 3.37
C ASN C 103 -28.17 38.18 4.13
N ARG C 104 -28.16 38.19 5.45
CA ARG C 104 -28.45 39.40 6.24
C ARG C 104 -27.40 39.66 7.32
N SER C 105 -26.57 38.68 7.69
CA SER C 105 -25.62 38.84 8.82
C SER C 105 -24.58 39.89 8.41
N GLY C 106 -24.31 40.02 7.11
CA GLY C 106 -23.12 40.73 6.60
C GLY C 106 -22.08 39.74 6.15
N VAL C 107 -22.29 38.43 6.38
CA VAL C 107 -21.19 37.42 6.36
C VAL C 107 -21.58 36.19 5.55
N PRO C 108 -21.65 36.36 4.22
CA PRO C 108 -21.96 35.26 3.30
C PRO C 108 -20.79 34.34 2.99
N LEU C 109 -19.57 34.86 3.10
CA LEU C 109 -18.39 34.04 2.83
C LEU C 109 -17.48 34.02 4.06
N ASN C 110 -16.53 33.08 4.10
CA ASN C 110 -15.34 33.18 4.96
C ASN C 110 -14.67 34.56 4.80
N CYS C 111 -14.33 35.25 5.90
CA CYS C 111 -13.64 36.57 5.88
C CYS C 111 -12.18 36.42 5.44
N ASN C 112 -11.74 37.19 4.45
CA ASN C 112 -10.31 37.39 4.08
C ASN C 112 -10.24 38.60 3.14
N SER C 113 -9.02 39.03 2.77
CA SER C 113 -8.72 40.35 2.15
C SER C 113 -9.26 40.36 0.75
N THR C 114 -9.61 39.19 0.23
CA THR C 114 -10.27 38.91 -1.07
C THR C 114 -11.75 39.38 -1.08
N ARG C 115 -12.39 39.44 0.09
CA ARG C 115 -13.88 39.44 0.20
C ARG C 115 -14.35 40.61 1.06
N PRO C 116 -14.27 41.83 0.50
CA PRO C 116 -14.76 43.03 1.17
C PRO C 116 -16.27 42.92 1.39
N ILE C 117 -16.98 42.13 0.60
CA ILE C 117 -18.46 42.05 0.70
C ILE C 117 -18.86 41.24 1.96
N SER C 118 -17.92 40.61 2.67
CA SER C 118 -18.22 39.69 3.81
C SER C 118 -17.46 40.14 5.05
N SER C 119 -18.20 40.65 6.01
CA SER C 119 -17.69 41.26 7.26
C SER C 119 -18.90 41.52 8.16
N LEU C 120 -18.77 41.42 9.48
CA LEU C 120 -19.95 41.46 10.38
C LEU C 120 -20.55 42.85 10.33
N ARG C 121 -21.83 42.98 10.02
CA ARG C 121 -22.53 44.29 9.95
C ARG C 121 -22.31 45.12 11.23
N ASP C 122 -21.78 46.33 11.03
CA ASP C 122 -21.57 47.36 12.09
C ASP C 122 -22.93 47.68 12.69
N ASP C 123 -23.95 47.74 11.87
CA ASP C 123 -25.28 48.22 12.31
C ASP C 123 -26.14 47.09 12.87
N ALA C 124 -25.65 45.86 12.99
CA ALA C 124 -26.44 44.77 13.63
C ALA C 124 -26.41 44.95 15.15
N GLU C 125 -27.53 44.67 15.80
CA GLU C 125 -27.67 44.55 17.26
C GLU C 125 -27.35 43.09 17.61
N CYS C 126 -26.08 42.84 17.92
CA CYS C 126 -25.50 41.48 18.14
C CYS C 126 -25.76 40.96 19.56
N ILE C 127 -25.44 39.68 19.78
CA ILE C 127 -25.63 38.99 21.08
C ILE C 127 -24.90 39.82 22.15
N GLY C 128 -23.68 40.28 21.86
CA GLY C 128 -22.89 41.12 22.79
C GLY C 128 -23.56 42.46 23.10
N ASP C 129 -24.17 43.10 22.10
CA ASP C 129 -24.87 44.41 22.25
C ASP C 129 -26.04 44.25 23.25
N VAL C 130 -26.86 43.19 23.13
CA VAL C 130 -28.07 42.99 23.98
C VAL C 130 -27.66 42.76 25.43
N PHE C 131 -26.73 41.85 25.63
CA PHE C 131 -26.20 41.50 26.96
C PHE C 131 -25.71 42.80 27.60
N SER C 132 -24.70 43.41 26.98
CA SER C 132 -24.17 44.72 27.39
C SER C 132 -25.32 45.69 27.78
N LYS C 133 -26.22 45.97 26.84
CA LYS C 133 -27.38 46.88 27.07
C LYS C 133 -28.17 46.39 28.30
N ALA C 134 -28.15 45.10 28.67
CA ALA C 134 -28.95 44.57 29.81
C ALA C 134 -28.17 44.61 31.15
N GLY C 135 -26.92 45.11 31.19
CA GLY C 135 -26.12 45.27 32.44
C GLY C 135 -24.99 44.25 32.59
N TYR C 136 -24.76 43.40 31.58
CA TYR C 136 -23.71 42.36 31.58
C TYR C 136 -22.34 42.98 31.27
N ASP C 137 -21.30 42.55 31.97
CA ASP C 137 -19.91 42.50 31.41
C ASP C 137 -19.88 41.40 30.35
N CYS C 138 -19.30 41.70 29.21
CA CYS C 138 -19.16 40.79 28.06
C CYS C 138 -17.67 40.69 27.75
N ALA C 139 -17.17 39.45 27.54
CA ALA C 139 -15.74 39.16 27.29
C ALA C 139 -15.59 38.12 26.18
N TYR C 140 -14.73 38.41 25.19
CA TYR C 140 -14.53 37.52 24.04
C TYR C 140 -13.08 37.05 24.03
N PHE C 141 -12.88 35.74 24.08
CA PHE C 141 -11.53 35.10 24.00
C PHE C 141 -11.39 34.25 22.73
N GLY C 142 -10.23 34.33 22.07
CA GLY C 142 -9.90 33.46 20.94
C GLY C 142 -10.37 33.98 19.60
N LYS C 143 -10.76 33.05 18.72
CA LYS C 143 -11.00 33.25 17.26
C LYS C 143 -12.35 33.95 17.08
N LEU C 144 -12.38 35.06 16.35
CA LEU C 144 -13.63 35.83 16.04
C LEU C 144 -14.04 35.61 14.59
N HIS C 145 -13.05 35.66 13.69
CA HIS C 145 -13.15 35.45 12.24
C HIS C 145 -14.45 36.02 11.67
N ALA C 146 -14.71 37.32 11.87
CA ALA C 146 -16.00 37.90 11.49
C ALA C 146 -15.80 39.24 10.80
N ASP C 147 -14.58 39.72 10.75
CA ASP C 147 -14.26 41.07 10.20
C ASP C 147 -13.37 40.90 8.98
N PHE C 148 -13.67 41.66 7.93
CA PHE C 148 -12.85 41.80 6.69
C PHE C 148 -11.53 42.47 7.04
N PRO C 149 -10.38 41.77 6.86
CA PRO C 149 -9.07 42.35 7.14
C PRO C 149 -8.81 43.68 6.43
N THR C 150 -8.22 44.61 7.18
CA THR C 150 -7.81 45.97 6.76
C THR C 150 -6.38 46.23 7.27
N PRO C 151 -5.64 47.19 6.66
CA PRO C 151 -4.34 47.64 7.19
C PRO C 151 -4.48 48.37 8.53
N ASN C 152 -4.79 47.59 9.56
CA ASN C 152 -5.61 47.90 10.78
C ASN C 152 -4.73 48.04 12.02
N ASP C 153 -3.47 47.61 11.90
CA ASP C 153 -2.68 46.98 12.99
C ASP C 153 -2.39 48.03 14.03
N PRO C 154 -2.87 47.85 15.29
CA PRO C 154 -2.59 48.83 16.35
C PRO C 154 -1.11 49.16 16.55
N GLU C 155 -0.16 48.22 16.40
CA GLU C 155 1.28 48.41 16.75
C GLU C 155 2.23 48.47 15.52
N ASN C 156 1.76 48.36 14.26
CA ASN C 156 2.51 48.74 13.01
C ASN C 156 1.46 49.45 12.16
N PRO C 157 1.17 50.74 12.43
CA PRO C 157 -0.10 51.38 12.09
C PRO C 157 -0.81 51.28 10.72
N GLY C 158 -0.20 51.65 9.60
CA GLY C 158 -0.95 51.61 8.32
C GLY C 158 -0.89 50.25 7.62
N GLN C 159 -0.72 49.15 8.37
CA GLN C 159 -0.18 47.83 7.92
C GLN C 159 -1.16 46.70 8.29
N TYR C 160 -1.27 45.69 7.42
CA TYR C 160 -2.03 44.43 7.69
C TYR C 160 -1.31 43.71 8.82
N VAL C 161 -2.04 42.89 9.57
CA VAL C 161 -1.48 42.29 10.82
C VAL C 161 -0.58 41.10 10.46
N GLU C 162 -0.61 40.64 9.22
CA GLU C 162 0.24 39.51 8.77
C GLU C 162 0.64 39.82 7.34
N THR C 163 1.55 39.01 6.80
CA THR C 163 2.11 39.20 5.45
C THR C 163 1.50 38.17 4.50
N GLN C 164 1.11 36.97 4.98
CA GLN C 164 0.25 35.99 4.27
C GLN C 164 -0.64 36.73 3.25
N ARG C 165 -0.67 36.30 1.99
CA ARG C 165 -1.65 36.79 0.99
C ARG C 165 -2.39 35.60 0.37
N PRO C 166 -3.72 35.54 0.39
CA PRO C 166 -4.55 36.62 0.90
C PRO C 166 -4.38 36.75 2.41
N VAL C 167 -4.75 37.92 2.94
CA VAL C 167 -4.77 38.20 4.42
C VAL C 167 -6.03 37.60 5.05
N TRP C 168 -5.88 36.84 6.12
CA TRP C 168 -7.00 36.15 6.80
C TRP C 168 -7.29 36.76 8.18
N ASP C 169 -6.23 37.13 8.92
CA ASP C 169 -6.32 37.67 10.30
C ASP C 169 -6.85 39.12 10.21
N ALA C 170 -7.44 39.62 11.28
CA ALA C 170 -8.03 40.97 11.36
C ALA C 170 -8.00 41.43 12.81
N TYR C 171 -7.64 42.71 13.04
CA TYR C 171 -7.70 43.34 14.41
C TYR C 171 -9.07 43.98 14.53
N THR C 172 -9.72 43.86 15.67
CA THR C 172 -11.11 44.37 15.85
C THR C 172 -11.05 45.50 16.90
N PRO C 173 -11.14 46.78 16.47
CA PRO C 173 -11.09 47.91 17.42
C PRO C 173 -12.31 48.04 18.34
N LYS C 174 -12.20 48.75 19.51
CA LYS C 174 -13.28 48.92 20.54
C LYS C 174 -14.58 49.34 19.80
N GLU C 175 -14.51 50.32 18.89
CA GLU C 175 -15.64 50.81 18.04
C GLU C 175 -16.48 49.62 17.51
N GLN C 176 -15.89 48.48 17.18
CA GLN C 176 -16.54 47.42 16.36
C GLN C 176 -16.66 46.07 17.11
N ARG C 177 -16.70 46.06 18.44
CA ARG C 177 -16.69 44.84 19.29
C ARG C 177 -18.10 44.52 19.82
N HIS C 178 -19.16 45.19 19.36
CA HIS C 178 -20.57 44.88 19.68
C HIS C 178 -20.73 44.36 21.12
N GLY C 179 -20.36 45.22 22.09
CA GLY C 179 -20.74 45.08 23.52
C GLY C 179 -19.62 44.52 24.38
N PHE C 180 -18.54 43.98 23.80
CA PHE C 180 -17.49 43.28 24.57
C PHE C 180 -16.54 44.34 25.14
N ASN C 181 -16.71 44.60 26.44
CA ASN C 181 -15.83 45.50 27.22
C ASN C 181 -14.56 44.74 27.60
N TYR C 182 -14.44 43.42 27.39
CA TYR C 182 -13.15 42.71 27.63
C TYR C 182 -12.79 41.89 26.37
N TRP C 183 -11.67 42.24 25.73
CA TRP C 183 -11.18 41.68 24.46
C TRP C 183 -9.88 40.94 24.76
N TYR C 184 -9.86 39.66 24.32
CA TYR C 184 -8.59 38.88 24.16
C TYR C 184 -8.76 37.96 22.96
N SER C 185 -8.55 38.47 21.73
CA SER C 185 -9.06 37.85 20.47
C SER C 185 -8.18 38.18 19.25
N TYR C 186 -8.16 37.24 18.30
CA TYR C 186 -7.58 37.37 16.93
C TYR C 186 -8.74 37.13 15.94
N GLY C 187 -8.50 37.39 14.66
CA GLY C 187 -9.43 37.05 13.58
C GLY C 187 -9.38 35.56 13.27
N THR C 188 -8.29 35.09 12.65
CA THR C 188 -7.95 33.65 12.48
C THR C 188 -6.44 33.54 12.27
N PHE C 189 -5.84 32.46 12.70
CA PHE C 189 -4.38 32.22 12.73
C PHE C 189 -4.16 30.87 13.38
N ASP C 190 -3.67 29.99 12.54
CA ASP C 190 -3.72 28.53 12.75
C ASP C 190 -2.29 28.02 13.02
N GLU C 191 -1.42 28.74 13.76
CA GLU C 191 -0.26 28.12 14.48
C GLU C 191 -0.76 27.88 15.90
N HIS C 192 -1.04 26.63 16.28
CA HIS C 192 -1.78 26.34 17.55
C HIS C 192 -0.91 26.57 18.78
N LYS C 193 0.40 26.40 18.66
CA LYS C 193 1.28 26.62 19.82
C LYS C 193 1.96 27.98 19.69
N ASN C 194 1.68 28.75 18.61
CA ASN C 194 2.10 30.16 18.51
C ASN C 194 0.91 31.08 18.25
N PRO C 195 -0.18 31.01 19.03
CA PRO C 195 -1.33 31.86 18.80
C PRO C 195 -0.95 33.26 19.29
N HIS C 196 -1.78 34.22 18.93
CA HIS C 196 -1.62 35.63 19.35
C HIS C 196 -2.99 36.25 19.53
N TYR C 197 -3.05 37.26 20.39
CA TYR C 197 -4.30 37.85 20.95
C TYR C 197 -4.10 39.36 21.06
N TRP C 198 -5.09 40.18 20.72
CA TRP C 198 -5.08 41.64 21.04
C TRP C 198 -5.91 41.83 22.33
N ASP C 199 -5.38 42.53 23.33
CA ASP C 199 -6.12 42.74 24.60
C ASP C 199 -7.07 43.90 24.40
N THR C 200 -7.84 44.20 25.42
CA THR C 200 -8.81 45.33 25.42
C THR C 200 -8.17 46.59 24.84
N ASP C 201 -6.86 46.81 24.98
CA ASP C 201 -6.21 48.11 24.60
C ASP C 201 -5.49 48.00 23.26
N GLY C 202 -5.59 46.89 22.56
CA GLY C 202 -4.94 46.70 21.26
C GLY C 202 -3.50 46.29 21.44
N LYS C 203 -3.09 45.86 22.65
CA LYS C 203 -1.73 45.32 22.86
C LYS C 203 -1.74 43.88 22.37
N ARG C 204 -0.84 43.51 21.47
CA ARG C 204 -0.71 42.11 21.02
C ARG C 204 0.09 41.30 22.05
N HIS C 205 -0.29 40.05 22.25
CA HIS C 205 0.37 39.08 23.16
C HIS C 205 0.67 37.82 22.37
N ASP C 206 1.86 37.23 22.53
CA ASP C 206 2.27 35.94 21.88
C ASP C 206 2.82 34.96 22.91
N PRO C 207 1.94 34.28 23.67
CA PRO C 207 2.40 33.24 24.57
C PRO C 207 2.78 32.16 23.58
N LYS C 208 3.43 31.14 24.08
CA LYS C 208 3.92 30.15 23.12
C LYS C 208 3.41 28.90 23.79
N GLU C 209 2.08 28.83 23.80
CA GLU C 209 1.24 27.88 24.59
C GLU C 209 0.11 27.35 23.69
N TRP C 210 -0.24 26.07 23.78
CA TRP C 210 -1.30 25.48 22.92
C TRP C 210 -2.59 26.29 23.19
N SER C 211 -3.18 26.87 22.12
CA SER C 211 -4.26 27.89 22.15
C SER C 211 -5.30 27.55 23.22
N PRO C 212 -5.92 26.35 23.20
CA PRO C 212 -7.06 26.06 24.08
C PRO C 212 -6.77 26.20 25.58
N LEU C 213 -5.62 25.68 26.01
CA LEU C 213 -5.22 25.68 27.44
C LEU C 213 -4.82 27.09 27.87
N HIS C 214 -4.24 27.88 26.97
CA HIS C 214 -3.94 29.32 27.22
C HIS C 214 -5.25 30.07 27.38
N GLU C 215 -6.13 29.95 26.37
CA GLU C 215 -7.47 30.56 26.35
C GLU C 215 -8.13 30.16 27.68
N SER C 216 -8.04 28.90 28.11
CA SER C 216 -8.80 28.43 29.28
C SER C 216 -8.23 29.04 30.57
N GLY C 217 -6.91 29.07 30.75
CA GLY C 217 -6.29 29.75 31.91
C GLY C 217 -6.72 31.22 31.96
N LYS C 218 -6.80 31.85 30.79
CA LYS C 218 -7.08 33.30 30.64
C LYS C 218 -8.53 33.56 31.07
N VAL C 219 -9.42 32.60 30.82
CA VAL C 219 -10.88 32.63 31.20
C VAL C 219 -11.02 32.48 32.71
N VAL C 220 -10.35 31.48 33.30
CA VAL C 220 -10.30 31.25 34.76
C VAL C 220 -9.88 32.54 35.47
N SER C 221 -8.92 33.28 34.94
CA SER C 221 -8.44 34.56 35.54
C SER C 221 -9.55 35.59 35.48
N TYR C 222 -10.21 35.72 34.33
CA TYR C 222 -11.35 36.65 34.18
C TYR C 222 -12.45 36.27 35.19
N LEU C 223 -12.60 34.97 35.43
CA LEU C 223 -13.64 34.43 36.35
C LEU C 223 -13.21 34.74 37.78
N LYS C 224 -11.93 34.54 38.10
CA LYS C 224 -11.34 34.91 39.42
C LYS C 224 -11.28 36.43 39.56
N ASN C 225 -11.61 37.21 38.52
CA ASN C 225 -11.48 38.69 38.45
C ASN C 225 -10.07 39.15 38.83
N GLU C 226 -9.06 38.34 38.51
CA GLU C 226 -7.63 38.71 38.73
C GLU C 226 -7.35 39.98 37.91
N GLY C 227 -6.58 40.91 38.48
CA GLY C 227 -6.28 42.23 37.89
C GLY C 227 -7.48 43.17 37.93
N ASN C 228 -8.57 42.82 38.61
CA ASN C 228 -9.77 43.70 38.70
C ASN C 228 -10.13 44.21 37.28
N VAL C 229 -10.56 43.26 36.44
CA VAL C 229 -10.81 43.43 34.98
C VAL C 229 -12.30 43.51 34.73
N ARG C 230 -13.08 43.42 35.80
CA ARG C 230 -14.52 43.07 35.68
C ARG C 230 -15.22 43.44 36.99
N ASP C 231 -16.47 43.90 36.89
CA ASP C 231 -17.35 44.27 38.04
C ASP C 231 -18.11 43.02 38.50
N THR C 232 -17.70 42.48 39.66
CA THR C 232 -18.26 41.26 40.28
C THR C 232 -19.77 41.46 40.59
N LYS C 233 -20.32 42.68 40.62
CA LYS C 233 -21.76 42.96 40.93
C LYS C 233 -22.54 42.74 39.63
N LYS C 234 -21.96 43.08 38.44
CA LYS C 234 -22.53 42.82 37.07
C LYS C 234 -22.45 41.29 36.84
N PRO C 235 -23.43 40.59 36.19
CA PRO C 235 -23.21 39.22 35.70
C PRO C 235 -22.35 39.25 34.44
N PHE C 236 -21.85 38.10 33.98
CA PHE C 236 -20.95 38.08 32.80
C PHE C 236 -21.54 37.21 31.69
N PHE C 237 -21.18 37.57 30.46
CA PHE C 237 -21.35 36.80 29.20
C PHE C 237 -19.95 36.63 28.58
N ILE C 238 -19.54 35.39 28.41
CA ILE C 238 -18.17 35.03 27.91
C ILE C 238 -18.30 34.12 26.69
N MET C 239 -17.52 34.38 25.65
CA MET C 239 -17.41 33.56 24.43
C MET C 239 -15.96 33.14 24.24
N VAL C 240 -15.74 31.84 24.04
CA VAL C 240 -14.41 31.20 23.87
C VAL C 240 -14.42 30.51 22.51
N GLY C 241 -13.68 31.08 21.58
CA GLY C 241 -13.55 30.58 20.21
C GLY C 241 -12.24 29.88 20.12
N MET C 242 -12.20 28.65 20.56
CA MET C 242 -10.95 27.87 20.47
C MET C 242 -10.77 27.55 18.98
N ASN C 243 -9.52 27.45 18.55
CA ASN C 243 -9.14 27.15 17.16
C ASN C 243 -9.15 25.63 17.02
N PRO C 244 -8.23 24.87 17.64
CA PRO C 244 -8.29 23.43 17.53
C PRO C 244 -9.68 22.96 17.94
N PRO C 245 -10.20 21.84 17.39
CA PRO C 245 -9.41 20.89 16.60
C PRO C 245 -9.35 21.08 15.07
N HIS C 246 -9.60 22.32 14.64
CA HIS C 246 -9.34 22.82 13.27
C HIS C 246 -7.90 22.55 12.87
N SER C 247 -7.66 22.43 11.57
CA SER C 247 -6.31 22.33 10.92
C SER C 247 -5.43 23.46 11.46
N PRO C 248 -4.10 23.28 11.64
CA PRO C 248 -3.40 22.02 11.34
C PRO C 248 -3.55 20.89 12.37
N TYR C 249 -3.26 19.68 11.91
CA TYR C 249 -3.28 18.43 12.70
C TYR C 249 -2.36 17.42 11.99
N ARG C 250 -1.09 17.78 11.83
CA ARG C 250 -0.12 16.98 11.03
C ARG C 250 0.95 16.47 12.01
N SER C 251 1.21 17.16 13.15
CA SER C 251 2.41 16.96 14.02
C SER C 251 2.17 17.37 15.48
N LEU C 252 3.19 17.20 16.33
CA LEU C 252 3.17 17.61 17.77
C LEU C 252 3.33 19.15 17.90
N ASN C 253 3.40 19.90 16.82
CA ASN C 253 3.29 21.39 16.87
C ASN C 253 1.85 21.82 17.07
N ASP C 254 0.92 20.89 16.83
CA ASP C 254 -0.54 21.14 16.64
C ASP C 254 -1.36 20.45 17.74
N CYS C 255 -0.78 20.03 18.87
CA CYS C 255 -1.51 19.40 20.01
C CYS C 255 -0.52 18.96 21.10
N GLU C 256 -1.03 18.51 22.26
CA GLU C 256 -0.20 18.08 23.41
C GLU C 256 0.11 16.59 23.27
N GLU C 257 1.35 16.21 23.53
CA GLU C 257 1.88 14.81 23.50
C GLU C 257 1.01 13.90 24.39
N GLN C 258 0.75 14.33 25.63
CA GLN C 258 -0.19 13.71 26.61
C GLN C 258 -1.42 13.14 25.89
N ASP C 259 -2.11 13.96 25.10
CA ASP C 259 -3.39 13.64 24.42
C ASP C 259 -3.09 12.72 23.25
N PHE C 260 -2.16 13.13 22.38
CA PHE C 260 -1.72 12.38 21.19
C PHE C 260 -1.39 10.91 21.56
N ASN C 261 -0.75 10.69 22.72
CA ASN C 261 -0.33 9.36 23.22
C ASN C 261 -1.48 8.35 23.17
N LEU C 262 -2.74 8.81 23.18
CA LEU C 262 -3.93 7.91 23.30
C LEU C 262 -4.32 7.34 21.94
N TYR C 263 -3.83 7.96 20.84
CA TYR C 263 -4.22 7.68 19.41
C TYR C 263 -2.99 7.33 18.53
N LYS C 264 -1.78 7.63 19.05
CA LYS C 264 -0.42 7.50 18.46
C LYS C 264 -0.30 6.20 17.67
N ASP C 265 -0.57 5.05 18.29
CA ASP C 265 -0.18 3.72 17.76
C ASP C 265 -1.45 2.99 17.37
N GLN C 266 -2.63 3.58 17.63
CA GLN C 266 -3.93 2.96 17.21
C GLN C 266 -3.93 2.80 15.70
N PRO C 267 -4.42 1.67 15.15
CA PRO C 267 -4.51 1.50 13.70
C PRO C 267 -5.60 2.41 13.13
N LEU C 268 -5.42 2.88 11.89
CA LEU C 268 -6.38 3.81 11.24
C LEU C 268 -7.80 3.22 11.22
N ASP C 269 -7.92 1.90 11.01
CA ASP C 269 -9.24 1.26 10.81
C ASP C 269 -10.03 1.25 12.12
N SER C 270 -9.44 1.66 13.25
CA SER C 270 -10.12 1.65 14.57
C SER C 270 -10.26 3.07 15.12
N LEU C 271 -9.75 4.08 14.41
CA LEU C 271 -9.95 5.52 14.70
C LEU C 271 -11.02 6.14 13.78
N LEU C 272 -10.95 5.81 12.47
CA LEU C 272 -11.91 6.22 11.40
C LEU C 272 -12.91 5.07 11.19
N ILE C 273 -13.95 5.01 12.01
CA ILE C 273 -14.87 3.83 12.04
C ILE C 273 -16.04 4.09 11.10
N ARG C 274 -16.22 5.32 10.64
CA ARG C 274 -17.35 5.67 9.75
C ARG C 274 -17.13 4.97 8.40
N PRO C 275 -18.00 4.02 7.99
CA PRO C 275 -17.77 3.27 6.76
C PRO C 275 -17.75 4.12 5.50
N ASN C 276 -17.94 5.44 5.58
CA ASN C 276 -17.90 6.33 4.40
C ASN C 276 -16.49 6.87 4.14
N VAL C 277 -15.48 6.37 4.86
CA VAL C 277 -14.09 6.93 4.88
C VAL C 277 -13.30 6.21 3.78
N ASP C 278 -12.42 6.92 3.06
CA ASP C 278 -11.31 6.32 2.28
C ASP C 278 -10.06 6.36 3.15
N LEU C 279 -9.75 5.24 3.83
CA LEU C 279 -8.56 5.09 4.70
C LEU C 279 -7.24 5.31 3.96
N ASN C 280 -7.25 5.44 2.62
CA ASN C 280 -6.02 5.51 1.81
C ASN C 280 -5.58 6.96 1.61
N MET C 281 -6.30 7.95 2.17
CA MET C 281 -6.09 9.38 1.79
C MET C 281 -4.85 9.89 2.54
N LYS C 282 -3.97 10.70 1.89
CA LYS C 282 -2.84 11.36 2.61
C LYS C 282 -3.42 11.85 3.94
N LYS C 283 -4.68 12.33 3.95
CA LYS C 283 -5.27 13.06 5.10
C LYS C 283 -5.50 12.14 6.30
N ALA C 284 -5.87 10.88 6.05
CA ALA C 284 -6.34 9.91 7.06
C ALA C 284 -5.42 9.91 8.28
N GLU C 285 -4.11 10.04 8.09
CA GLU C 285 -3.10 10.04 9.19
C GLU C 285 -3.43 11.12 10.21
N SER C 286 -4.14 12.15 9.77
CA SER C 286 -4.43 13.36 10.57
C SER C 286 -5.42 13.04 11.71
N VAL C 287 -6.12 11.89 11.67
CA VAL C 287 -7.18 11.58 12.66
C VAL C 287 -6.56 11.56 14.06
N ARG C 288 -5.31 11.07 14.14
CA ARG C 288 -4.57 10.95 15.41
C ARG C 288 -4.51 12.33 16.05
N TYR C 289 -4.22 13.34 15.24
CA TYR C 289 -3.94 14.72 15.72
C TYR C 289 -5.26 15.45 15.95
N TYR C 290 -6.26 15.20 15.11
CA TYR C 290 -7.64 15.70 15.28
C TYR C 290 -8.14 15.29 16.66
N PHE C 291 -8.12 13.99 16.91
CA PHE C 291 -8.58 13.39 18.19
C PHE C 291 -7.74 13.92 19.38
N ALA C 292 -6.43 14.14 19.18
CA ALA C 292 -5.55 14.68 20.24
C ALA C 292 -6.04 16.09 20.60
N SER C 293 -6.30 16.91 19.59
CA SER C 293 -6.78 18.29 19.77
C SER C 293 -8.12 18.24 20.49
N VAL C 294 -8.96 17.27 20.13
CA VAL C 294 -10.31 17.07 20.74
C VAL C 294 -10.11 16.74 22.21
N THR C 295 -9.22 15.81 22.56
CA THR C 295 -9.04 15.40 23.97
C THR C 295 -8.48 16.57 24.78
N GLY C 296 -7.60 17.37 24.18
CA GLY C 296 -6.98 18.55 24.84
C GLY C 296 -7.98 19.68 25.03
N VAL C 297 -8.82 19.93 24.03
CA VAL C 297 -9.95 20.89 24.11
C VAL C 297 -10.86 20.50 25.29
N ASP C 298 -11.14 19.20 25.47
CA ASP C 298 -11.95 18.67 26.60
C ASP C 298 -11.26 18.98 27.92
N ARG C 299 -9.96 18.78 27.99
CA ARG C 299 -9.17 19.10 29.20
C ARG C 299 -9.31 20.61 29.49
N ALA C 300 -9.32 21.45 28.47
CA ALA C 300 -9.38 22.92 28.61
C ALA C 300 -10.75 23.34 29.11
N PHE C 301 -11.79 22.76 28.50
CA PHE C 301 -13.20 22.97 28.89
C PHE C 301 -13.36 22.56 30.35
N GLY C 302 -12.77 21.41 30.71
CA GLY C 302 -12.60 20.92 32.10
C GLY C 302 -12.07 22.00 33.06
N GLN C 303 -11.01 22.72 32.70
CA GLN C 303 -10.40 23.75 33.59
C GLN C 303 -11.45 24.82 33.85
N ILE C 304 -12.24 25.17 32.84
CA ILE C 304 -13.25 26.23 33.00
C ILE C 304 -14.32 25.70 33.97
N LEU C 305 -14.86 24.51 33.72
CA LEU C 305 -15.88 23.90 34.60
C LEU C 305 -15.41 23.84 36.06
N GLU C 306 -14.16 23.44 36.32
CA GLU C 306 -13.67 23.28 37.73
C GLU C 306 -13.65 24.66 38.37
N ALA C 307 -13.23 25.66 37.62
CA ALA C 307 -13.08 27.05 38.11
C ALA C 307 -14.47 27.58 38.47
N LEU C 308 -15.51 27.14 37.76
CA LEU C 308 -16.90 27.57 38.08
C LEU C 308 -17.33 26.98 39.41
N LYS C 309 -17.03 25.69 39.59
CA LYS C 309 -17.32 24.96 40.85
C LYS C 309 -16.47 25.56 41.98
N GLN C 310 -15.15 25.64 41.81
CA GLN C 310 -14.22 26.19 42.82
C GLN C 310 -14.76 27.56 43.26
N LEU C 311 -15.35 28.39 42.39
CA LEU C 311 -15.85 29.77 42.77
C LEU C 311 -17.35 29.80 43.16
N GLY C 312 -18.08 28.67 43.05
CA GLY C 312 -19.54 28.63 43.27
C GLY C 312 -20.38 29.28 42.16
N LEU C 313 -19.76 29.76 41.07
CA LEU C 313 -20.46 30.29 39.89
C LEU C 313 -21.19 29.18 39.10
N ASP C 314 -20.99 27.90 39.42
CA ASP C 314 -21.61 26.76 38.70
C ASP C 314 -23.14 26.76 38.86
N LYS C 315 -23.65 27.33 39.95
CA LYS C 315 -25.11 27.27 40.27
C LYS C 315 -25.79 28.48 39.62
N ASN C 316 -25.00 29.44 39.16
CA ASN C 316 -25.41 30.82 38.80
C ASN C 316 -25.25 31.01 37.27
N THR C 317 -24.78 29.99 36.58
CA THR C 317 -24.20 30.16 35.23
C THR C 317 -24.67 29.08 34.25
N VAL C 318 -25.23 29.59 33.15
CA VAL C 318 -25.57 28.86 31.90
C VAL C 318 -24.25 28.58 31.17
N VAL C 319 -23.97 27.30 30.94
CA VAL C 319 -22.75 26.87 30.19
C VAL C 319 -23.21 26.15 28.94
N ILE C 320 -22.61 26.49 27.80
CA ILE C 320 -22.94 25.87 26.50
C ILE C 320 -21.65 25.51 25.79
N PHE C 321 -21.60 24.26 25.32
CA PHE C 321 -20.55 23.74 24.44
C PHE C 321 -21.14 23.58 23.04
N ALA C 322 -20.44 24.11 22.03
CA ALA C 322 -20.85 24.09 20.61
C ALA C 322 -19.62 24.09 19.70
N SER C 323 -19.88 24.07 18.39
CA SER C 323 -18.87 24.33 17.34
C SER C 323 -19.50 25.15 16.21
N ASP C 324 -18.67 25.62 15.29
CA ASP C 324 -19.15 26.46 14.15
C ASP C 324 -19.54 25.52 13.03
N HIS C 325 -18.83 24.40 12.91
CA HIS C 325 -19.13 23.36 11.91
C HIS C 325 -18.28 22.13 12.22
N GLY C 326 -18.52 21.05 11.49
CA GLY C 326 -17.86 19.76 11.81
C GLY C 326 -16.66 19.59 10.92
N GLU C 327 -16.33 18.32 10.65
CA GLU C 327 -15.07 17.87 10.04
C GLU C 327 -15.37 16.55 9.34
N THR C 328 -15.10 16.48 8.03
CA THR C 328 -15.23 15.25 7.21
C THR C 328 -14.24 14.21 7.73
N MET C 329 -12.95 14.58 7.79
CA MET C 329 -11.84 13.65 8.17
C MET C 329 -11.92 12.40 7.28
N CYS C 330 -11.85 12.67 5.97
CA CYS C 330 -11.71 11.67 4.89
C CYS C 330 -13.05 10.97 4.65
N SER C 331 -14.10 11.29 5.43
CA SER C 331 -15.47 10.78 5.18
C SER C 331 -15.93 11.37 3.85
N GLN C 332 -16.57 10.57 2.99
CA GLN C 332 -16.96 10.94 1.61
C GLN C 332 -15.74 11.26 0.73
N ARG C 333 -14.54 10.84 1.07
CA ARG C 333 -13.30 11.22 0.32
C ARG C 333 -13.24 12.72 0.03
N THR C 334 -13.89 13.59 0.80
CA THR C 334 -14.14 15.02 0.49
C THR C 334 -12.86 15.81 0.64
N ASP C 335 -11.95 15.44 1.58
CA ASP C 335 -10.65 16.16 1.80
C ASP C 335 -10.85 17.57 2.40
N ASP C 336 -11.96 18.27 2.06
CA ASP C 336 -12.45 19.51 2.68
C ASP C 336 -13.24 19.18 3.94
N PRO C 337 -12.76 19.66 5.11
CA PRO C 337 -13.40 19.37 6.39
C PRO C 337 -14.90 19.70 6.43
N LYS C 338 -15.29 20.73 5.67
CA LYS C 338 -16.63 21.33 5.83
C LYS C 338 -17.11 21.90 4.49
N ASN C 339 -18.09 22.78 4.57
CA ASN C 339 -18.68 23.50 3.41
C ASN C 339 -19.44 22.49 2.54
N SER C 340 -19.93 21.42 3.17
CA SER C 340 -20.67 20.30 2.55
C SER C 340 -21.84 19.93 3.46
N PRO C 341 -22.93 19.35 2.90
CA PRO C 341 -24.11 18.95 3.68
C PRO C 341 -24.09 17.56 4.34
N TYR C 342 -22.94 16.92 4.31
CA TYR C 342 -22.73 15.63 5.01
C TYR C 342 -22.90 15.82 6.52
N SER C 343 -23.47 14.84 7.24
CA SER C 343 -23.72 14.86 8.71
C SER C 343 -22.43 15.22 9.48
N GLU C 344 -21.26 14.82 8.95
CA GLU C 344 -19.93 15.07 9.55
C GLU C 344 -19.62 16.56 9.50
N SER C 345 -20.20 17.30 8.55
CA SER C 345 -19.94 18.75 8.31
C SER C 345 -21.03 19.59 8.97
N MET C 346 -22.29 19.20 8.80
CA MET C 346 -23.40 19.98 9.32
C MET C 346 -23.59 19.75 10.83
N ASN C 347 -23.57 18.52 11.31
CA ASN C 347 -23.99 18.24 12.71
C ASN C 347 -22.94 18.81 13.69
N ILE C 348 -23.33 19.71 14.57
CA ILE C 348 -22.45 20.32 15.60
C ILE C 348 -22.95 19.93 16.97
N PRO C 349 -22.02 19.85 17.94
CA PRO C 349 -22.36 19.60 19.32
C PRO C 349 -23.16 20.82 19.76
N PHE C 350 -24.09 20.58 20.66
CA PHE C 350 -24.84 21.63 21.36
C PHE C 350 -25.31 21.09 22.72
N LEU C 351 -24.61 21.49 23.79
CA LEU C 351 -24.85 21.02 25.17
C LEU C 351 -25.18 22.23 26.03
N VAL C 352 -26.32 22.24 26.70
CA VAL C 352 -26.74 23.43 27.50
C VAL C 352 -26.96 22.97 28.94
N ARG C 353 -26.08 23.41 29.86
CA ARG C 353 -26.23 23.25 31.32
C ARG C 353 -26.72 24.56 31.91
N PHE C 354 -27.80 24.48 32.69
CA PHE C 354 -28.34 25.55 33.55
C PHE C 354 -28.94 24.88 34.77
N PRO C 355 -28.14 24.60 35.83
CA PRO C 355 -28.63 23.77 36.94
C PRO C 355 -29.96 24.29 37.55
N GLY C 356 -30.90 23.35 37.67
CA GLY C 356 -32.22 23.54 38.31
C GLY C 356 -33.10 24.43 37.47
N LYS C 357 -32.78 24.62 36.19
CA LYS C 357 -33.71 25.16 35.18
C LYS C 357 -33.80 24.21 34.00
N ILE C 358 -32.85 23.30 33.82
CA ILE C 358 -32.87 22.39 32.65
C ILE C 358 -32.65 20.96 33.14
N GLN C 359 -33.59 20.06 32.90
CA GLN C 359 -33.42 18.63 33.25
C GLN C 359 -32.47 18.05 32.22
N PRO C 360 -31.38 17.41 32.66
CA PRO C 360 -30.51 16.67 31.75
C PRO C 360 -31.33 15.72 30.90
N ARG C 361 -31.23 15.82 29.59
CA ARG C 361 -31.93 14.91 28.63
C ARG C 361 -31.32 15.10 27.25
N VAL C 362 -31.77 14.28 26.32
CA VAL C 362 -31.29 14.26 24.92
C VAL C 362 -32.47 14.63 24.03
N ASP C 363 -32.23 15.36 22.96
CA ASP C 363 -33.30 16.06 22.20
C ASP C 363 -32.83 16.24 20.77
N ASP C 364 -33.68 15.84 19.86
CA ASP C 364 -33.32 15.73 18.43
C ASP C 364 -33.90 16.98 17.76
N LEU C 365 -34.21 18.00 18.55
CA LEU C 365 -34.45 19.37 18.03
C LEU C 365 -33.48 19.71 16.91
N LEU C 366 -34.02 20.12 15.76
CA LEU C 366 -33.26 20.64 14.59
C LEU C 366 -33.02 22.14 14.72
N LEU C 367 -32.10 22.50 15.62
CA LEU C 367 -31.68 23.89 15.90
C LEU C 367 -30.81 24.36 14.74
N SER C 368 -31.09 25.53 14.22
CA SER C 368 -30.26 26.16 13.17
C SER C 368 -29.41 27.25 13.81
N ALA C 369 -28.29 27.59 13.22
CA ALA C 369 -27.30 28.50 13.83
C ALA C 369 -27.93 29.84 14.24
N PRO C 370 -28.73 30.49 13.37
CA PRO C 370 -29.37 31.76 13.72
C PRO C 370 -30.34 31.65 14.90
N ASP C 371 -30.68 30.43 15.32
CA ASP C 371 -31.52 30.16 16.52
C ASP C 371 -30.71 30.28 17.79
N ILE C 372 -29.40 30.09 17.70
CA ILE C 372 -28.53 30.11 18.91
C ILE C 372 -28.67 31.47 19.62
N MET C 373 -28.39 32.60 18.98
CA MET C 373 -28.45 33.91 19.68
C MET C 373 -29.79 34.09 20.39
N PRO C 374 -30.96 33.99 19.72
CA PRO C 374 -32.24 34.27 20.38
C PRO C 374 -32.53 33.28 21.52
N THR C 375 -32.12 32.02 21.37
CA THR C 375 -32.30 30.94 22.36
C THR C 375 -31.44 31.19 23.61
N VAL C 376 -30.22 31.69 23.42
CA VAL C 376 -29.32 32.00 24.56
C VAL C 376 -29.91 33.17 25.33
N LEU C 377 -30.41 34.16 24.60
CA LEU C 377 -31.09 35.33 25.24
C LEU C 377 -32.33 34.84 25.98
N GLY C 378 -33.09 33.92 25.39
CA GLY C 378 -34.26 33.32 26.03
C GLY C 378 -33.85 32.74 27.35
N LEU C 379 -32.76 31.96 27.34
CA LEU C 379 -32.30 31.24 28.55
C LEU C 379 -31.89 32.22 29.66
N CYS C 380 -31.34 33.38 29.32
CA CYS C 380 -30.88 34.36 30.33
C CYS C 380 -32.04 35.32 30.70
N GLY C 381 -33.27 34.91 30.37
CA GLY C 381 -34.51 35.70 30.60
C GLY C 381 -34.42 37.07 29.94
N LEU C 382 -33.81 37.15 28.77
CA LEU C 382 -33.75 38.37 27.93
C LEU C 382 -34.54 38.07 26.67
N GLY C 383 -35.45 37.09 26.71
CA GLY C 383 -36.34 36.74 25.59
C GLY C 383 -37.03 37.98 25.02
N ASP C 384 -37.38 38.98 25.82
CA ASP C 384 -38.17 40.10 25.27
C ASP C 384 -37.25 41.20 24.72
N SER C 385 -35.95 41.00 24.76
CA SER C 385 -34.91 41.97 24.30
C SER C 385 -34.25 41.50 23.00
N ILE C 386 -34.75 40.38 22.47
CA ILE C 386 -34.30 39.85 21.17
C ILE C 386 -34.63 40.91 20.13
N PRO C 387 -33.63 41.48 19.43
CA PRO C 387 -33.92 42.41 18.32
C PRO C 387 -34.94 41.86 17.28
N SER C 388 -35.67 42.76 16.65
CA SER C 388 -36.67 42.51 15.59
C SER C 388 -36.01 41.91 14.37
N GLU C 389 -34.76 42.29 14.08
CA GLU C 389 -34.01 41.92 12.84
C GLU C 389 -33.69 40.43 12.85
N VAL C 390 -33.79 39.80 14.03
CA VAL C 390 -33.36 38.38 14.22
C VAL C 390 -34.30 37.49 13.44
N GLN C 391 -33.78 36.53 12.71
CA GLN C 391 -34.56 35.62 11.85
C GLN C 391 -34.71 34.27 12.55
N GLY C 392 -33.80 33.92 13.45
CA GLY C 392 -33.80 32.64 14.16
C GLY C 392 -34.91 32.63 15.21
N ARG C 393 -35.21 31.47 15.81
CA ARG C 393 -36.28 31.46 16.85
C ARG C 393 -35.72 31.06 18.23
N ASN C 394 -36.38 31.54 19.28
CA ASN C 394 -36.03 31.37 20.71
C ASN C 394 -36.65 30.08 21.24
N PHE C 395 -35.86 29.02 21.35
CA PHE C 395 -36.26 27.69 21.87
C PHE C 395 -35.97 27.57 23.39
N ALA C 396 -35.59 28.65 24.06
CA ALA C 396 -35.42 28.61 25.54
C ALA C 396 -36.62 27.92 26.19
N PRO C 397 -37.89 28.24 25.83
CA PRO C 397 -39.03 27.61 26.49
C PRO C 397 -38.96 26.09 26.38
N LEU C 398 -38.44 25.58 25.26
CA LEU C 398 -38.33 24.11 25.00
C LEU C 398 -37.19 23.50 25.82
N PHE C 399 -36.08 24.21 26.01
CA PHE C 399 -34.99 23.84 26.93
C PHE C 399 -35.46 23.81 28.39
N PHE C 400 -36.17 24.84 28.84
CA PHE C 400 -36.73 24.90 30.21
C PHE C 400 -37.78 23.80 30.40
N ASP C 401 -38.66 23.51 29.44
CA ASP C 401 -39.86 22.65 29.67
C ASP C 401 -40.01 21.58 28.57
N GLU C 402 -39.69 20.31 28.89
CA GLU C 402 -39.89 19.13 28.00
C GLU C 402 -41.25 19.27 27.36
N LYS C 403 -42.29 19.47 28.17
CA LYS C 403 -43.71 19.38 27.72
C LYS C 403 -44.21 20.78 27.35
N ALA C 404 -43.46 21.62 26.62
CA ALA C 404 -43.90 22.98 26.23
C ALA C 404 -44.61 22.89 24.86
N GLU C 405 -45.78 23.52 24.68
CA GLU C 405 -46.47 23.70 23.35
C GLU C 405 -45.69 24.82 22.63
N ILE C 406 -44.55 24.46 22.02
CA ILE C 406 -43.74 25.25 21.04
C ILE C 406 -43.53 24.36 19.80
N VAL C 407 -43.61 24.86 18.57
CA VAL C 407 -43.66 23.98 17.35
C VAL C 407 -42.24 23.63 16.96
N ARG C 408 -41.92 22.34 16.86
CA ARG C 408 -40.57 21.88 16.50
C ARG C 408 -40.32 22.08 15.01
N PRO C 409 -39.11 22.55 14.60
CA PRO C 409 -38.83 22.69 13.18
C PRO C 409 -38.79 21.31 12.54
N ALA C 410 -39.40 21.20 11.38
CA ALA C 410 -39.40 19.95 10.59
C ALA C 410 -38.06 19.82 9.82
N GLY C 411 -37.43 20.94 9.42
CA GLY C 411 -36.09 20.95 8.80
C GLY C 411 -35.24 22.15 9.15
N ALA C 412 -34.06 22.18 8.56
CA ALA C 412 -33.04 23.25 8.71
C ALA C 412 -32.26 23.31 7.40
N LEU C 413 -32.00 24.52 6.92
CA LEU C 413 -31.50 24.80 5.56
C LEU C 413 -30.05 24.33 5.51
N TYR C 414 -29.62 23.77 4.37
CA TYR C 414 -28.18 23.71 3.98
C TYR C 414 -27.93 24.88 3.04
N ILE C 415 -26.81 25.51 3.20
CA ILE C 415 -26.41 26.72 2.43
C ILE C 415 -24.94 26.60 2.07
N GLN C 416 -24.66 26.68 0.77
CA GLN C 416 -23.29 26.93 0.27
C GLN C 416 -23.28 28.23 -0.52
N ASN C 417 -22.35 29.10 -0.16
CA ASN C 417 -22.12 30.43 -0.81
C ASN C 417 -20.66 30.42 -1.29
N LEU C 418 -20.44 30.68 -2.58
CA LEU C 418 -19.10 30.76 -3.23
C LEU C 418 -18.83 32.19 -3.67
N ASP C 419 -17.56 32.48 -4.00
CA ASP C 419 -17.17 33.78 -4.57
C ASP C 419 -18.04 34.07 -5.79
N GLY C 420 -18.61 35.26 -5.90
CA GLY C 420 -19.31 35.69 -7.13
C GLY C 420 -18.32 36.28 -8.11
N GLU C 421 -18.68 37.45 -8.66
CA GLU C 421 -17.85 38.16 -9.67
C GLU C 421 -16.83 38.98 -8.87
N LYS C 422 -15.74 39.39 -9.51
CA LYS C 422 -14.76 40.31 -8.89
C LYS C 422 -14.79 41.67 -9.61
N ASP C 423 -14.14 42.70 -9.07
CA ASP C 423 -14.18 44.10 -9.55
C ASP C 423 -12.88 44.41 -10.28
N LYS C 424 -12.68 45.67 -10.70
CA LYS C 424 -11.43 46.13 -11.36
C LYS C 424 -10.24 45.67 -10.53
N ASP C 425 -10.33 45.58 -9.19
CA ASP C 425 -9.12 45.37 -8.33
C ASP C 425 -9.00 43.92 -7.87
N GLY C 426 -9.74 43.01 -8.52
CA GLY C 426 -9.73 41.56 -8.26
C GLY C 426 -10.24 41.17 -6.87
N LEU C 427 -11.20 41.91 -6.32
CA LEU C 427 -11.89 41.65 -5.03
C LEU C 427 -13.31 41.12 -5.29
N VAL C 428 -13.77 40.20 -4.45
CA VAL C 428 -15.13 39.60 -4.56
C VAL C 428 -16.14 40.65 -4.12
N GLN C 429 -17.07 41.00 -5.01
CA GLN C 429 -18.09 42.01 -4.65
C GLN C 429 -19.48 41.40 -4.66
N SER C 430 -19.58 40.10 -4.82
CA SER C 430 -20.89 39.40 -4.72
C SER C 430 -20.67 37.92 -4.45
N TYR C 431 -21.74 37.18 -4.14
CA TYR C 431 -21.68 35.72 -3.89
C TYR C 431 -22.60 34.95 -4.84
N PHE C 432 -22.12 33.76 -5.20
CA PHE C 432 -22.91 32.75 -5.95
C PHE C 432 -23.48 31.73 -4.98
N PRO C 433 -24.81 31.69 -4.84
CA PRO C 433 -25.46 30.71 -4.00
C PRO C 433 -25.47 29.32 -4.66
N SER C 434 -24.35 28.60 -4.55
CA SER C 434 -24.07 27.37 -5.34
C SER C 434 -24.99 26.22 -4.94
N SER C 435 -25.40 26.16 -3.67
CA SER C 435 -26.29 25.08 -3.17
C SER C 435 -27.24 25.62 -2.09
N ARG C 436 -28.46 25.15 -2.16
CA ARG C 436 -29.42 25.22 -1.05
C ARG C 436 -29.93 23.80 -0.91
N GLY C 437 -30.26 23.38 0.32
CA GLY C 437 -30.77 22.04 0.65
C GLY C 437 -31.53 22.05 1.95
N ILE C 438 -31.84 20.87 2.49
CA ILE C 438 -32.59 20.72 3.77
C ILE C 438 -32.16 19.43 4.47
N LYS C 439 -31.99 19.50 5.79
CA LYS C 439 -31.85 18.33 6.69
C LYS C 439 -33.15 18.27 7.50
N THR C 440 -33.86 17.14 7.44
CA THR C 440 -34.98 16.80 8.35
C THR C 440 -34.51 15.66 9.26
N ALA C 441 -35.44 15.12 10.08
CA ALA C 441 -35.27 13.94 10.96
C ALA C 441 -34.59 12.82 10.16
N ARG C 442 -35.12 12.59 8.96
CA ARG C 442 -34.82 11.43 8.11
C ARG C 442 -33.99 11.80 6.87
N TYR C 443 -34.02 13.02 6.34
CA TYR C 443 -33.41 13.29 5.00
C TYR C 443 -32.41 14.43 5.10
N THR C 444 -31.35 14.29 4.29
CA THR C 444 -30.43 15.36 3.85
C THR C 444 -30.64 15.50 2.33
N LEU C 445 -31.19 16.61 1.85
CA LEU C 445 -31.22 16.91 0.40
C LEU C 445 -30.38 18.16 0.14
N ALA C 446 -29.54 18.15 -0.90
CA ALA C 446 -28.77 19.34 -1.36
C ALA C 446 -28.81 19.41 -2.88
N LEU C 447 -29.27 20.55 -3.39
CA LEU C 447 -29.33 20.87 -4.83
C LEU C 447 -28.16 21.81 -5.21
N TYR C 448 -27.36 21.40 -6.20
CA TYR C 448 -26.21 22.16 -6.73
C TYR C 448 -26.62 22.70 -8.11
N ILE C 449 -26.54 24.02 -8.30
CA ILE C 449 -26.90 24.71 -9.57
C ILE C 449 -25.63 25.28 -10.24
N ASP C 450 -25.74 25.59 -11.54
CA ASP C 450 -24.63 26.03 -12.44
C ASP C 450 -24.59 27.59 -12.45
N ARG C 451 -23.37 28.16 -12.42
CA ARG C 451 -23.21 29.64 -12.33
C ARG C 451 -23.80 30.38 -13.56
N LYS C 452 -23.60 29.91 -14.81
CA LYS C 452 -24.08 30.59 -16.05
C LYS C 452 -25.56 30.26 -16.15
N THR C 453 -25.96 29.00 -16.27
CA THR C 453 -27.40 28.58 -16.40
C THR C 453 -27.98 28.14 -15.03
N LYS C 454 -28.79 28.94 -14.32
CA LYS C 454 -28.97 28.76 -12.84
C LYS C 454 -29.79 27.48 -12.60
N GLN C 455 -29.30 26.37 -13.15
CA GLN C 455 -30.06 25.11 -13.38
C GLN C 455 -29.39 23.92 -12.71
N LEU C 456 -30.16 22.87 -12.42
CA LEU C 456 -29.69 21.75 -11.56
C LEU C 456 -28.54 21.03 -12.26
N LYS C 457 -27.42 20.81 -11.56
CA LYS C 457 -26.22 20.21 -12.17
C LYS C 457 -25.90 18.88 -11.45
N LYS C 458 -25.89 18.84 -10.11
CA LYS C 458 -25.68 17.64 -9.25
C LYS C 458 -26.77 17.74 -8.19
N SER C 459 -27.05 16.65 -7.49
CA SER C 459 -28.09 16.54 -6.46
C SER C 459 -27.72 15.41 -5.49
N LEU C 460 -27.59 15.72 -4.18
CA LEU C 460 -27.44 14.68 -3.13
C LEU C 460 -28.74 14.50 -2.36
N LEU C 461 -29.10 13.25 -2.10
CA LEU C 461 -30.31 12.87 -1.33
C LEU C 461 -29.96 11.60 -0.54
N PHE C 462 -30.15 11.63 0.78
CA PHE C 462 -29.83 10.50 1.67
C PHE C 462 -30.98 10.25 2.64
N ASP C 463 -31.31 8.98 2.81
CA ASP C 463 -32.12 8.50 3.93
C ASP C 463 -31.15 8.29 5.08
N ASP C 464 -31.07 9.29 5.95
CA ASP C 464 -30.10 9.36 7.07
C ASP C 464 -30.51 8.31 8.11
N VAL C 465 -31.75 7.86 8.14
CA VAL C 465 -32.16 6.78 9.09
C VAL C 465 -31.63 5.43 8.59
N ASN C 466 -31.93 5.03 7.36
CA ASN C 466 -31.49 3.71 6.79
C ASN C 466 -30.09 3.82 6.18
N ASP C 467 -29.55 5.01 5.92
CA ASP C 467 -28.22 5.16 5.30
C ASP C 467 -27.44 6.24 6.06
N PRO C 468 -27.16 6.03 7.36
CA PRO C 468 -26.70 7.11 8.25
C PRO C 468 -25.33 7.66 7.85
N TYR C 469 -24.52 6.85 7.16
CA TYR C 469 -23.20 7.30 6.67
C TYR C 469 -23.30 7.83 5.23
N GLN C 470 -24.51 8.11 4.78
CA GLN C 470 -24.78 8.76 3.47
C GLN C 470 -23.91 8.13 2.37
N LEU C 471 -23.96 6.80 2.26
CA LEU C 471 -23.22 6.02 1.22
C LEU C 471 -24.04 5.95 -0.06
N ASN C 472 -25.35 6.11 0.04
CA ASN C 472 -26.26 5.73 -1.05
C ASN C 472 -26.98 6.99 -1.53
N ASN C 473 -26.47 7.64 -2.57
CA ASN C 473 -27.08 8.85 -3.18
C ASN C 473 -28.30 8.41 -3.98
N LEU C 474 -29.48 8.79 -3.47
CA LEU C 474 -30.82 8.39 -3.96
C LEU C 474 -31.23 9.30 -5.10
N PRO C 475 -31.57 8.70 -6.26
CA PRO C 475 -32.05 9.49 -7.40
C PRO C 475 -33.40 10.09 -7.05
N LEU C 476 -33.61 11.30 -7.53
CA LEU C 476 -34.78 12.13 -7.15
C LEU C 476 -36.03 11.52 -7.76
N ASP C 477 -35.96 11.20 -9.06
CA ASP C 477 -37.03 10.54 -9.87
C ASP C 477 -37.56 9.27 -9.15
N GLU C 478 -36.71 8.50 -8.47
CA GLU C 478 -37.10 7.23 -7.77
C GLU C 478 -37.62 7.52 -6.34
N ASN C 479 -37.88 8.78 -5.99
CA ASN C 479 -38.33 9.17 -4.62
C ASN C 479 -39.22 10.43 -4.78
N LYS C 480 -40.20 10.35 -5.69
CA LYS C 480 -40.97 11.55 -6.11
C LYS C 480 -41.73 12.04 -4.85
N GLU C 481 -42.26 11.16 -4.01
CA GLU C 481 -43.11 11.61 -2.86
C GLU C 481 -42.22 12.33 -1.83
N VAL C 482 -41.10 11.73 -1.46
CA VAL C 482 -40.14 12.32 -0.47
C VAL C 482 -39.60 13.67 -0.98
N VAL C 483 -38.98 13.71 -2.17
CA VAL C 483 -38.39 14.96 -2.74
C VAL C 483 -39.47 16.07 -2.81
N GLU C 484 -40.69 15.78 -3.29
CA GLU C 484 -41.74 16.81 -3.48
C GLU C 484 -41.95 17.50 -2.13
N GLN C 485 -41.96 16.73 -1.03
CA GLN C 485 -42.15 17.25 0.35
C GLN C 485 -40.98 18.17 0.69
N LEU C 486 -39.75 17.70 0.44
CA LEU C 486 -38.51 18.43 0.79
C LEU C 486 -38.47 19.73 0.01
N TYR C 487 -38.87 19.71 -1.27
CA TYR C 487 -38.96 20.93 -2.11
C TYR C 487 -39.92 21.93 -1.44
N ARG C 488 -41.10 21.49 -0.96
CA ARG C 488 -42.10 22.38 -0.31
C ARG C 488 -41.45 22.98 0.96
N GLU C 489 -40.75 22.19 1.77
CA GLU C 489 -40.24 22.73 3.06
C GLU C 489 -39.09 23.71 2.74
N MET C 490 -38.29 23.44 1.70
CA MET C 490 -37.18 24.33 1.25
C MET C 490 -37.75 25.69 0.83
N GLY C 491 -38.77 25.67 -0.02
CA GLY C 491 -39.48 26.86 -0.48
C GLY C 491 -39.93 27.72 0.66
N THR C 492 -40.65 27.15 1.62
CA THR C 492 -41.14 27.92 2.79
C THR C 492 -39.94 28.63 3.44
N MET C 493 -38.89 27.87 3.74
CA MET C 493 -37.74 28.32 4.58
C MET C 493 -36.97 29.38 3.80
N LEU C 494 -36.75 29.17 2.50
CA LEU C 494 -35.98 30.12 1.68
C LEU C 494 -36.73 31.45 1.58
N LYS C 495 -38.06 31.42 1.43
CA LYS C 495 -38.95 32.63 1.39
C LYS C 495 -38.91 33.37 2.74
N GLU C 496 -38.98 32.60 3.84
CA GLU C 496 -39.01 33.09 5.26
C GLU C 496 -37.72 33.88 5.54
N ILE C 497 -36.55 33.38 5.17
CA ILE C 497 -35.26 34.06 5.47
C ILE C 497 -34.94 35.08 4.36
N ASP C 498 -35.75 35.13 3.28
CA ASP C 498 -35.61 36.09 2.14
C ASP C 498 -34.28 35.83 1.46
N ASP C 499 -34.03 34.55 1.18
CA ASP C 499 -32.77 34.01 0.60
C ASP C 499 -32.71 34.34 -0.88
N PRO C 500 -31.50 34.56 -1.43
CA PRO C 500 -31.32 34.71 -2.88
C PRO C 500 -32.13 33.73 -3.75
N TRP C 501 -32.21 32.44 -3.40
CA TRP C 501 -32.94 31.46 -4.23
C TRP C 501 -34.38 31.94 -4.35
N TYR C 502 -34.93 32.46 -3.27
CA TYR C 502 -36.32 32.99 -3.26
C TYR C 502 -36.35 34.26 -4.12
N THR C 503 -35.56 35.27 -3.78
CA THR C 503 -35.59 36.58 -4.45
C THR C 503 -35.22 36.39 -5.93
N GLU C 504 -34.39 35.41 -6.31
CA GLU C 504 -34.03 35.20 -7.74
C GLU C 504 -34.93 34.09 -8.37
N LYS C 505 -36.06 33.74 -7.74
CA LYS C 505 -36.99 32.62 -8.09
C LYS C 505 -36.19 31.49 -8.79
N ILE C 506 -35.04 31.09 -8.23
CA ILE C 506 -34.16 29.94 -8.62
C ILE C 506 -34.83 28.57 -8.38
N LEU C 507 -34.77 27.72 -9.40
CA LEU C 507 -35.48 26.42 -9.51
C LEU C 507 -36.96 26.57 -9.14
N SER C 508 -37.52 27.76 -9.51
CA SER C 508 -38.93 28.21 -9.57
C SER C 508 -39.82 27.05 -9.93
N ASP C 509 -39.28 26.19 -10.79
CA ASP C 509 -40.05 25.14 -11.49
C ASP C 509 -40.14 23.90 -10.58
N ARG C 510 -39.18 23.60 -9.70
CA ARG C 510 -39.27 22.48 -8.72
C ARG C 510 -39.78 22.94 -7.34
N ILE C 511 -39.43 24.17 -6.93
CA ILE C 511 -39.64 24.65 -5.52
C ILE C 511 -40.83 25.62 -5.49
N PRO C 512 -41.92 25.31 -4.78
CA PRO C 512 -43.09 26.19 -4.76
C PRO C 512 -42.84 27.35 -3.79
N TYR C 513 -43.08 28.58 -4.21
CA TYR C 513 -42.66 29.77 -3.46
C TYR C 513 -43.94 30.56 -3.18
#